data_5SXE
#
_entry.id   5SXE
#
_cell.length_a   113.827
_cell.length_b   116.261
_cell.length_c   148.977
_cell.angle_alpha   90.000
_cell.angle_beta   90.000
_cell.angle_gamma   90.000
#
_symmetry.space_group_name_H-M   'P 21 21 21'
#
loop_
_entity.id
_entity.type
_entity.pdbx_description
1 polymer 'Phosphatidylinositol 4,5-bisphosphate 3-kinase catalytic subunit alpha isoform'
2 polymer 'Phosphatidylinositol 3-kinase regulatory subunit alpha'
3 non-polymer 3-aminobenzonitrile
4 non-polymer 4-bromo-1H-imidazole
#
loop_
_entity_poly.entity_id
_entity_poly.type
_entity_poly.pdbx_seq_one_letter_code
_entity_poly.pdbx_strand_id
1 'polypeptide(L)'
;MSYYHHHHHHDYDIPTTENLYFQGAMGSMPPRPS(SEP)GELWGIHLMPPRILVECLLPNGMIVTLECLREATLITIKHE
LFKEARKYPLHQLLQDESSYIFVSVTQEAEREEFFDETRRLCDLRLFQPFLKVIEPVGNREEKILNREIGFAIGMPVCEF
DMVKDPEVQDFRRNILNVCKEAVDLRDLNSPHSRAMYVYPPNVESSPELPKHIYNKLDKGQIIVVIWVIVSPNNDKQKYT
LKINHDCVPEQVIAEAIRKKTRSMLLSSEQLKLCVLEYQGKYILKVCGCDEYFLEKYPLSQYKYIRSCIMLGRMPNLMLM
AKESLYSQLPMDCFTMPSYSRRISTATPYMNGETSTKSLWVINSALRIKILCATYVNVNIRDIDKIYVRTGIYHGGEPLC
DNVNTQRVPCSNPRWNEWLNYDIYIPDLPRAARLCLSICSVKGRKGAKEEHCPLAWGNINLFDYTDTLVSGKMALNLWPV
PHGLEDLLNPIGVTGSNPNKETPCLELEFDWFSSVVKFPDMSVIEEHANWSVSREAGFSYSHAGLSNRLARDNELRENDK
EQLKAISTRDPLSEITEQEKDFLWSHRHYCVTIPEILPKLLLSVKWNSRDEVAQMYCLVKDWPPIKPEQAMELLDCNYPD
PMVRGFAVRCLEKYLTDDKLSQYLIQLVQVLKYEQYLDNLLVRFLLKKALTNQRIGHFFFWHLKSEMHNKTVSQRFGLLL
ESYCRACGMYLKHLNRQVEAMEKLINLTDILKQEKKDETQKVQMKFLVEQMRRPDFMDALQGFLSPLNPAHQLGNLRLEE
CRIMSSAKRPLWLNWENPDIM(SEP)ELLFQNNEIIFKNGDDLRQDMLTLQIIRIMENIWQNQGLDLRMLPYGCLSIGDC
VGLIEVVRNSHTIMQIQCKGGLKGALQFNSHTLHQWLKDKNKGEIYDAAIDLFTRSCAGYCVATFILGIGDRHNSNIMVK
DDGQLFHIDFGHFLDHKKKKFGYKRERVPFVLTQDFLIVISKGAQECTKTREFERFQEMCYKAYLAIRQHANLFINLFSM
MLGSGMPELQSFDDIAYIRKTLALDKTEQEALEYFMKQMNDAHHGGWTTKMDWIFHTIKQHALN
;
A
2 'polypeptide(L)'
;MNNNMSLQDAEWYWGDISREEVNEKLRDTADGTFLVRDASTKMHGDYTLTLRKGGNNKLIKIFHRDGKYGFSDPLTFSSV
VELINHYRNESLAQYNPKLDVKLLYPVSKYQQDQVVKEDNIEAVGKKLHEYNTQFQEKSREYDRLYEEYTRTSQEIQMKR
TAIEAFNETIKIFEEQCQTQERYSKEYIEKFKREGNEKEIQRIMHNYDKLKSRISEIIDSRRRLEEDLKKQAAEYREIDK
RMNSIKPDLIQLRKTRDQYLMWLTQKGVRQKKLNEWLGN
;
B
#
# COMPACT_ATOMS: atom_id res chain seq x y z
N SER A 2 51.11 12.36 -10.79
CA SER A 2 51.35 10.93 -11.16
C SER A 2 50.14 10.05 -10.90
N TYR A 3 49.39 10.38 -9.84
CA TYR A 3 48.19 9.63 -9.48
C TYR A 3 47.13 9.85 -10.55
N TYR A 4 46.77 11.12 -10.78
CA TYR A 4 45.62 11.45 -11.66
C TYR A 4 46.01 11.88 -13.08
N HIS A 5 47.23 11.54 -13.51
CA HIS A 5 47.79 12.06 -14.76
C HIS A 5 47.64 13.59 -14.88
N HIS A 6 47.70 14.28 -13.74
CA HIS A 6 47.55 15.74 -13.67
C HIS A 6 46.33 16.26 -14.40
N HIS A 7 45.24 15.49 -14.39
CA HIS A 7 43.99 15.93 -15.02
C HIS A 7 43.15 16.69 -13.99
N HIS A 8 42.91 17.97 -14.25
CA HIS A 8 42.04 18.79 -13.41
C HIS A 8 40.57 18.48 -13.72
N HIS A 9 39.73 18.69 -12.71
CA HIS A 9 38.29 18.86 -12.89
C HIS A 9 37.97 20.29 -12.48
N HIS A 10 37.87 21.16 -13.48
CA HIS A 10 37.64 22.58 -13.25
C HIS A 10 36.27 22.80 -12.61
N ASP A 11 35.24 22.18 -13.21
CA ASP A 11 33.83 22.29 -12.74
C ASP A 11 33.65 22.00 -11.24
N TYR A 12 34.30 20.94 -10.75
CA TYR A 12 34.22 20.50 -9.35
C TYR A 12 34.49 21.61 -8.31
N ASP A 13 33.46 21.95 -7.52
CA ASP A 13 33.56 22.96 -6.46
C ASP A 13 33.19 22.28 -5.14
N ILE A 14 33.93 22.57 -4.07
CA ILE A 14 33.57 22.10 -2.71
C ILE A 14 32.74 23.06 -1.79
N PRO A 15 32.81 24.41 -1.97
CA PRO A 15 32.07 25.34 -1.07
C PRO A 15 30.60 25.03 -0.78
N GLN A 23 23.22 16.51 -0.76
CA GLN A 23 22.49 15.46 -0.04
C GLN A 23 23.14 14.07 -0.23
N GLY A 24 24.40 14.06 -0.65
CA GLY A 24 25.26 12.89 -0.58
C GLY A 24 25.98 12.82 0.76
N ALA A 25 26.59 13.94 1.19
CA ALA A 25 27.30 14.06 2.49
C ALA A 25 26.30 14.11 3.66
N MET A 26 26.38 13.12 4.56
CA MET A 26 25.32 12.76 5.54
C MET A 26 24.03 12.37 4.80
N GLY A 27 24.21 11.57 3.74
CA GLY A 27 23.14 11.18 2.83
C GLY A 27 22.21 10.14 3.42
N SER A 28 21.29 10.63 4.25
CA SER A 28 20.15 9.87 4.76
C SER A 28 19.01 10.86 4.97
N MET A 29 17.77 10.36 5.02
CA MET A 29 16.54 11.15 5.29
C MET A 29 15.95 11.99 4.12
N PRO A 30 15.42 11.33 3.05
CA PRO A 30 15.02 12.04 1.81
C PRO A 30 13.51 12.27 1.44
N PRO A 31 12.55 12.24 2.40
CA PRO A 31 11.15 12.44 1.97
C PRO A 31 10.70 13.93 1.91
N ARG A 32 10.05 14.45 2.96
CA ARG A 32 9.78 15.89 3.16
C ARG A 32 8.75 16.51 2.20
N PRO A 33 8.24 17.73 2.50
CA PRO A 33 8.23 18.37 3.84
C PRO A 33 6.79 18.77 4.20
N SER A 34 6.44 18.69 5.48
CA SER A 34 5.05 18.84 5.92
C SER A 34 4.95 19.88 7.04
N GLY A 36 3.50 22.26 10.10
CA GLY A 36 3.17 21.72 11.40
C GLY A 36 2.04 22.40 12.12
N GLU A 37 2.37 22.99 13.26
CA GLU A 37 1.36 23.51 14.19
C GLU A 37 0.86 24.89 13.80
N LEU A 38 1.63 25.56 12.94
CA LEU A 38 1.26 26.83 12.34
C LEU A 38 1.88 26.89 10.93
N TRP A 39 1.49 27.89 10.15
CA TRP A 39 2.05 28.04 8.81
C TRP A 39 3.52 28.45 8.87
N GLY A 40 4.33 27.80 8.05
CA GLY A 40 5.72 28.21 7.88
C GLY A 40 6.65 27.79 9.02
N ILE A 41 6.12 27.16 10.07
CA ILE A 41 6.88 26.86 11.30
C ILE A 41 6.37 25.55 11.94
N HIS A 42 7.27 24.64 12.31
CA HIS A 42 6.87 23.29 12.78
C HIS A 42 6.11 23.18 14.12
N LEU A 43 6.36 24.13 15.01
CA LEU A 43 6.06 23.96 16.42
C LEU A 43 5.98 25.36 17.00
N MET A 44 4.80 25.79 17.38
CA MET A 44 4.65 27.20 17.72
C MET A 44 5.49 27.54 18.96
N PRO A 45 6.04 28.77 19.00
CA PRO A 45 6.70 29.30 20.17
C PRO A 45 5.91 29.13 21.45
N PRO A 46 6.60 28.89 22.59
CA PRO A 46 5.96 28.59 23.89
C PRO A 46 5.05 29.69 24.47
N ARG A 47 5.26 30.93 24.03
CA ARG A 47 4.40 32.07 24.31
C ARG A 47 4.15 32.73 22.96
N ILE A 48 2.93 33.19 22.71
CA ILE A 48 2.57 33.75 21.40
C ILE A 48 1.38 34.71 21.46
N LEU A 49 1.42 35.71 20.58
CA LEU A 49 0.35 36.66 20.46
C LEU A 49 -0.70 36.16 19.49
N VAL A 50 -1.98 36.30 19.88
CA VAL A 50 -3.13 35.95 19.01
C VAL A 50 -4.18 37.07 18.93
N GLU A 51 -4.40 37.56 17.71
CA GLU A 51 -5.39 38.61 17.44
C GLU A 51 -6.77 37.98 17.53
N CYS A 52 -7.60 38.50 18.43
CA CYS A 52 -8.94 37.97 18.65
C CYS A 52 -9.99 38.92 18.06
N LEU A 53 -10.60 38.51 16.96
CA LEU A 53 -11.66 39.27 16.31
C LEU A 53 -12.97 39.03 17.05
N LEU A 54 -13.56 40.10 17.59
CA LEU A 54 -14.79 40.03 18.40
C LEU A 54 -16.13 40.29 17.63
N PRO A 55 -17.29 40.03 18.29
CA PRO A 55 -18.61 40.38 17.73
C PRO A 55 -18.81 41.89 17.60
N ASN A 56 -18.31 42.64 18.57
CA ASN A 56 -18.31 44.10 18.53
C ASN A 56 -17.31 44.78 17.55
N GLY A 57 -16.54 44.00 16.78
CA GLY A 57 -15.61 44.54 15.78
C GLY A 57 -14.21 44.94 16.28
N MET A 58 -13.99 44.78 17.59
CA MET A 58 -12.73 45.12 18.25
C MET A 58 -11.69 44.01 18.09
N ILE A 59 -10.45 44.39 17.79
CA ILE A 59 -9.31 43.49 17.84
C ILE A 59 -8.55 43.69 19.15
N VAL A 60 -8.55 42.68 20.00
CA VAL A 60 -7.65 42.61 21.15
C VAL A 60 -6.67 41.46 20.87
N THR A 61 -5.39 41.70 21.14
CA THR A 61 -4.35 40.71 20.93
C THR A 61 -3.92 40.19 22.29
N LEU A 62 -4.29 38.94 22.59
CA LEU A 62 -3.82 38.25 23.80
C LEU A 62 -2.46 37.60 23.59
N GLU A 63 -1.59 37.67 24.60
CA GLU A 63 -0.40 36.80 24.63
C GLU A 63 -0.79 35.53 25.36
N CYS A 64 -0.79 34.41 24.64
CA CYS A 64 -1.17 33.11 25.20
C CYS A 64 0.02 32.19 25.19
N LEU A 65 -0.03 31.19 26.05
CA LEU A 65 0.88 30.07 25.93
C LEU A 65 0.44 29.14 24.79
N ARG A 66 1.41 28.68 23.99
CA ARG A 66 1.27 27.58 23.00
C ARG A 66 0.25 26.51 23.37
N GLU A 67 0.39 26.05 24.61
CA GLU A 67 -0.32 24.90 25.13
C GLU A 67 -1.75 25.22 25.68
N ALA A 68 -2.22 26.47 25.58
CA ALA A 68 -3.46 26.92 26.26
C ALA A 68 -4.74 26.44 25.62
N THR A 69 -5.69 26.03 26.43
CA THR A 69 -6.99 25.58 25.90
C THR A 69 -7.86 26.76 25.54
N LEU A 70 -8.83 26.50 24.67
CA LEU A 70 -9.76 27.55 24.24
C LEU A 70 -10.66 28.00 25.37
N ILE A 71 -11.03 27.08 26.27
CA ILE A 71 -11.76 27.45 27.48
C ILE A 71 -10.94 28.45 28.26
N THR A 72 -9.66 28.14 28.45
CA THR A 72 -8.75 29.06 29.12
C THR A 72 -8.59 30.37 28.38
N ILE A 73 -8.49 30.31 27.05
CA ILE A 73 -8.34 31.53 26.21
C ILE A 73 -9.59 32.40 26.14
N LYS A 74 -10.75 31.78 26.09
CA LYS A 74 -12.01 32.52 26.03
C LYS A 74 -12.15 33.27 27.34
N HIS A 75 -12.06 32.51 28.44
CA HIS A 75 -12.21 33.06 29.79
C HIS A 75 -11.35 34.31 29.98
N GLU A 76 -10.12 34.25 29.47
CA GLU A 76 -9.24 35.41 29.52
C GLU A 76 -9.60 36.46 28.48
N LEU A 77 -10.02 36.06 27.28
CA LEU A 77 -10.41 37.04 26.25
C LEU A 77 -11.50 37.95 26.74
N PHE A 78 -12.53 37.38 27.35
CA PHE A 78 -13.66 38.18 27.84
C PHE A 78 -13.37 38.97 29.12
N LYS A 79 -12.39 38.54 29.92
CA LYS A 79 -11.83 39.40 30.96
C LYS A 79 -11.20 40.63 30.29
N GLU A 80 -10.23 40.38 29.43
CA GLU A 80 -9.44 41.45 28.81
C GLU A 80 -10.20 42.29 27.76
N ALA A 81 -11.44 41.90 27.41
CA ALA A 81 -12.23 42.70 26.47
C ALA A 81 -13.14 43.71 27.18
N ARG A 82 -13.32 43.56 28.49
CA ARG A 82 -13.91 44.64 29.30
C ARG A 82 -13.09 45.90 29.13
N LYS A 83 -11.77 45.76 29.15
CA LYS A 83 -10.89 46.92 29.11
C LYS A 83 -10.89 47.67 27.78
N TYR A 84 -11.40 47.02 26.72
CA TYR A 84 -11.54 47.65 25.39
C TYR A 84 -12.94 48.31 25.20
N PRO A 85 -13.16 49.05 24.07
CA PRO A 85 -14.45 49.72 23.91
C PRO A 85 -15.59 48.80 23.47
N LEU A 86 -16.80 49.32 23.60
CA LEU A 86 -18.02 48.63 23.20
C LEU A 86 -18.28 47.33 24.00
N HIS A 87 -17.86 47.27 25.27
CA HIS A 87 -18.06 46.07 26.13
C HIS A 87 -19.52 45.64 26.23
N GLN A 88 -20.40 46.61 26.42
CA GLN A 88 -21.84 46.35 26.55
C GLN A 88 -22.50 45.63 25.34
N LEU A 89 -21.86 45.70 24.16
CA LEU A 89 -22.29 44.97 22.95
C LEU A 89 -21.84 43.47 22.89
N LEU A 90 -21.33 42.91 23.99
CA LEU A 90 -20.96 41.49 24.04
C LEU A 90 -21.93 40.76 24.95
N GLN A 91 -22.33 39.55 24.54
CA GLN A 91 -23.18 38.68 25.35
C GLN A 91 -22.29 38.01 26.37
N ASP A 92 -22.88 37.38 27.39
CA ASP A 92 -22.13 36.47 28.28
C ASP A 92 -21.26 35.53 27.40
N GLU A 93 -20.01 35.30 27.82
CA GLU A 93 -19.03 34.51 27.04
C GLU A 93 -19.58 33.15 26.56
N SER A 94 -20.33 32.47 27.44
CA SER A 94 -20.97 31.20 27.13
C SER A 94 -21.83 31.19 25.85
N SER A 95 -22.32 32.36 25.45
CA SER A 95 -23.05 32.52 24.20
C SER A 95 -22.15 32.50 22.95
N TYR A 96 -20.88 32.11 23.05
CA TYR A 96 -19.97 32.15 21.88
C TYR A 96 -19.10 30.89 21.63
N ILE A 97 -18.68 30.75 20.38
CA ILE A 97 -17.77 29.68 19.95
C ILE A 97 -16.58 30.34 19.22
N PHE A 98 -15.46 29.64 19.09
CA PHE A 98 -14.30 30.20 18.35
C PHE A 98 -14.33 29.77 16.91
N VAL A 99 -13.63 30.50 16.05
CA VAL A 99 -13.44 30.08 14.65
C VAL A 99 -12.22 30.73 14.03
N SER A 100 -11.55 30.03 13.12
CA SER A 100 -10.38 30.58 12.45
C SER A 100 -10.23 29.89 11.15
N VAL A 101 -9.37 30.43 10.29
CA VAL A 101 -8.90 29.73 9.11
C VAL A 101 -7.78 28.76 9.49
N THR A 102 -7.94 27.52 9.04
CA THR A 102 -6.97 26.44 9.28
C THR A 102 -5.98 26.29 8.09
N GLN A 103 -4.99 25.42 8.26
CA GLN A 103 -3.97 25.21 7.23
C GLN A 103 -4.47 24.45 5.96
N GLU A 104 -5.65 23.84 6.03
CA GLU A 104 -6.34 23.35 4.83
C GLU A 104 -7.21 24.44 4.16
N ALA A 105 -7.12 25.68 4.65
CA ALA A 105 -7.77 26.84 4.02
C ALA A 105 -9.27 26.92 4.25
N GLU A 106 -9.78 26.17 5.23
CA GLU A 106 -11.20 26.17 5.58
C GLU A 106 -11.39 26.89 6.90
N ARG A 107 -12.60 27.41 7.12
CA ARG A 107 -12.96 28.10 8.36
C ARG A 107 -13.62 27.13 9.35
N GLU A 108 -12.81 26.50 10.20
CA GLU A 108 -13.31 25.53 11.16
C GLU A 108 -13.83 26.26 12.39
N GLU A 109 -15.07 25.97 12.82
CA GLU A 109 -15.59 26.39 14.14
C GLU A 109 -14.95 25.47 15.19
N PHE A 110 -14.61 26.01 16.36
CA PHE A 110 -13.95 25.23 17.40
C PHE A 110 -14.91 25.01 18.54
N PHE A 111 -15.54 23.82 18.49
CA PHE A 111 -16.55 23.40 19.46
C PHE A 111 -15.93 22.77 20.68
N ASP A 112 -14.94 21.90 20.49
CA ASP A 112 -14.30 21.17 21.62
C ASP A 112 -13.25 22.06 22.27
N GLU A 113 -13.72 22.96 23.15
CA GLU A 113 -12.91 24.06 23.68
C GLU A 113 -11.86 23.59 24.68
N THR A 114 -11.89 22.31 25.06
CA THR A 114 -10.73 21.66 25.67
C THR A 114 -9.47 21.68 24.80
N ARG A 115 -9.63 21.73 23.47
CA ARG A 115 -8.50 21.70 22.54
C ARG A 115 -7.52 22.85 22.77
N ARG A 116 -6.24 22.54 22.55
CA ARG A 116 -5.17 23.48 22.81
C ARG A 116 -4.76 24.23 21.52
N LEU A 117 -4.29 25.46 21.72
CA LEU A 117 -3.91 26.38 20.65
C LEU A 117 -2.93 25.80 19.63
N CYS A 118 -1.98 24.99 20.07
CA CYS A 118 -1.09 24.25 19.13
C CYS A 118 -1.77 23.12 18.29
N ASP A 119 -2.66 22.39 18.95
CA ASP A 119 -3.34 21.24 18.34
C ASP A 119 -4.46 21.61 17.31
N LEU A 120 -4.77 22.90 17.16
CA LEU A 120 -5.82 23.39 16.23
C LEU A 120 -5.45 23.44 14.74
N ARG A 121 -4.15 23.35 14.43
CA ARG A 121 -3.70 23.43 13.05
C ARG A 121 -4.17 24.76 12.37
N LEU A 122 -3.91 25.87 13.06
CA LEU A 122 -4.18 27.21 12.53
C LEU A 122 -3.22 27.59 11.43
N PHE A 123 -3.61 28.59 10.64
CA PHE A 123 -2.77 29.10 9.59
C PHE A 123 -2.01 30.32 10.09
N GLN A 124 -2.75 31.39 10.39
CA GLN A 124 -2.23 32.58 11.01
C GLN A 124 -2.81 32.50 12.40
N PRO A 125 -2.05 32.94 13.41
CA PRO A 125 -2.51 32.83 14.80
C PRO A 125 -3.57 33.88 15.16
N PHE A 126 -4.84 33.57 14.89
CA PHE A 126 -5.95 34.48 15.16
C PHE A 126 -7.27 33.73 15.33
N LEU A 127 -8.08 34.20 16.27
CA LEU A 127 -9.36 33.58 16.56
C LEU A 127 -10.41 34.62 16.32
N LYS A 128 -11.49 34.22 15.65
CA LYS A 128 -12.72 35.03 15.57
C LYS A 128 -13.87 34.46 16.49
N VAL A 129 -14.62 35.38 17.07
CA VAL A 129 -15.66 35.06 18.05
C VAL A 129 -17.02 35.24 17.41
N ILE A 130 -17.92 34.30 17.69
CA ILE A 130 -19.20 34.18 16.99
C ILE A 130 -20.18 33.32 17.80
N GLU A 131 -21.47 33.39 17.41
CA GLU A 131 -22.51 32.53 17.99
C GLU A 131 -22.65 31.30 17.09
N PRO A 132 -22.97 30.14 17.69
CA PRO A 132 -22.97 28.88 16.94
C PRO A 132 -24.07 28.82 15.87
N VAL A 133 -23.67 29.11 14.64
CA VAL A 133 -24.61 29.02 13.52
C VAL A 133 -24.78 27.56 13.16
N GLY A 134 -25.90 27.22 12.55
CA GLY A 134 -26.17 25.84 12.14
C GLY A 134 -26.41 24.98 13.37
N ASN A 135 -27.47 25.34 14.12
CA ASN A 135 -27.78 24.81 15.47
C ASN A 135 -27.55 23.31 15.73
N ARG A 136 -27.56 22.47 14.68
CA ARG A 136 -27.03 21.10 14.81
C ARG A 136 -25.50 21.19 14.91
N GLU A 137 -25.05 21.44 16.14
CA GLU A 137 -23.66 21.35 16.55
C GLU A 137 -23.23 19.90 16.39
N GLU A 138 -24.14 19.00 16.79
CA GLU A 138 -24.01 17.54 16.64
C GLU A 138 -23.56 17.14 15.26
N LYS A 139 -24.14 17.76 14.23
CA LYS A 139 -23.84 17.38 12.85
C LYS A 139 -22.47 17.85 12.46
N ILE A 140 -22.01 19.00 12.98
CA ILE A 140 -20.72 19.54 12.54
C ILE A 140 -19.55 18.88 13.31
N LEU A 141 -19.74 17.63 13.73
CA LEU A 141 -18.65 16.68 14.07
C LEU A 141 -18.56 15.62 12.92
N ASN A 142 -18.18 16.21 11.79
CA ASN A 142 -17.35 15.63 10.77
C ASN A 142 -16.03 16.39 10.71
N ARG A 143 -15.76 17.32 11.65
CA ARG A 143 -14.37 17.66 11.91
C ARG A 143 -13.70 16.36 12.36
N GLU A 144 -14.37 15.63 13.26
CA GLU A 144 -13.91 14.30 13.66
C GLU A 144 -13.50 13.44 12.45
N ILE A 145 -14.41 13.33 11.49
CA ILE A 145 -14.16 12.55 10.27
C ILE A 145 -13.00 13.14 9.46
N GLY A 146 -13.13 14.41 9.09
CA GLY A 146 -12.06 15.10 8.40
C GLY A 146 -10.71 15.02 9.07
N PHE A 147 -10.66 14.97 10.41
CA PHE A 147 -9.38 14.85 11.08
C PHE A 147 -8.77 13.48 10.79
N ALA A 148 -9.51 12.43 11.09
CA ALA A 148 -9.09 11.07 10.72
C ALA A 148 -8.61 10.99 9.27
N ILE A 149 -9.36 11.58 8.34
CA ILE A 149 -9.06 11.44 6.91
C ILE A 149 -7.92 12.38 6.50
N GLY A 150 -7.77 13.47 7.24
CA GLY A 150 -6.78 14.51 6.92
C GLY A 150 -7.11 15.31 5.67
N MET A 151 -8.40 15.54 5.45
CA MET A 151 -8.89 16.55 4.51
C MET A 151 -10.35 16.81 4.87
N PRO A 152 -10.77 18.09 4.91
CA PRO A 152 -12.08 18.41 5.48
C PRO A 152 -13.24 17.88 4.61
N VAL A 153 -14.36 17.55 5.24
CA VAL A 153 -15.44 16.85 4.53
C VAL A 153 -16.09 17.78 3.52
N CYS A 154 -16.27 19.05 3.89
CA CYS A 154 -16.78 20.07 2.98
C CYS A 154 -16.02 20.12 1.63
N GLU A 155 -14.76 19.67 1.61
CA GLU A 155 -14.02 19.52 0.36
C GLU A 155 -14.61 18.52 -0.65
N PHE A 156 -15.41 17.56 -0.20
CA PHE A 156 -16.18 16.71 -1.13
C PHE A 156 -17.48 17.41 -1.57
N ASP A 157 -18.16 18.10 -0.65
CA ASP A 157 -19.45 18.74 -0.97
C ASP A 157 -19.41 19.72 -2.14
N MET A 158 -18.26 20.37 -2.38
CA MET A 158 -18.06 21.26 -3.54
C MET A 158 -17.38 20.56 -4.73
N VAL A 159 -17.50 19.23 -4.84
CA VAL A 159 -17.06 18.51 -6.04
C VAL A 159 -18.28 18.36 -6.95
N LYS A 160 -18.08 18.59 -8.25
CA LYS A 160 -19.18 18.64 -9.22
C LYS A 160 -19.56 17.25 -9.70
N ASP A 161 -18.58 16.55 -10.26
CA ASP A 161 -18.69 15.17 -10.78
C ASP A 161 -19.79 14.32 -10.12
N PRO A 162 -20.78 13.85 -10.90
CA PRO A 162 -21.84 13.04 -10.30
C PRO A 162 -21.39 11.69 -9.77
N GLU A 163 -20.36 11.08 -10.39
CA GLU A 163 -19.88 9.77 -9.92
C GLU A 163 -19.58 9.85 -8.43
N VAL A 164 -18.88 10.92 -8.05
CA VAL A 164 -18.41 11.14 -6.69
C VAL A 164 -19.60 11.30 -5.77
N GLN A 165 -20.46 12.25 -6.10
CA GLN A 165 -21.70 12.45 -5.35
C GLN A 165 -22.51 11.18 -5.29
N ASP A 166 -22.58 10.46 -6.42
CA ASP A 166 -23.34 9.22 -6.49
C ASP A 166 -22.72 8.15 -5.59
N PHE A 167 -21.39 8.01 -5.63
CA PHE A 167 -20.71 7.13 -4.69
C PHE A 167 -21.08 7.46 -3.26
N ARG A 168 -21.04 8.75 -2.95
CA ARG A 168 -21.25 9.20 -1.59
C ARG A 168 -22.63 8.83 -1.03
N ARG A 169 -23.66 8.97 -1.85
CA ARG A 169 -24.99 8.62 -1.41
C ARG A 169 -25.26 7.13 -1.50
N ASN A 170 -24.84 6.47 -2.58
CA ASN A 170 -25.12 5.03 -2.75
C ASN A 170 -24.40 4.11 -1.78
N ILE A 171 -23.18 4.47 -1.39
CA ILE A 171 -22.36 3.59 -0.55
C ILE A 171 -22.95 3.49 0.86
N LEU A 172 -23.74 4.49 1.29
CA LEU A 172 -24.52 4.38 2.54
C LEU A 172 -25.37 3.13 2.61
N ASN A 173 -25.80 2.59 1.47
CA ASN A 173 -26.45 1.26 1.41
C ASN A 173 -25.65 0.29 2.27
N VAL A 174 -24.35 0.22 2.00
CA VAL A 174 -23.44 -0.72 2.68
C VAL A 174 -23.28 -0.44 4.16
N CYS A 175 -23.17 0.84 4.50
CA CYS A 175 -22.99 1.30 5.86
C CYS A 175 -24.19 0.96 6.73
N LYS A 176 -25.39 1.13 6.19
CA LYS A 176 -26.60 0.83 6.94
C LYS A 176 -26.73 -0.66 7.16
N GLU A 177 -26.42 -1.48 6.16
CA GLU A 177 -26.53 -2.95 6.28
C GLU A 177 -25.56 -3.57 7.29
N ALA A 178 -24.33 -3.07 7.34
CA ALA A 178 -23.34 -3.52 8.30
C ALA A 178 -23.71 -3.16 9.73
N VAL A 179 -24.23 -1.95 9.94
CA VAL A 179 -24.65 -1.50 11.28
C VAL A 179 -25.87 -2.31 11.79
N ASP A 180 -26.69 -2.82 10.87
CA ASP A 180 -27.81 -3.69 11.21
C ASP A 180 -27.37 -5.07 11.70
N LEU A 181 -26.27 -5.57 11.16
CA LEU A 181 -25.63 -6.78 11.72
C LEU A 181 -25.03 -6.61 13.13
N ARG A 182 -24.50 -5.42 13.42
CA ARG A 182 -23.92 -5.12 14.72
C ARG A 182 -24.93 -5.19 15.87
N ASP A 183 -26.03 -4.44 15.78
CA ASP A 183 -27.02 -4.40 16.88
C ASP A 183 -28.09 -5.48 16.71
N LEU A 184 -27.67 -6.65 16.22
CA LEU A 184 -28.56 -7.76 15.99
C LEU A 184 -28.82 -8.49 17.33
N ASN A 185 -27.82 -9.20 17.87
CA ASN A 185 -27.91 -9.85 19.19
C ASN A 185 -27.04 -9.12 20.23
N SER A 186 -27.14 -7.79 20.24
CA SER A 186 -26.39 -6.91 21.14
C SER A 186 -26.81 -7.18 22.60
N PRO A 187 -25.92 -7.00 23.59
CA PRO A 187 -24.59 -6.39 23.44
C PRO A 187 -23.50 -7.34 22.95
N HIS A 188 -23.78 -8.65 22.94
CA HIS A 188 -22.81 -9.64 22.52
C HIS A 188 -22.23 -9.33 21.14
N SER A 189 -23.11 -9.06 20.17
CA SER A 189 -22.69 -8.79 18.80
C SER A 189 -21.86 -7.50 18.67
N ARG A 190 -22.18 -6.48 19.46
CA ARG A 190 -21.31 -5.31 19.55
C ARG A 190 -19.91 -5.70 20.03
N ALA A 191 -19.86 -6.47 21.11
CA ALA A 191 -18.58 -7.00 21.63
C ALA A 191 -17.89 -7.85 20.57
N MET A 192 -18.67 -8.60 19.82
CA MET A 192 -18.12 -9.36 18.70
C MET A 192 -17.53 -8.49 17.54
N TYR A 193 -18.12 -7.31 17.28
CA TYR A 193 -17.56 -6.34 16.32
C TYR A 193 -16.22 -5.85 16.89
N VAL A 194 -16.31 -5.26 18.09
CA VAL A 194 -15.20 -4.60 18.73
C VAL A 194 -14.04 -5.55 19.03
N TYR A 195 -14.34 -6.74 19.55
CA TYR A 195 -13.31 -7.66 20.05
C TYR A 195 -13.37 -9.03 19.36
N PRO A 196 -13.34 -9.00 18.02
CA PRO A 196 -13.60 -10.20 17.25
C PRO A 196 -12.58 -11.26 17.49
N PRO A 197 -13.01 -12.51 17.64
CA PRO A 197 -12.15 -13.54 18.15
C PRO A 197 -10.93 -13.77 17.25
N ASN A 198 -9.73 -13.69 17.84
CA ASN A 198 -8.47 -13.76 17.10
C ASN A 198 -7.99 -15.21 16.97
N VAL A 199 -8.37 -15.81 15.85
CA VAL A 199 -8.49 -17.24 15.71
C VAL A 199 -7.80 -17.65 14.42
N GLU A 200 -7.06 -18.76 14.47
CA GLU A 200 -6.45 -19.34 13.27
C GLU A 200 -7.54 -19.88 12.36
N SER A 201 -7.17 -20.13 11.10
CA SER A 201 -8.14 -20.50 10.07
C SER A 201 -8.77 -21.87 10.33
N SER A 202 -7.91 -22.83 10.70
CA SER A 202 -8.27 -24.25 10.88
C SER A 202 -8.23 -24.67 12.36
N PRO A 203 -9.16 -25.56 12.78
CA PRO A 203 -9.05 -26.18 14.11
C PRO A 203 -8.02 -27.30 14.16
N GLU A 204 -7.95 -28.12 13.10
CA GLU A 204 -6.87 -29.11 12.91
C GLU A 204 -5.47 -28.57 13.27
N LEU A 205 -4.70 -29.38 13.98
CA LEU A 205 -3.41 -28.97 14.54
C LEU A 205 -2.28 -29.66 13.77
N PRO A 206 -1.20 -28.92 13.45
CA PRO A 206 0.00 -29.59 12.96
C PRO A 206 0.60 -30.54 14.00
N LYS A 207 1.33 -31.54 13.52
CA LYS A 207 1.84 -32.61 14.37
C LYS A 207 2.88 -32.13 15.36
N HIS A 208 3.71 -31.18 14.95
CA HIS A 208 4.79 -30.66 15.81
C HIS A 208 4.27 -29.79 16.98
N ILE A 209 3.10 -29.18 16.78
CA ILE A 209 2.38 -28.49 17.87
C ILE A 209 1.77 -29.56 18.76
N TYR A 210 1.01 -30.50 18.17
CA TYR A 210 0.34 -31.60 18.92
C TYR A 210 1.29 -32.30 19.87
N ASN A 211 2.45 -32.74 19.36
CA ASN A 211 3.46 -33.44 20.17
C ASN A 211 4.00 -32.67 21.38
N LYS A 212 3.81 -31.36 21.44
CA LYS A 212 4.04 -30.59 22.67
C LYS A 212 2.92 -30.75 23.70
N LEU A 213 1.86 -31.51 23.39
CA LEU A 213 0.65 -31.54 24.23
C LEU A 213 0.47 -32.73 25.17
N ASP A 214 1.30 -33.77 25.09
CA ASP A 214 1.00 -35.05 25.76
C ASP A 214 -0.50 -35.46 25.63
N LYS A 215 -0.79 -36.05 24.47
CA LYS A 215 -2.11 -36.57 24.11
C LYS A 215 -3.17 -35.48 24.27
N GLY A 216 -2.86 -34.30 23.72
CA GLY A 216 -3.80 -33.21 23.56
C GLY A 216 -4.24 -32.41 24.77
N GLN A 217 -3.34 -32.19 25.74
CA GLN A 217 -3.67 -31.40 26.92
C GLN A 217 -2.70 -30.24 27.17
N ILE A 218 -3.23 -29.08 27.59
CA ILE A 218 -2.35 -27.97 28.01
C ILE A 218 -2.67 -27.55 29.43
N ILE A 219 -1.63 -27.29 30.21
CA ILE A 219 -1.80 -26.61 31.47
C ILE A 219 -2.12 -25.17 31.09
N VAL A 220 -3.17 -24.60 31.69
CA VAL A 220 -3.68 -23.23 31.45
C VAL A 220 -3.66 -22.52 32.80
N VAL A 221 -3.89 -21.21 32.85
CA VAL A 221 -3.98 -20.49 34.15
C VAL A 221 -5.09 -19.49 34.13
N ILE A 222 -6.18 -19.75 34.85
CA ILE A 222 -7.26 -18.78 34.91
C ILE A 222 -7.09 -17.91 36.15
N TRP A 223 -6.94 -16.61 35.93
CA TRP A 223 -6.88 -15.64 37.00
C TRP A 223 -8.27 -15.15 37.24
N VAL A 224 -8.49 -14.62 38.43
CA VAL A 224 -9.79 -14.07 38.87
C VAL A 224 -9.51 -12.92 39.85
N ILE A 225 -10.49 -12.04 40.08
CA ILE A 225 -10.27 -10.89 40.97
C ILE A 225 -11.26 -10.82 42.18
N VAL A 226 -10.76 -10.35 43.34
CA VAL A 226 -11.49 -10.36 44.64
C VAL A 226 -11.21 -9.06 45.47
N SER A 227 -12.17 -8.66 46.32
CA SER A 227 -12.24 -7.33 47.04
C SER A 227 -10.95 -6.71 47.70
N PRO A 228 -10.60 -5.44 47.42
CA PRO A 228 -11.36 -4.48 46.59
C PRO A 228 -10.85 -4.43 45.14
N ASN A 229 -10.77 -5.61 44.53
CA ASN A 229 -10.24 -5.90 43.20
C ASN A 229 -8.71 -5.97 43.12
N ASN A 230 -8.02 -5.77 44.24
CA ASN A 230 -6.57 -5.77 44.25
C ASN A 230 -6.05 -7.21 44.19
N ASP A 231 -6.50 -8.08 45.11
CA ASP A 231 -5.98 -9.47 45.17
C ASP A 231 -6.56 -10.34 44.06
N LYS A 232 -5.65 -11.05 43.38
CA LYS A 232 -5.94 -11.90 42.24
C LYS A 232 -5.59 -13.31 42.63
N GLN A 233 -6.19 -14.29 41.96
CA GLN A 233 -5.91 -15.71 42.29
C GLN A 233 -5.83 -16.61 41.08
N LYS A 234 -4.71 -17.35 41.00
CA LYS A 234 -4.46 -18.35 39.94
C LYS A 234 -5.37 -19.55 40.13
N TYR A 235 -5.60 -20.30 39.05
CA TYR A 235 -6.32 -21.58 39.08
C TYR A 235 -5.89 -22.47 37.90
N THR A 236 -4.81 -23.21 38.10
CA THR A 236 -4.13 -23.88 36.99
C THR A 236 -4.79 -25.17 36.53
N LEU A 237 -5.72 -25.05 35.58
CA LEU A 237 -6.37 -26.22 34.94
C LEU A 237 -5.44 -26.92 33.96
N LYS A 238 -5.64 -28.22 33.77
CA LYS A 238 -4.98 -28.97 32.72
C LYS A 238 -6.09 -29.63 31.93
N ILE A 239 -6.42 -29.00 30.81
CA ILE A 239 -7.62 -29.32 30.05
C ILE A 239 -7.27 -29.74 28.62
N ASN A 240 -8.24 -30.20 27.86
CA ASN A 240 -8.00 -30.61 26.47
C ASN A 240 -7.75 -29.41 25.57
N HIS A 241 -6.96 -29.64 24.53
CA HIS A 241 -6.62 -28.56 23.62
C HIS A 241 -7.88 -28.09 22.87
N ASP A 242 -8.72 -29.03 22.47
CA ASP A 242 -9.89 -28.73 21.65
C ASP A 242 -11.18 -28.52 22.46
N CYS A 243 -11.08 -28.19 23.74
CA CYS A 243 -12.28 -27.79 24.50
C CYS A 243 -12.47 -26.26 24.40
N VAL A 244 -13.70 -25.81 24.60
CA VAL A 244 -14.08 -24.43 24.27
C VAL A 244 -14.09 -23.52 25.51
N PRO A 245 -14.09 -22.19 25.31
CA PRO A 245 -14.05 -21.23 26.42
C PRO A 245 -15.02 -21.48 27.54
N GLU A 246 -16.25 -21.84 27.19
CA GLU A 246 -17.28 -22.10 28.21
C GLU A 246 -16.93 -23.31 29.08
N GLN A 247 -16.36 -24.35 28.48
CA GLN A 247 -15.91 -25.54 29.23
C GLN A 247 -14.77 -25.17 30.19
N VAL A 248 -13.85 -24.34 29.71
CA VAL A 248 -12.75 -23.83 30.52
C VAL A 248 -13.25 -22.93 31.64
N ILE A 249 -14.20 -22.03 31.33
CA ILE A 249 -14.81 -21.16 32.36
C ILE A 249 -15.47 -21.98 33.50
N ALA A 250 -16.15 -23.06 33.14
CA ALA A 250 -16.77 -23.96 34.13
C ALA A 250 -15.73 -24.55 35.07
N GLU A 251 -14.67 -25.16 34.50
CA GLU A 251 -13.62 -25.78 35.32
C GLU A 251 -12.97 -24.78 36.28
N ALA A 252 -12.75 -23.56 35.84
CA ALA A 252 -12.15 -22.53 36.68
C ALA A 252 -13.10 -22.07 37.77
N ILE A 253 -14.40 -22.17 37.53
CA ILE A 253 -15.36 -21.90 38.59
C ILE A 253 -15.50 -23.13 39.49
N ARG A 254 -15.41 -24.35 38.94
CA ARG A 254 -15.41 -25.55 39.78
C ARG A 254 -14.34 -25.42 40.82
N LYS A 255 -13.10 -25.21 40.37
CA LYS A 255 -11.97 -25.09 41.28
C LYS A 255 -12.08 -23.91 42.25
N LYS A 256 -12.49 -22.73 41.77
CA LYS A 256 -12.65 -21.53 42.62
C LYS A 256 -13.59 -21.79 43.83
N THR A 257 -14.64 -22.59 43.56
CA THR A 257 -15.80 -22.75 44.45
C THR A 257 -16.08 -24.17 44.96
N ARG A 258 -15.16 -25.13 44.80
CA ARG A 258 -15.24 -26.37 45.62
C ARG A 258 -14.99 -25.88 47.04
N SER A 259 -15.46 -26.65 48.00
CA SER A 259 -15.43 -26.22 49.40
C SER A 259 -15.79 -27.38 50.31
N MET A 260 -15.43 -27.25 51.59
CA MET A 260 -15.86 -28.22 52.59
C MET A 260 -17.27 -27.94 53.14
N LEU A 261 -17.98 -27.00 52.51
CA LEU A 261 -19.35 -26.67 52.88
C LEU A 261 -20.29 -26.83 51.71
N LEU A 262 -19.85 -27.49 50.65
CA LEU A 262 -20.71 -27.68 49.50
C LEU A 262 -20.55 -29.10 49.03
N SER A 263 -21.66 -29.84 49.00
CA SER A 263 -21.66 -31.17 48.38
C SER A 263 -21.45 -31.05 46.89
N SER A 264 -21.20 -32.17 46.23
CA SER A 264 -21.00 -32.15 44.79
C SER A 264 -22.25 -31.56 44.12
N GLU A 265 -23.41 -32.06 44.49
CA GLU A 265 -24.68 -31.59 43.93
C GLU A 265 -24.87 -30.10 44.16
N GLN A 266 -24.51 -29.62 45.35
CA GLN A 266 -24.55 -28.17 45.67
C GLN A 266 -23.61 -27.35 44.78
N LEU A 267 -22.46 -27.95 44.43
CA LEU A 267 -21.48 -27.33 43.54
C LEU A 267 -22.08 -27.17 42.16
N LYS A 268 -22.52 -28.28 41.56
CA LYS A 268 -23.09 -28.29 40.20
C LYS A 268 -24.05 -27.14 39.92
N LEU A 269 -24.90 -26.83 40.90
CA LEU A 269 -25.85 -25.74 40.79
C LEU A 269 -25.13 -24.39 40.83
N CYS A 270 -24.18 -24.23 41.76
CA CYS A 270 -23.36 -23.01 41.82
C CYS A 270 -22.53 -22.76 40.56
N VAL A 271 -22.18 -23.82 39.82
CA VAL A 271 -21.54 -23.69 38.49
C VAL A 271 -22.53 -23.13 37.46
N LEU A 272 -23.75 -23.61 37.46
CA LEU A 272 -24.71 -23.19 36.45
C LEU A 272 -25.12 -21.71 36.56
N GLU A 273 -25.41 -21.24 37.77
CA GLU A 273 -25.68 -19.79 38.01
C GLU A 273 -24.45 -18.85 37.91
N TYR A 274 -23.24 -19.40 37.81
CA TYR A 274 -22.02 -18.62 37.56
C TYR A 274 -21.47 -18.76 36.10
N GLN A 275 -21.56 -19.95 35.50
CA GLN A 275 -20.79 -20.32 34.29
C GLN A 275 -20.96 -19.39 33.10
N GLY A 276 -22.17 -18.85 32.94
CA GLY A 276 -22.50 -17.97 31.82
C GLY A 276 -22.53 -16.49 32.13
N LYS A 277 -22.03 -16.07 33.28
CA LYS A 277 -21.88 -14.65 33.61
C LYS A 277 -20.53 -14.10 33.17
N TYR A 278 -19.57 -14.99 32.91
CA TYR A 278 -18.18 -14.61 32.66
C TYR A 278 -17.75 -14.88 31.23
N ILE A 279 -16.66 -14.22 30.78
CA ILE A 279 -15.90 -14.61 29.58
C ILE A 279 -14.39 -14.48 29.76
N LEU A 280 -13.67 -15.24 28.94
CA LEU A 280 -12.20 -15.29 28.98
C LEU A 280 -11.47 -14.13 28.27
N LYS A 281 -10.77 -13.30 29.06
CA LYS A 281 -9.83 -12.31 28.52
C LYS A 281 -8.45 -12.96 28.33
N VAL A 282 -7.53 -12.31 27.62
CA VAL A 282 -6.08 -12.62 27.71
C VAL A 282 -5.48 -11.64 28.72
N CYS A 283 -4.70 -12.15 29.66
CA CYS A 283 -4.00 -11.28 30.57
C CYS A 283 -2.97 -10.48 29.75
N GLY A 284 -3.03 -9.16 29.86
CA GLY A 284 -2.04 -8.25 29.24
C GLY A 284 -2.44 -7.45 28.01
N CYS A 285 -3.63 -7.73 27.47
CA CYS A 285 -4.07 -7.08 26.25
C CYS A 285 -5.55 -7.28 26.09
N ASP A 286 -6.18 -6.52 25.21
CA ASP A 286 -7.60 -6.65 24.99
C ASP A 286 -7.85 -7.63 23.88
N GLU A 287 -7.64 -8.91 24.18
CA GLU A 287 -8.13 -10.00 23.34
C GLU A 287 -9.16 -10.73 24.18
N TYR A 288 -10.13 -11.35 23.50
CA TYR A 288 -11.18 -12.11 24.15
C TYR A 288 -11.51 -13.38 23.36
N PHE A 289 -12.19 -14.28 24.06
CA PHE A 289 -12.59 -15.58 23.53
C PHE A 289 -14.08 -15.64 23.56
N LEU A 290 -14.70 -14.93 22.62
CA LEU A 290 -16.13 -14.73 22.66
C LEU A 290 -16.91 -15.80 21.97
N GLU A 291 -16.29 -16.70 21.20
CA GLU A 291 -17.12 -17.77 20.62
C GLU A 291 -16.48 -19.14 20.52
N LYS A 292 -17.37 -20.13 20.32
CA LYS A 292 -17.04 -21.55 20.37
C LYS A 292 -16.05 -21.95 19.32
N TYR A 293 -14.79 -21.83 19.66
CA TYR A 293 -13.77 -22.46 18.90
C TYR A 293 -13.01 -23.30 19.88
N PRO A 294 -12.36 -24.35 19.39
CA PRO A 294 -11.31 -25.01 20.13
C PRO A 294 -10.29 -24.03 20.68
N LEU A 295 -10.03 -24.04 21.99
CA LEU A 295 -9.03 -23.12 22.57
C LEU A 295 -7.79 -23.00 21.68
N SER A 296 -7.26 -24.14 21.26
CA SER A 296 -6.14 -24.25 20.30
C SER A 296 -6.24 -23.34 19.10
N GLN A 297 -7.42 -23.33 18.52
CA GLN A 297 -7.71 -22.48 17.37
C GLN A 297 -7.56 -20.97 17.61
N TYR A 298 -7.63 -20.50 18.86
CA TYR A 298 -7.30 -19.10 19.15
C TYR A 298 -5.81 -18.87 19.03
N LYS A 299 -5.44 -17.71 18.51
CA LYS A 299 -4.06 -17.46 18.16
C LYS A 299 -3.21 -17.48 19.40
N TYR A 300 -3.70 -16.82 20.45
CA TYR A 300 -2.94 -16.71 21.69
C TYR A 300 -2.47 -18.05 22.25
N ILE A 301 -3.36 -19.02 22.22
CA ILE A 301 -3.08 -20.34 22.74
C ILE A 301 -1.97 -20.97 21.93
N ARG A 302 -2.23 -21.15 20.62
CA ARG A 302 -1.22 -21.72 19.71
C ARG A 302 0.19 -21.13 19.81
N SER A 303 0.31 -19.83 20.04
CA SER A 303 1.63 -19.20 20.25
C SER A 303 2.21 -19.69 21.56
N CYS A 304 1.36 -19.73 22.59
CA CYS A 304 1.74 -20.21 23.91
C CYS A 304 2.27 -21.65 23.82
N ILE A 305 1.64 -22.49 23.00
CA ILE A 305 2.11 -23.87 22.81
C ILE A 305 3.49 -23.92 22.18
N MET A 306 3.68 -23.15 21.10
CA MET A 306 4.92 -23.16 20.33
C MET A 306 6.09 -22.62 21.13
N LEU A 307 5.83 -21.52 21.83
CA LEU A 307 6.85 -20.89 22.66
C LEU A 307 7.13 -21.65 23.97
N GLY A 308 6.34 -22.69 24.28
CA GLY A 308 6.48 -23.45 25.53
C GLY A 308 6.10 -22.53 26.65
N ARG A 309 4.89 -21.99 26.55
CA ARG A 309 4.38 -21.03 27.52
C ARG A 309 3.00 -21.46 27.98
N MET A 310 2.66 -20.98 29.16
CA MET A 310 1.45 -21.39 29.83
C MET A 310 0.45 -20.26 29.61
N PRO A 311 -0.68 -20.55 28.94
CA PRO A 311 -1.61 -19.45 28.69
C PRO A 311 -2.09 -18.85 29.98
N ASN A 312 -2.18 -17.53 30.03
CA ASN A 312 -2.68 -16.78 31.19
C ASN A 312 -3.89 -15.94 30.79
N LEU A 313 -5.06 -16.53 31.05
CA LEU A 313 -6.35 -15.95 30.77
C LEU A 313 -6.88 -15.25 32.01
N MET A 314 -8.02 -14.56 31.87
CA MET A 314 -8.71 -13.93 32.98
C MET A 314 -10.21 -14.21 32.86
N LEU A 315 -10.87 -14.49 34.00
CA LEU A 315 -12.34 -14.50 34.03
C LEU A 315 -12.77 -13.09 34.19
N MET A 316 -13.55 -12.62 33.22
CA MET A 316 -14.10 -11.29 33.26
C MET A 316 -15.62 -11.42 33.19
N ALA A 317 -16.30 -10.74 34.11
CA ALA A 317 -17.75 -10.63 34.06
C ALA A 317 -18.21 -9.87 32.81
N LYS A 318 -19.18 -10.43 32.08
CA LYS A 318 -19.75 -9.76 30.92
C LYS A 318 -20.30 -8.34 31.15
N GLU A 319 -20.73 -8.04 32.37
CA GLU A 319 -21.25 -6.72 32.65
C GLU A 319 -20.16 -5.68 32.82
N SER A 320 -18.97 -6.10 33.25
CA SER A 320 -17.83 -5.18 33.22
C SER A 320 -17.31 -4.99 31.79
N LEU A 321 -17.60 -5.95 30.90
CA LEU A 321 -17.30 -5.83 29.46
C LEU A 321 -18.35 -5.01 28.69
N TYR A 322 -19.64 -5.29 28.91
CA TYR A 322 -20.73 -4.47 28.33
C TYR A 322 -20.94 -3.12 29.05
N SER A 323 -20.31 -2.95 30.21
CA SER A 323 -20.06 -1.62 30.75
C SER A 323 -19.27 -0.81 29.73
N GLN A 324 -18.04 -1.25 29.47
CA GLN A 324 -17.06 -0.51 28.64
C GLN A 324 -17.52 -0.25 27.20
N LEU A 325 -18.28 -1.16 26.60
CA LEU A 325 -18.76 -0.97 25.23
C LEU A 325 -19.78 0.16 25.17
N PRO A 326 -19.66 1.05 24.17
CA PRO A 326 -20.54 2.20 24.07
C PRO A 326 -21.81 1.88 23.27
N MET A 327 -22.54 2.91 22.82
CA MET A 327 -23.48 2.71 21.71
C MET A 327 -22.82 3.29 20.46
N ASP A 328 -22.87 2.50 19.38
CA ASP A 328 -22.25 2.86 18.09
C ASP A 328 -23.05 3.91 17.32
N CYS A 329 -24.38 3.90 17.47
CA CYS A 329 -25.25 5.03 17.15
C CYS A 329 -25.03 5.62 15.74
N PHE A 330 -25.36 4.85 14.70
CA PHE A 330 -25.17 5.32 13.31
C PHE A 330 -26.22 6.36 12.90
N THR A 331 -25.81 7.31 12.07
CA THR A 331 -26.69 8.39 11.56
C THR A 331 -26.55 8.54 10.05
N MET A 332 -27.67 8.80 9.39
CA MET A 332 -27.67 9.18 7.98
C MET A 332 -27.25 10.64 7.87
N PRO A 333 -26.32 10.93 6.96
CA PRO A 333 -25.83 12.29 6.80
C PRO A 333 -26.78 13.21 6.04
N SER A 334 -26.39 14.50 5.97
CA SER A 334 -27.19 15.55 5.33
C SER A 334 -27.39 15.35 3.83
N TYR A 335 -26.57 14.51 3.19
CA TYR A 335 -26.72 14.19 1.75
C TYR A 335 -27.61 12.94 1.54
N SER A 336 -28.83 13.01 2.10
CA SER A 336 -29.82 11.92 2.13
C SER A 336 -29.25 10.60 2.68
N THR A 350 -37.10 2.35 -22.93
CA THR A 350 -37.42 3.50 -22.10
C THR A 350 -36.63 4.76 -22.49
N SER A 351 -35.37 4.62 -22.94
CA SER A 351 -34.51 5.77 -23.25
C SER A 351 -33.51 5.56 -24.43
N THR A 352 -32.57 6.49 -24.63
CA THR A 352 -32.13 6.89 -25.99
C THR A 352 -31.34 5.93 -26.93
N LYS A 353 -30.42 5.07 -26.46
CA LYS A 353 -29.59 4.28 -27.44
C LYS A 353 -28.80 3.05 -26.92
N SER A 354 -28.54 2.07 -27.81
CA SER A 354 -27.63 0.94 -27.54
C SER A 354 -26.39 1.02 -28.43
N LEU A 355 -25.28 0.54 -27.89
CA LEU A 355 -24.01 0.65 -28.56
C LEU A 355 -24.03 -0.13 -29.83
N TRP A 356 -24.75 -1.26 -29.83
CA TRP A 356 -24.67 -2.22 -30.93
C TRP A 356 -25.35 -1.74 -32.25
N VAL A 357 -26.21 -0.72 -32.11
CA VAL A 357 -26.78 0.00 -33.26
C VAL A 357 -25.70 0.77 -34.01
N ILE A 358 -24.75 1.37 -33.28
CA ILE A 358 -23.78 2.35 -33.85
C ILE A 358 -22.94 1.66 -34.92
N ASN A 359 -23.10 2.11 -36.17
CA ASN A 359 -22.47 1.46 -37.31
C ASN A 359 -21.35 2.32 -37.86
N SER A 360 -20.37 2.61 -36.99
CA SER A 360 -19.08 3.18 -37.44
C SER A 360 -17.92 2.51 -36.69
N ALA A 361 -16.71 2.78 -37.16
CA ALA A 361 -15.50 2.42 -36.43
C ALA A 361 -15.21 3.52 -35.42
N LEU A 362 -14.16 3.34 -34.62
CA LEU A 362 -13.77 4.37 -33.67
C LEU A 362 -12.81 5.38 -34.28
N ARG A 363 -13.12 6.63 -34.03
CA ARG A 363 -12.21 7.71 -34.31
C ARG A 363 -12.31 8.73 -33.21
N ILE A 364 -11.14 9.21 -32.80
CA ILE A 364 -10.99 10.16 -31.72
C ILE A 364 -10.11 11.30 -32.22
N LYS A 365 -10.56 12.53 -31.94
CA LYS A 365 -9.83 13.72 -32.35
C LYS A 365 -8.86 14.25 -31.29
N ILE A 366 -7.58 14.33 -31.66
CA ILE A 366 -6.56 15.01 -30.87
C ILE A 366 -6.68 16.49 -31.25
N LEU A 367 -6.57 17.40 -30.28
CA LEU A 367 -6.64 18.86 -30.56
C LEU A 367 -5.34 19.65 -30.21
N CYS A 368 -5.07 19.86 -28.92
CA CYS A 368 -3.96 20.71 -28.52
C CYS A 368 -3.45 20.46 -27.10
N ALA A 369 -2.25 19.90 -27.01
CA ALA A 369 -1.53 19.89 -25.74
C ALA A 369 -0.90 21.26 -25.57
N THR A 370 -0.98 21.80 -24.35
CA THR A 370 -0.68 23.22 -24.09
C THR A 370 0.64 23.45 -23.33
N TYR A 371 0.80 22.77 -22.20
CA TYR A 371 1.83 23.10 -21.20
C TYR A 371 3.01 22.12 -21.28
N VAL A 372 3.61 21.98 -22.47
CA VAL A 372 4.67 20.98 -22.68
C VAL A 372 6.08 21.60 -22.60
N ASN A 373 6.89 21.10 -21.65
CA ASN A 373 8.18 21.69 -21.29
C ASN A 373 9.35 20.91 -21.91
N VAL A 374 9.85 21.38 -23.05
CA VAL A 374 10.84 20.65 -23.87
C VAL A 374 11.93 21.58 -24.39
N ASN A 375 13.18 21.08 -24.39
CA ASN A 375 14.32 21.79 -24.99
C ASN A 375 14.31 21.68 -26.50
N ILE A 376 14.05 22.80 -27.17
CA ILE A 376 14.02 22.85 -28.63
C ILE A 376 15.39 22.48 -29.23
N ARG A 377 16.45 22.76 -28.46
CA ARG A 377 17.81 22.39 -28.82
C ARG A 377 17.98 20.87 -28.82
N ASP A 378 17.48 20.22 -27.78
CA ASP A 378 17.68 18.79 -27.61
C ASP A 378 16.78 17.98 -28.58
N ILE A 379 15.47 18.20 -28.51
CA ILE A 379 14.48 17.34 -29.16
C ILE A 379 14.17 17.82 -30.59
N ASP A 380 14.01 16.87 -31.52
CA ASP A 380 13.59 17.16 -32.91
C ASP A 380 12.09 17.45 -32.95
N LYS A 381 11.31 16.42 -32.64
CA LYS A 381 9.88 16.41 -32.95
C LYS A 381 9.05 15.62 -31.94
N ILE A 382 7.81 16.10 -31.72
CA ILE A 382 6.85 15.49 -30.78
C ILE A 382 5.44 15.26 -31.35
N TYR A 383 4.84 14.13 -30.96
CA TYR A 383 3.55 13.62 -31.46
C TYR A 383 2.77 12.95 -30.35
N VAL A 384 1.51 12.63 -30.61
CA VAL A 384 0.66 11.89 -29.66
C VAL A 384 0.45 10.45 -30.07
N ARG A 385 1.12 9.52 -29.40
CA ARG A 385 0.80 8.10 -29.58
C ARG A 385 -0.54 7.84 -28.87
N THR A 386 -1.35 6.94 -29.45
CA THR A 386 -2.68 6.54 -28.90
C THR A 386 -2.97 5.04 -29.09
N GLY A 387 -3.86 4.52 -28.26
CA GLY A 387 -4.35 3.15 -28.39
C GLY A 387 -5.60 2.90 -27.59
N ILE A 388 -6.30 1.82 -27.92
CA ILE A 388 -7.41 1.34 -27.10
C ILE A 388 -6.88 0.11 -26.39
N TYR A 389 -7.34 -0.13 -25.15
CA TYR A 389 -6.86 -1.24 -24.29
C TYR A 389 -7.96 -1.98 -23.49
N HIS A 390 -7.54 -3.14 -22.95
CA HIS A 390 -8.27 -3.93 -21.95
C HIS A 390 -7.24 -4.51 -20.89
N GLY A 391 -6.25 -3.71 -20.46
CA GLY A 391 -4.98 -4.27 -19.93
C GLY A 391 -3.97 -4.65 -21.06
N GLY A 392 -4.32 -5.61 -21.93
CA GLY A 392 -3.70 -5.77 -23.30
C GLY A 392 -4.65 -5.24 -24.40
N GLU A 393 -4.15 -4.86 -25.59
CA GLU A 393 -4.90 -3.95 -26.57
C GLU A 393 -5.84 -4.56 -27.66
N PRO A 394 -7.07 -3.96 -27.94
CA PRO A 394 -7.94 -4.50 -29.01
C PRO A 394 -7.76 -4.00 -30.46
N LEU A 395 -6.62 -3.37 -30.80
CA LEU A 395 -6.30 -3.01 -32.21
C LEU A 395 -4.86 -2.58 -32.39
N CYS A 396 -4.37 -2.63 -33.61
CA CYS A 396 -3.03 -2.13 -33.91
C CYS A 396 -2.92 -0.69 -33.44
N ASP A 397 -1.88 -0.43 -32.66
CA ASP A 397 -1.63 0.87 -32.05
C ASP A 397 -1.30 1.89 -33.12
N ASN A 398 -1.73 3.14 -32.93
CA ASN A 398 -1.38 4.20 -33.88
C ASN A 398 -0.90 5.47 -33.18
N VAL A 399 -0.42 6.41 -34.00
CA VAL A 399 0.09 7.69 -33.52
C VAL A 399 -0.73 8.78 -34.22
N ASN A 400 -0.19 9.99 -34.27
CA ASN A 400 -0.57 10.95 -35.29
C ASN A 400 0.70 11.54 -35.90
N THR A 401 0.58 12.25 -37.03
CA THR A 401 1.76 12.80 -37.75
C THR A 401 2.45 13.84 -36.87
N GLN A 402 3.78 13.94 -36.99
CA GLN A 402 4.68 14.67 -36.05
C GLN A 402 4.59 16.22 -36.18
N ARG A 403 3.40 16.78 -35.98
CA ARG A 403 3.08 18.17 -36.36
C ARG A 403 3.35 19.21 -35.24
N VAL A 404 3.37 20.49 -35.66
CA VAL A 404 3.93 21.68 -34.93
C VAL A 404 4.95 21.33 -33.81
N PRO A 405 6.02 20.60 -34.18
CA PRO A 405 6.90 19.97 -33.19
C PRO A 405 7.54 20.91 -32.19
N CYS A 406 7.88 20.37 -31.03
CA CYS A 406 8.68 21.04 -29.99
C CYS A 406 8.34 22.49 -29.58
N SER A 407 7.29 23.10 -30.13
CA SER A 407 7.06 24.54 -29.93
C SER A 407 5.62 24.85 -30.24
N ASN A 408 4.84 25.00 -29.17
CA ASN A 408 3.39 25.16 -29.27
C ASN A 408 2.73 24.11 -30.22
N PRO A 409 2.74 22.81 -29.82
CA PRO A 409 2.18 21.70 -30.61
C PRO A 409 0.65 21.61 -30.61
N ARG A 410 0.09 21.49 -31.82
CA ARG A 410 -1.35 21.48 -32.06
C ARG A 410 -1.56 20.58 -33.29
N TRP A 411 -2.25 19.45 -33.09
CA TRP A 411 -2.62 18.52 -34.17
C TRP A 411 -4.12 18.65 -34.25
N ASN A 412 -4.71 18.55 -35.43
CA ASN A 412 -6.16 18.54 -35.54
C ASN A 412 -6.62 17.39 -36.40
N GLU A 413 -6.36 16.20 -35.88
CA GLU A 413 -6.48 14.96 -36.63
C GLU A 413 -7.48 14.03 -35.96
N TRP A 414 -8.49 13.60 -36.72
CA TRP A 414 -9.25 12.41 -36.36
C TRP A 414 -8.30 11.23 -36.52
N LEU A 415 -8.02 10.54 -35.42
CA LEU A 415 -7.31 9.27 -35.51
C LEU A 415 -8.33 8.15 -35.79
N ASN A 416 -7.92 7.18 -36.62
CA ASN A 416 -8.82 6.12 -37.07
C ASN A 416 -8.31 4.75 -36.59
N TYR A 417 -9.11 4.13 -35.71
CA TYR A 417 -8.76 2.89 -35.03
C TYR A 417 -9.55 1.76 -35.67
N ASP A 418 -8.85 0.77 -36.24
CA ASP A 418 -9.52 -0.39 -36.87
C ASP A 418 -10.24 -1.30 -35.85
N ILE A 419 -11.44 -0.86 -35.45
CA ILE A 419 -12.33 -1.67 -34.62
C ILE A 419 -13.75 -1.16 -34.72
N TYR A 420 -14.74 -2.04 -34.85
CA TYR A 420 -16.13 -1.57 -34.88
C TYR A 420 -16.54 -1.15 -33.48
N ILE A 421 -17.35 -0.11 -33.38
CA ILE A 421 -17.86 0.41 -32.12
C ILE A 421 -18.69 -0.60 -31.29
N PRO A 422 -19.45 -1.52 -31.92
CA PRO A 422 -20.07 -2.58 -31.10
C PRO A 422 -19.11 -3.62 -30.49
N ASP A 423 -17.91 -3.72 -31.04
CA ASP A 423 -16.89 -4.64 -30.53
C ASP A 423 -15.98 -4.05 -29.43
N LEU A 424 -16.26 -2.84 -28.97
CA LEU A 424 -15.62 -2.32 -27.78
C LEU A 424 -16.19 -3.04 -26.56
N PRO A 425 -15.32 -3.64 -25.74
CA PRO A 425 -15.78 -4.32 -24.51
C PRO A 425 -16.15 -3.33 -23.42
N ARG A 426 -16.94 -3.75 -22.43
CA ARG A 426 -17.41 -2.82 -21.37
C ARG A 426 -16.31 -1.97 -20.75
N ALA A 427 -15.15 -2.58 -20.55
CA ALA A 427 -14.08 -1.96 -19.82
C ALA A 427 -13.04 -1.43 -20.77
N ALA A 428 -13.45 -0.89 -21.90
CA ALA A 428 -12.47 -0.50 -22.89
C ALA A 428 -11.95 0.85 -22.47
N ARG A 429 -10.66 1.06 -22.73
CA ARG A 429 -9.98 2.27 -22.29
C ARG A 429 -9.06 2.79 -23.40
N LEU A 430 -9.14 4.10 -23.64
CA LEU A 430 -8.16 4.83 -24.44
C LEU A 430 -6.93 5.09 -23.56
N CYS A 431 -5.76 4.72 -24.06
CA CYS A 431 -4.49 5.13 -23.42
C CYS A 431 -3.72 5.95 -24.40
N LEU A 432 -3.20 7.09 -23.95
CA LEU A 432 -2.48 8.00 -24.83
C LEU A 432 -1.28 8.63 -24.12
N SER A 433 -0.48 9.35 -24.90
CA SER A 433 0.81 9.91 -24.46
C SER A 433 1.45 10.80 -25.52
N ILE A 434 2.04 11.92 -25.09
CA ILE A 434 2.87 12.75 -25.97
C ILE A 434 4.30 12.18 -25.93
N CYS A 435 5.00 12.18 -27.06
CA CYS A 435 6.33 11.54 -27.16
C CYS A 435 7.39 12.40 -27.90
N SER A 436 8.63 11.91 -27.98
CA SER A 436 9.78 12.64 -28.57
C SER A 436 10.63 11.77 -29.50
N VAL A 437 11.00 12.30 -30.65
CA VAL A 437 12.00 11.67 -31.54
C VAL A 437 13.10 12.67 -31.87
N HIS A 447 12.71 8.10 -29.80
CA HIS A 447 11.41 7.62 -29.34
C HIS A 447 11.31 7.63 -27.79
N CYS A 448 10.50 8.54 -27.25
CA CYS A 448 10.62 8.89 -25.82
C CYS A 448 9.41 9.63 -25.22
N PRO A 449 8.70 9.00 -24.26
CA PRO A 449 7.46 9.61 -23.72
C PRO A 449 7.68 10.85 -22.85
N LEU A 450 6.98 11.94 -23.13
CA LEU A 450 6.96 13.11 -22.22
C LEU A 450 5.95 12.98 -21.06
N ALA A 451 4.67 12.81 -21.42
CA ALA A 451 3.54 12.71 -20.46
C ALA A 451 2.69 11.48 -20.79
N TRP A 452 1.61 11.26 -20.04
CA TRP A 452 0.60 10.24 -20.39
C TRP A 452 -0.72 10.43 -19.63
N GLY A 453 -1.75 9.75 -20.08
CA GLY A 453 -3.05 9.74 -19.41
C GLY A 453 -3.99 8.81 -20.13
N ASN A 454 -4.85 8.12 -19.39
CA ASN A 454 -5.78 7.16 -20.00
C ASN A 454 -7.21 7.47 -19.60
N ILE A 455 -8.16 7.46 -20.54
CA ILE A 455 -9.60 7.61 -20.21
C ILE A 455 -10.41 6.33 -20.47
N ASN A 456 -11.41 6.09 -19.63
CA ASN A 456 -12.39 5.04 -19.86
C ASN A 456 -13.32 5.49 -20.97
N LEU A 457 -13.52 4.61 -21.96
CA LEU A 457 -14.38 4.93 -23.10
C LEU A 457 -15.82 4.88 -22.71
N PHE A 458 -16.13 4.25 -21.60
CA PHE A 458 -17.44 4.37 -20.98
C PHE A 458 -17.34 4.98 -19.60
N ASP A 459 -18.38 5.71 -19.20
CA ASP A 459 -18.48 6.25 -17.85
C ASP A 459 -19.17 5.23 -16.93
N TYR A 460 -19.25 5.59 -15.66
CA TYR A 460 -19.86 4.76 -14.66
C TYR A 460 -21.34 4.40 -14.91
N THR A 461 -22.09 5.23 -15.62
CA THR A 461 -23.49 4.93 -16.02
C THR A 461 -23.62 4.09 -17.32
N ASP A 462 -22.53 3.46 -17.77
CA ASP A 462 -22.45 2.68 -19.03
C ASP A 462 -22.44 3.48 -20.33
N THR A 463 -22.34 4.80 -20.23
CA THR A 463 -22.50 5.70 -21.38
C THR A 463 -21.21 5.93 -22.20
N LEU A 464 -21.24 5.52 -23.47
CA LEU A 464 -20.11 5.76 -24.39
C LEU A 464 -19.67 7.24 -24.36
N VAL A 465 -18.36 7.45 -24.32
CA VAL A 465 -17.78 8.79 -24.21
C VAL A 465 -17.86 9.53 -25.56
N SER A 466 -18.61 10.64 -25.57
CA SER A 466 -18.77 11.49 -26.75
C SER A 466 -18.70 12.93 -26.34
N GLY A 467 -17.99 13.76 -27.09
CA GLY A 467 -17.85 15.19 -26.78
C GLY A 467 -16.41 15.67 -26.64
N LYS A 468 -16.21 16.72 -25.85
CA LYS A 468 -14.88 17.29 -25.60
C LYS A 468 -14.39 17.07 -24.16
N MET A 469 -13.19 16.49 -24.01
CA MET A 469 -12.59 16.19 -22.70
C MET A 469 -11.28 16.94 -22.50
N ALA A 470 -11.03 17.36 -21.27
CA ALA A 470 -9.81 18.08 -20.90
C ALA A 470 -8.93 17.21 -20.00
N LEU A 471 -8.12 16.35 -20.62
CA LEU A 471 -7.26 15.45 -19.88
C LEU A 471 -5.95 16.15 -19.54
N ASN A 472 -5.69 16.29 -18.23
CA ASN A 472 -4.39 16.71 -17.70
C ASN A 472 -3.54 15.47 -17.46
N LEU A 473 -2.27 15.51 -17.85
CA LEU A 473 -1.44 14.29 -17.88
C LEU A 473 -0.50 14.04 -16.68
N TRP A 474 0.00 12.80 -16.64
CA TRP A 474 0.91 12.30 -15.63
C TRP A 474 2.32 12.19 -16.19
N PRO A 475 3.37 12.59 -15.44
CA PRO A 475 4.75 12.37 -15.90
C PRO A 475 5.19 10.92 -15.75
N VAL A 476 6.02 10.44 -16.67
CA VAL A 476 6.43 9.03 -16.66
C VAL A 476 7.22 8.69 -15.39
N PRO A 477 7.00 7.48 -14.84
CA PRO A 477 7.80 7.04 -13.69
C PRO A 477 9.24 6.63 -14.02
N HIS A 478 9.93 6.12 -13.00
CA HIS A 478 11.32 5.65 -13.11
C HIS A 478 11.47 4.48 -14.10
N GLY A 479 10.90 3.33 -13.74
CA GLY A 479 11.08 2.08 -14.47
C GLY A 479 10.47 2.07 -15.86
N LEU A 480 9.39 2.83 -16.07
CA LEU A 480 8.71 2.87 -17.36
C LEU A 480 9.47 3.68 -18.42
N GLU A 481 10.10 2.96 -19.34
CA GLU A 481 10.70 3.53 -20.57
C GLU A 481 9.76 3.49 -21.77
N ASP A 482 8.85 2.51 -21.81
CA ASP A 482 7.86 2.33 -22.89
C ASP A 482 7.04 3.57 -23.18
N LEU A 483 6.47 3.62 -24.38
CA LEU A 483 5.77 4.81 -24.86
C LEU A 483 4.51 5.19 -24.08
N LEU A 484 3.62 4.23 -23.87
CA LEU A 484 2.23 4.57 -23.58
C LEU A 484 1.69 4.33 -22.16
N ASN A 485 2.13 3.28 -21.47
CA ASN A 485 1.67 3.00 -20.09
C ASN A 485 0.13 2.86 -19.96
N PRO A 486 -0.42 1.65 -20.14
CA PRO A 486 -1.86 1.35 -20.02
C PRO A 486 -2.31 0.79 -18.66
N ILE A 487 -1.40 0.18 -17.90
CA ILE A 487 -1.69 -0.26 -16.53
C ILE A 487 -1.76 0.96 -15.59
N GLY A 488 -1.29 2.12 -16.07
CA GLY A 488 -1.48 3.41 -15.39
C GLY A 488 -2.93 3.79 -15.07
N VAL A 489 -3.09 4.61 -14.04
CA VAL A 489 -4.41 5.02 -13.56
C VAL A 489 -5.30 5.70 -14.62
N THR A 490 -6.50 5.13 -14.69
CA THR A 490 -7.58 5.66 -15.48
C THR A 490 -8.07 7.00 -14.89
N GLY A 491 -7.92 8.05 -15.69
CA GLY A 491 -8.43 9.38 -15.35
C GLY A 491 -7.38 10.44 -15.62
N SER A 492 -7.81 11.70 -15.48
CA SER A 492 -6.90 12.87 -15.53
C SER A 492 -6.08 13.03 -14.24
N ASN A 493 -4.93 13.70 -14.34
CA ASN A 493 -4.28 14.29 -13.16
C ASN A 493 -5.17 15.42 -12.56
N PRO A 494 -5.24 15.52 -11.22
CA PRO A 494 -5.91 16.70 -10.68
C PRO A 494 -5.02 17.95 -10.76
N ASN A 495 -3.71 17.77 -10.57
CA ASN A 495 -2.71 18.86 -10.74
C ASN A 495 -2.91 19.63 -12.05
N LYS A 496 -3.31 20.90 -11.92
CA LYS A 496 -3.62 21.76 -13.07
C LYS A 496 -2.42 22.01 -13.98
N GLU A 497 -1.33 22.55 -13.42
CA GLU A 497 -0.17 22.94 -14.23
C GLU A 497 0.68 21.73 -14.67
N THR A 498 0.06 20.88 -15.51
CA THR A 498 0.67 19.76 -16.22
C THR A 498 0.19 19.80 -17.67
N PRO A 499 0.82 19.01 -18.56
CA PRO A 499 0.32 18.84 -19.94
C PRO A 499 -1.20 18.53 -20.03
N CYS A 500 -1.98 19.54 -20.43
CA CYS A 500 -3.44 19.45 -20.48
C CYS A 500 -3.90 19.17 -21.92
N LEU A 501 -3.67 17.94 -22.39
CA LEU A 501 -4.04 17.57 -23.77
C LEU A 501 -5.56 17.38 -23.94
N GLU A 502 -6.25 18.40 -24.47
CA GLU A 502 -7.70 18.28 -24.73
C GLU A 502 -7.92 17.53 -26.05
N LEU A 503 -9.16 17.10 -26.27
CA LEU A 503 -9.51 16.21 -27.39
C LEU A 503 -11.04 16.14 -27.60
N GLU A 504 -11.46 15.50 -28.70
CA GLU A 504 -12.88 15.42 -29.09
C GLU A 504 -13.27 13.99 -29.51
N PHE A 505 -14.41 13.54 -29.00
CA PHE A 505 -15.00 12.23 -29.28
C PHE A 505 -16.23 12.30 -30.17
N ASP A 506 -16.35 11.31 -31.06
CA ASP A 506 -17.40 11.26 -32.08
C ASP A 506 -18.81 11.26 -31.41
N TRP A 507 -19.67 12.16 -31.86
CA TRP A 507 -21.02 12.32 -31.28
C TRP A 507 -22.10 11.73 -32.20
N PHE A 508 -22.93 10.84 -31.66
CA PHE A 508 -23.90 10.08 -32.46
C PHE A 508 -25.35 10.41 -32.09
N SER A 509 -25.65 11.71 -32.03
CA SER A 509 -27.04 12.20 -31.92
C SER A 509 -27.92 11.57 -30.82
N SER A 510 -27.28 11.09 -29.76
CA SER A 510 -27.92 10.35 -28.67
C SER A 510 -26.83 9.89 -27.72
N VAL A 511 -27.17 9.78 -26.43
CA VAL A 511 -26.25 9.13 -25.48
C VAL A 511 -26.21 7.63 -25.76
N VAL A 512 -25.08 7.17 -26.30
CA VAL A 512 -24.88 5.75 -26.64
C VAL A 512 -24.50 5.00 -25.37
N LYS A 513 -25.29 3.97 -25.05
CA LYS A 513 -25.06 3.16 -23.84
C LYS A 513 -24.67 1.70 -24.15
N PHE A 514 -24.05 1.03 -23.18
CA PHE A 514 -23.67 -0.37 -23.32
C PHE A 514 -24.90 -1.23 -23.11
N PRO A 515 -25.01 -2.37 -23.85
CA PRO A 515 -26.11 -3.34 -23.74
C PRO A 515 -26.50 -3.73 -22.33
N ASP A 516 -27.76 -4.14 -22.13
CA ASP A 516 -28.17 -4.84 -20.90
C ASP A 516 -27.51 -6.22 -20.90
N MET A 517 -27.67 -6.97 -19.81
CA MET A 517 -27.07 -8.31 -19.75
C MET A 517 -28.02 -9.29 -20.40
N SER A 518 -29.31 -9.18 -20.02
CA SER A 518 -30.43 -9.81 -20.75
C SER A 518 -30.23 -9.84 -22.28
N VAL A 519 -29.72 -8.74 -22.83
CA VAL A 519 -29.42 -8.61 -24.26
C VAL A 519 -28.13 -9.29 -24.70
N ILE A 520 -27.09 -9.22 -23.89
CA ILE A 520 -25.83 -9.90 -24.21
C ILE A 520 -26.04 -11.41 -24.13
N GLU A 521 -26.88 -11.84 -23.16
CA GLU A 521 -27.34 -13.23 -23.07
C GLU A 521 -27.95 -13.72 -24.37
N GLU A 522 -28.97 -13.02 -24.83
CA GLU A 522 -29.67 -13.41 -26.07
C GLU A 522 -28.71 -13.50 -27.24
N HIS A 523 -27.82 -12.53 -27.36
CA HIS A 523 -26.86 -12.55 -28.45
C HIS A 523 -25.91 -13.73 -28.38
N ALA A 524 -25.58 -14.18 -27.18
CA ALA A 524 -24.75 -15.38 -27.02
C ALA A 524 -25.55 -16.61 -27.43
N ASN A 525 -26.73 -16.79 -26.82
CA ASN A 525 -27.65 -17.91 -27.14
C ASN A 525 -27.83 -18.10 -28.64
N TRP A 526 -27.87 -16.99 -29.36
CA TRP A 526 -27.82 -16.99 -30.82
C TRP A 526 -26.40 -17.29 -31.34
N SER A 527 -25.37 -16.64 -30.81
CA SER A 527 -23.98 -16.88 -31.27
C SER A 527 -23.50 -18.32 -31.15
N VAL A 528 -24.04 -19.08 -30.19
CA VAL A 528 -23.68 -20.49 -30.00
C VAL A 528 -24.46 -21.36 -30.98
N SER A 529 -25.78 -21.23 -30.95
CA SER A 529 -26.67 -21.95 -31.88
C SER A 529 -26.27 -21.78 -33.36
N ARG A 530 -25.74 -20.61 -33.70
CA ARG A 530 -25.26 -20.31 -35.04
C ARG A 530 -24.01 -21.13 -35.41
N GLU A 531 -23.04 -21.20 -34.48
CA GLU A 531 -21.82 -22.03 -34.65
C GLU A 531 -22.11 -23.52 -34.88
N ALA A 532 -23.13 -24.04 -34.19
CA ALA A 532 -23.55 -25.45 -34.34
C ALA A 532 -23.97 -25.88 -35.75
N GLY A 533 -24.19 -24.91 -36.66
CA GLY A 533 -24.51 -25.16 -38.08
C GLY A 533 -23.48 -24.69 -39.10
N PHE A 534 -22.39 -24.07 -38.63
CA PHE A 534 -21.21 -23.79 -39.48
C PHE A 534 -20.68 -25.14 -39.92
N SER A 535 -20.04 -25.20 -41.08
CA SER A 535 -20.04 -26.46 -41.81
C SER A 535 -18.72 -27.13 -42.08
N TYR A 536 -18.76 -28.46 -41.88
CA TYR A 536 -17.65 -29.41 -41.97
C TYR A 536 -16.30 -28.72 -41.82
N SER A 537 -15.47 -28.66 -42.87
CA SER A 537 -14.23 -27.92 -42.83
C SER A 537 -14.44 -26.49 -42.35
N HIS A 538 -13.87 -26.23 -41.18
CA HIS A 538 -13.40 -24.91 -40.84
C HIS A 538 -11.94 -25.02 -40.41
N ALA A 539 -11.04 -24.71 -41.35
CA ALA A 539 -9.64 -24.39 -41.09
C ALA A 539 -9.58 -23.01 -40.44
N GLY A 540 -8.55 -22.78 -39.63
CA GLY A 540 -8.72 -21.91 -38.48
C GLY A 540 -9.80 -22.59 -37.67
N LEU A 541 -9.57 -23.88 -37.37
CA LEU A 541 -10.43 -24.69 -36.50
C LEU A 541 -10.40 -23.96 -35.17
N SER A 542 -9.18 -23.66 -34.73
CA SER A 542 -8.83 -22.67 -33.70
C SER A 542 -9.96 -22.25 -32.75
N ASN A 543 -10.94 -21.52 -33.27
CA ASN A 543 -12.00 -20.96 -32.45
C ASN A 543 -13.26 -21.83 -32.31
N ARG A 544 -13.29 -23.04 -32.90
CA ARG A 544 -14.41 -23.98 -32.72
C ARG A 544 -14.00 -25.47 -32.67
N LEU A 545 -14.72 -26.22 -31.82
CA LEU A 545 -14.42 -27.62 -31.47
C LEU A 545 -14.29 -28.59 -32.65
N ALA A 546 -15.40 -28.84 -33.35
CA ALA A 546 -15.55 -29.95 -34.33
C ALA A 546 -15.55 -31.36 -33.71
N ARG A 547 -15.01 -31.51 -32.49
CA ARG A 547 -15.02 -32.78 -31.75
C ARG A 547 -16.35 -32.99 -31.04
N ASP A 548 -17.07 -31.90 -30.77
CA ASP A 548 -18.47 -31.96 -30.34
C ASP A 548 -18.51 -32.40 -28.86
N ASN A 549 -19.58 -33.09 -28.45
CA ASN A 549 -19.68 -33.69 -27.10
C ASN A 549 -18.57 -34.67 -26.73
N GLU A 550 -17.90 -35.25 -27.74
CA GLU A 550 -16.76 -36.16 -27.52
C GLU A 550 -15.42 -35.55 -27.98
N LEU A 551 -14.64 -35.04 -27.02
CA LEU A 551 -13.28 -34.52 -27.27
C LEU A 551 -12.26 -35.65 -27.12
N ARG A 552 -10.99 -35.35 -27.41
CA ARG A 552 -9.89 -36.32 -27.24
C ARG A 552 -9.34 -36.26 -25.79
N GLU A 553 -8.74 -37.36 -25.34
CA GLU A 553 -8.14 -37.49 -23.99
C GLU A 553 -6.70 -36.93 -23.91
N ASN A 554 -6.00 -36.86 -25.04
CA ASN A 554 -4.72 -36.15 -25.13
C ASN A 554 -4.90 -34.64 -24.95
N ASP A 555 -6.04 -34.14 -25.43
CA ASP A 555 -6.47 -32.75 -25.20
C ASP A 555 -6.71 -32.53 -23.71
N LYS A 556 -7.63 -33.30 -23.13
CA LYS A 556 -8.08 -33.14 -21.73
C LYS A 556 -6.96 -33.13 -20.67
N GLU A 557 -5.79 -33.69 -21.02
CA GLU A 557 -4.59 -33.65 -20.17
C GLU A 557 -3.63 -32.53 -20.54
N GLN A 558 -3.67 -32.05 -21.80
CA GLN A 558 -2.96 -30.81 -22.18
C GLN A 558 -3.66 -29.54 -21.68
N LEU A 559 -4.95 -29.63 -21.31
CA LEU A 559 -5.65 -28.51 -20.68
C LEU A 559 -5.27 -28.37 -19.21
N LYS A 560 -5.38 -29.46 -18.45
CA LYS A 560 -4.98 -29.46 -17.04
C LYS A 560 -3.48 -29.17 -16.89
N ALA A 561 -2.72 -29.49 -17.94
CA ALA A 561 -1.30 -29.08 -18.07
C ALA A 561 -1.10 -27.57 -18.18
N ILE A 562 -2.04 -26.90 -18.83
CA ILE A 562 -2.06 -25.43 -18.90
C ILE A 562 -2.49 -24.86 -17.56
N SER A 563 -3.58 -25.41 -17.01
CA SER A 563 -4.14 -25.01 -15.72
C SER A 563 -3.11 -24.93 -14.57
N THR A 564 -2.12 -25.83 -14.58
CA THR A 564 -1.04 -25.81 -13.56
C THR A 564 -0.15 -24.58 -13.68
N ARG A 565 0.13 -24.15 -14.91
CA ARG A 565 1.06 -23.06 -15.19
C ARG A 565 0.73 -21.75 -14.48
N ASP A 566 1.77 -21.06 -14.01
CA ASP A 566 1.61 -19.80 -13.27
C ASP A 566 1.05 -18.69 -14.17
N PRO A 567 0.71 -17.52 -13.58
CA PRO A 567 0.20 -16.44 -14.40
C PRO A 567 1.19 -15.86 -15.42
N LEU A 568 2.49 -15.87 -15.11
CA LEU A 568 3.50 -15.29 -16.02
C LEU A 568 4.08 -16.19 -17.14
N SER A 569 3.78 -17.48 -17.11
CA SER A 569 4.07 -18.35 -18.27
C SER A 569 3.09 -17.95 -19.39
N GLU A 570 3.55 -17.06 -20.28
CA GLU A 570 2.69 -16.47 -21.30
C GLU A 570 2.18 -17.54 -22.28
N ILE A 571 0.92 -17.39 -22.66
CA ILE A 571 0.21 -18.39 -23.44
C ILE A 571 0.31 -18.05 -24.93
N THR A 572 0.42 -19.07 -25.77
CA THR A 572 0.52 -18.89 -27.23
C THR A 572 -0.85 -18.76 -27.89
N GLU A 573 -0.85 -18.27 -29.13
CA GLU A 573 -2.06 -18.18 -29.95
C GLU A 573 -2.75 -19.55 -30.13
N GLN A 574 -1.92 -20.59 -30.30
CA GLN A 574 -2.41 -21.96 -30.44
C GLN A 574 -3.12 -22.39 -29.17
N GLU A 575 -2.41 -22.29 -28.06
CA GLU A 575 -2.98 -22.60 -26.75
C GLU A 575 -4.23 -21.76 -26.47
N LYS A 576 -4.18 -20.47 -26.80
CA LYS A 576 -5.31 -19.55 -26.59
C LYS A 576 -6.50 -20.05 -27.35
N ASP A 577 -6.32 -20.24 -28.65
CA ASP A 577 -7.42 -20.71 -29.48
C ASP A 577 -7.89 -22.09 -29.03
N PHE A 578 -6.92 -22.98 -28.79
CA PHE A 578 -7.19 -24.31 -28.22
C PHE A 578 -8.08 -24.20 -26.99
N LEU A 579 -7.70 -23.32 -26.06
CA LEU A 579 -8.56 -23.05 -24.89
C LEU A 579 -9.94 -22.59 -25.36
N TRP A 580 -9.97 -21.48 -26.10
CA TRP A 580 -11.21 -20.78 -26.47
C TRP A 580 -12.25 -21.73 -27.14
N SER A 581 -11.79 -22.67 -27.94
CA SER A 581 -12.69 -23.68 -28.53
C SER A 581 -13.28 -24.60 -27.48
N HIS A 582 -12.42 -25.09 -26.58
CA HIS A 582 -12.82 -26.06 -25.59
C HIS A 582 -13.39 -25.45 -24.32
N ARG A 583 -13.56 -24.12 -24.30
CA ARG A 583 -14.18 -23.36 -23.18
C ARG A 583 -15.29 -24.07 -22.38
N HIS A 584 -16.08 -24.88 -23.08
CA HIS A 584 -17.18 -25.60 -22.43
C HIS A 584 -16.69 -26.81 -21.61
N TYR A 585 -15.62 -27.47 -22.04
CA TYR A 585 -14.96 -28.46 -21.18
C TYR A 585 -14.11 -27.77 -20.09
N CYS A 586 -13.73 -26.51 -20.31
CA CYS A 586 -13.03 -25.74 -19.27
C CYS A 586 -13.85 -25.49 -18.00
N VAL A 587 -15.16 -25.69 -18.03
CA VAL A 587 -15.96 -25.70 -16.80
C VAL A 587 -15.60 -26.87 -15.85
N THR A 588 -15.19 -28.01 -16.40
CA THR A 588 -14.63 -29.11 -15.58
C THR A 588 -13.48 -28.68 -14.68
N ILE A 589 -12.64 -27.78 -15.19
CA ILE A 589 -11.44 -27.32 -14.53
C ILE A 589 -11.57 -25.83 -14.21
N PRO A 590 -12.45 -25.46 -13.26
CA PRO A 590 -12.65 -24.04 -12.93
C PRO A 590 -11.37 -23.21 -12.86
N GLU A 591 -10.32 -23.81 -12.27
CA GLU A 591 -9.01 -23.18 -12.04
C GLU A 591 -8.34 -22.65 -13.32
N ILE A 592 -8.73 -23.18 -14.48
CA ILE A 592 -8.27 -22.67 -15.77
C ILE A 592 -8.70 -21.21 -16.06
N LEU A 593 -9.83 -20.76 -15.49
CA LEU A 593 -10.48 -19.46 -15.82
C LEU A 593 -9.60 -18.25 -16.23
N PRO A 594 -8.56 -17.90 -15.45
CA PRO A 594 -7.62 -16.80 -15.83
C PRO A 594 -6.99 -16.95 -17.20
N LYS A 595 -6.61 -18.19 -17.53
CA LYS A 595 -5.99 -18.53 -18.82
C LYS A 595 -7.06 -18.40 -19.92
N LEU A 596 -8.27 -18.86 -19.62
CA LEU A 596 -9.39 -18.81 -20.54
C LEU A 596 -9.77 -17.37 -20.82
N LEU A 597 -9.93 -16.60 -19.75
CA LEU A 597 -10.27 -15.18 -19.86
C LEU A 597 -9.26 -14.38 -20.67
N LEU A 598 -7.98 -14.73 -20.56
CA LEU A 598 -6.94 -14.10 -21.35
C LEU A 598 -6.93 -14.61 -22.78
N SER A 599 -7.56 -15.75 -23.04
CA SER A 599 -7.68 -16.29 -24.39
C SER A 599 -8.96 -15.87 -25.12
N VAL A 600 -9.75 -14.95 -24.55
CA VAL A 600 -10.86 -14.36 -25.27
C VAL A 600 -10.33 -13.24 -26.16
N LYS A 601 -10.95 -13.08 -27.32
CA LYS A 601 -10.76 -11.94 -28.21
C LYS A 601 -11.71 -10.87 -27.71
N TRP A 602 -11.20 -9.95 -26.89
CA TRP A 602 -12.05 -8.94 -26.25
C TRP A 602 -12.56 -7.88 -27.25
N ASN A 603 -11.80 -7.73 -28.35
CA ASN A 603 -12.31 -7.12 -29.60
C ASN A 603 -13.37 -7.87 -30.43
N SER A 604 -13.91 -9.00 -29.97
CA SER A 604 -14.99 -9.68 -30.70
C SER A 604 -16.18 -9.96 -29.81
N ARG A 605 -17.17 -9.07 -29.85
CA ARG A 605 -18.32 -9.17 -28.93
C ARG A 605 -19.03 -10.52 -28.99
N ASP A 606 -18.98 -11.19 -30.16
CA ASP A 606 -19.51 -12.55 -30.33
C ASP A 606 -18.86 -13.48 -29.33
N GLU A 607 -17.51 -13.43 -29.29
CA GLU A 607 -16.70 -14.16 -28.26
C GLU A 607 -16.99 -13.67 -26.84
N VAL A 608 -16.73 -12.39 -26.59
CA VAL A 608 -17.02 -11.73 -25.29
C VAL A 608 -18.44 -11.97 -24.72
N ALA A 609 -19.45 -11.95 -25.57
CA ALA A 609 -20.82 -12.21 -25.12
C ALA A 609 -21.00 -13.63 -24.65
N GLN A 610 -20.29 -14.56 -25.28
CA GLN A 610 -20.32 -15.94 -24.84
C GLN A 610 -19.55 -16.12 -23.51
N MET A 611 -18.42 -15.43 -23.35
CA MET A 611 -17.62 -15.55 -22.11
C MET A 611 -18.41 -15.05 -20.92
N TYR A 612 -19.08 -13.90 -21.05
CA TYR A 612 -20.03 -13.43 -20.01
C TYR A 612 -21.03 -14.53 -19.57
N CYS A 613 -21.49 -15.38 -20.51
CA CYS A 613 -22.46 -16.45 -20.20
C CYS A 613 -21.91 -17.67 -19.48
N LEU A 614 -20.61 -17.92 -19.64
CA LEU A 614 -19.92 -18.95 -18.85
C LEU A 614 -19.65 -18.45 -17.43
N VAL A 615 -19.09 -17.25 -17.35
CA VAL A 615 -18.78 -16.59 -16.10
C VAL A 615 -20.03 -16.49 -15.25
N LYS A 616 -21.17 -16.20 -15.90
CA LYS A 616 -22.49 -16.12 -15.24
C LYS A 616 -22.76 -17.21 -14.19
N ASP A 617 -22.30 -18.42 -14.49
CA ASP A 617 -22.39 -19.53 -13.56
C ASP A 617 -21.20 -20.43 -13.86
N TRP A 618 -20.03 -19.95 -13.45
CA TRP A 618 -18.79 -20.72 -13.49
C TRP A 618 -18.56 -21.16 -12.07
N PRO A 619 -17.97 -22.36 -11.85
CA PRO A 619 -17.90 -22.88 -10.49
C PRO A 619 -16.98 -22.04 -9.64
N PRO A 620 -17.45 -21.57 -8.48
CA PRO A 620 -16.59 -20.72 -7.68
C PRO A 620 -15.29 -21.41 -7.34
N ILE A 621 -14.24 -20.60 -7.18
CA ILE A 621 -12.91 -21.10 -6.95
C ILE A 621 -12.27 -20.52 -5.66
N LYS A 622 -11.08 -21.03 -5.35
CA LYS A 622 -10.41 -20.64 -4.13
C LYS A 622 -9.91 -19.18 -4.23
N PRO A 623 -10.14 -18.39 -3.18
CA PRO A 623 -9.63 -17.04 -3.02
C PRO A 623 -8.20 -16.76 -3.47
N GLU A 624 -7.26 -17.65 -3.19
CA GLU A 624 -5.86 -17.48 -3.61
C GLU A 624 -5.66 -17.58 -5.13
N GLN A 625 -6.69 -18.12 -5.80
CA GLN A 625 -6.77 -18.21 -7.26
C GLN A 625 -7.66 -17.10 -7.83
N ALA A 626 -8.78 -16.85 -7.17
CA ALA A 626 -9.67 -15.74 -7.53
C ALA A 626 -9.04 -14.35 -7.38
N MET A 627 -8.02 -14.21 -6.55
CA MET A 627 -7.34 -12.92 -6.42
C MET A 627 -6.62 -12.46 -7.67
N GLU A 628 -6.08 -13.41 -8.44
CA GLU A 628 -5.47 -13.11 -9.75
C GLU A 628 -6.46 -12.25 -10.56
N LEU A 629 -7.74 -12.60 -10.51
CA LEU A 629 -8.80 -11.95 -11.30
C LEU A 629 -9.14 -10.50 -10.93
N LEU A 630 -8.61 -10.00 -9.81
CA LEU A 630 -8.74 -8.59 -9.48
C LEU A 630 -7.44 -7.83 -9.79
N ASP A 631 -6.45 -8.44 -10.44
CA ASP A 631 -5.22 -7.71 -10.83
C ASP A 631 -5.53 -6.84 -12.04
N CYS A 632 -4.51 -6.17 -12.57
CA CYS A 632 -4.66 -5.31 -13.76
C CYS A 632 -5.03 -6.02 -15.07
N ASN A 633 -4.66 -7.29 -15.23
CA ASN A 633 -4.98 -8.03 -16.46
C ASN A 633 -6.42 -8.55 -16.58
N TYR A 634 -7.27 -8.30 -15.59
CA TYR A 634 -8.66 -8.74 -15.64
C TYR A 634 -9.53 -7.56 -15.22
N PRO A 635 -9.79 -6.62 -16.17
CA PRO A 635 -10.49 -5.39 -15.86
C PRO A 635 -12.00 -5.45 -16.12
N ASP A 636 -12.52 -6.59 -16.56
CA ASP A 636 -13.94 -6.69 -16.89
C ASP A 636 -14.84 -6.71 -15.62
N PRO A 637 -15.96 -5.96 -15.62
CA PRO A 637 -16.83 -5.99 -14.44
C PRO A 637 -17.42 -7.35 -14.11
N MET A 638 -17.73 -8.15 -15.12
CA MET A 638 -18.29 -9.48 -14.90
C MET A 638 -17.27 -10.41 -14.25
N VAL A 639 -16.04 -10.37 -14.76
CA VAL A 639 -14.95 -11.18 -14.19
C VAL A 639 -14.75 -10.77 -12.73
N ARG A 640 -14.46 -9.49 -12.53
CA ARG A 640 -14.19 -8.99 -11.20
C ARG A 640 -15.37 -9.25 -10.30
N GLY A 641 -16.57 -9.23 -10.87
CA GLY A 641 -17.75 -9.67 -10.14
C GLY A 641 -17.60 -11.07 -9.60
N PHE A 642 -17.45 -12.05 -10.51
CA PHE A 642 -17.22 -13.46 -10.16
C PHE A 642 -16.11 -13.63 -9.11
N ALA A 643 -15.06 -12.82 -9.21
CA ALA A 643 -13.97 -12.82 -8.23
C ALA A 643 -14.41 -12.43 -6.82
N VAL A 644 -15.14 -11.33 -6.69
CA VAL A 644 -15.70 -10.93 -5.41
C VAL A 644 -16.71 -11.99 -4.90
N ARG A 645 -17.52 -12.52 -5.81
CA ARG A 645 -18.44 -13.59 -5.46
C ARG A 645 -17.73 -14.76 -4.76
N CYS A 646 -16.56 -15.17 -5.28
CA CYS A 646 -15.73 -16.19 -4.63
C CYS A 646 -15.32 -15.75 -3.23
N LEU A 647 -14.81 -14.54 -3.10
CA LEU A 647 -14.40 -14.02 -1.80
C LEU A 647 -15.55 -13.99 -0.78
N GLU A 648 -16.75 -13.62 -1.23
CA GLU A 648 -17.90 -13.59 -0.36
C GLU A 648 -18.19 -14.97 0.23
N LYS A 649 -17.94 -16.01 -0.57
CA LYS A 649 -18.17 -17.38 -0.14
C LYS A 649 -17.01 -17.91 0.70
N TYR A 650 -15.82 -17.97 0.11
CA TYR A 650 -14.69 -18.71 0.71
C TYR A 650 -13.74 -17.88 1.62
N LEU A 651 -13.53 -16.60 1.32
CA LEU A 651 -12.54 -15.80 2.07
C LEU A 651 -13.00 -15.48 3.50
N THR A 652 -12.41 -16.19 4.46
CA THR A 652 -12.65 -15.93 5.89
C THR A 652 -12.09 -14.59 6.35
N ASP A 653 -12.68 -14.03 7.42
CA ASP A 653 -12.18 -12.79 8.06
C ASP A 653 -10.73 -12.89 8.47
N ASP A 654 -10.29 -14.11 8.74
CA ASP A 654 -8.88 -14.39 8.95
C ASP A 654 -8.06 -14.08 7.70
N LYS A 655 -8.40 -14.75 6.61
CA LYS A 655 -7.59 -14.74 5.39
C LYS A 655 -7.58 -13.34 4.75
N LEU A 656 -8.73 -12.66 4.85
CA LEU A 656 -8.87 -11.26 4.44
C LEU A 656 -7.87 -10.36 5.10
N SER A 657 -7.73 -10.49 6.42
CA SER A 657 -6.70 -9.75 7.19
C SER A 657 -5.31 -9.95 6.59
N GLN A 658 -5.02 -11.19 6.20
CA GLN A 658 -3.70 -11.55 5.69
C GLN A 658 -3.35 -10.85 4.39
N TYR A 659 -4.34 -10.87 3.50
CA TYR A 659 -4.23 -10.32 2.16
C TYR A 659 -4.82 -8.89 2.00
N LEU A 660 -5.13 -8.18 3.09
CA LEU A 660 -5.85 -6.89 3.01
C LEU A 660 -5.05 -5.84 2.26
N ILE A 661 -3.74 -5.86 2.46
CA ILE A 661 -2.79 -5.00 1.73
C ILE A 661 -2.98 -5.09 0.22
N GLN A 662 -3.01 -6.30 -0.31
CA GLN A 662 -3.26 -6.49 -1.74
C GLN A 662 -4.66 -6.09 -2.20
N LEU A 663 -5.67 -6.36 -1.37
CA LEU A 663 -7.06 -6.03 -1.70
C LEU A 663 -7.33 -4.52 -1.73
N VAL A 664 -6.64 -3.76 -0.89
CA VAL A 664 -6.74 -2.31 -0.93
C VAL A 664 -6.01 -1.81 -2.18
N GLN A 665 -4.85 -2.36 -2.43
CA GLN A 665 -4.07 -1.99 -3.59
C GLN A 665 -4.77 -2.25 -4.91
N VAL A 666 -5.61 -3.26 -4.94
CA VAL A 666 -6.23 -3.67 -6.19
C VAL A 666 -7.44 -2.81 -6.53
N LEU A 667 -7.92 -1.99 -5.58
CA LEU A 667 -9.03 -1.02 -5.85
C LEU A 667 -8.68 -0.02 -6.95
N LYS A 668 -7.44 0.44 -6.93
CA LYS A 668 -6.84 1.22 -8.04
C LYS A 668 -7.22 0.72 -9.43
N TYR A 669 -7.16 -0.58 -9.64
CA TYR A 669 -7.50 -1.16 -10.94
C TYR A 669 -8.99 -1.27 -11.23
N GLU A 670 -9.87 -0.84 -10.31
CA GLU A 670 -11.29 -0.79 -10.66
C GLU A 670 -11.56 0.44 -11.52
N GLN A 671 -12.48 0.32 -12.47
CA GLN A 671 -12.80 1.42 -13.40
C GLN A 671 -13.54 2.59 -12.70
N TYR A 672 -14.39 2.26 -11.73
CA TYR A 672 -15.29 3.27 -11.15
C TYR A 672 -15.23 3.19 -9.62
N LEU A 673 -15.62 4.28 -8.95
CA LEU A 673 -15.54 4.42 -7.48
C LEU A 673 -16.41 3.42 -6.75
N ASP A 674 -17.64 3.31 -7.26
CA ASP A 674 -18.63 2.39 -6.74
C ASP A 674 -18.56 1.11 -7.56
N ASN A 675 -18.30 0.00 -6.85
CA ASN A 675 -18.07 -1.30 -7.46
C ASN A 675 -18.13 -2.37 -6.40
N LEU A 676 -18.17 -3.64 -6.83
CA LEU A 676 -18.46 -4.75 -5.92
C LEU A 676 -17.39 -4.98 -4.87
N LEU A 677 -16.13 -4.95 -5.31
CA LEU A 677 -14.99 -5.03 -4.40
C LEU A 677 -15.00 -3.96 -3.31
N VAL A 678 -15.33 -2.71 -3.63
CA VAL A 678 -15.37 -1.66 -2.59
C VAL A 678 -16.46 -1.97 -1.55
N ARG A 679 -17.59 -2.44 -2.05
CA ARG A 679 -18.74 -2.75 -1.21
C ARG A 679 -18.47 -3.94 -0.29
N PHE A 680 -17.59 -4.83 -0.74
CA PHE A 680 -17.19 -6.05 0.00
C PHE A 680 -16.28 -5.73 1.17
N LEU A 681 -15.22 -5.01 0.86
CA LEU A 681 -14.27 -4.61 1.88
C LEU A 681 -14.96 -3.66 2.88
N LEU A 682 -15.63 -2.61 2.40
CA LEU A 682 -16.30 -1.67 3.30
C LEU A 682 -17.19 -2.39 4.30
N LYS A 683 -17.88 -3.42 3.82
CA LYS A 683 -18.77 -4.18 4.68
C LYS A 683 -17.97 -4.93 5.76
N LYS A 684 -17.01 -5.76 5.34
CA LYS A 684 -16.18 -6.53 6.27
C LYS A 684 -15.59 -5.61 7.31
N ALA A 685 -14.99 -4.50 6.85
CA ALA A 685 -14.49 -3.40 7.69
C ALA A 685 -15.45 -2.89 8.78
N LEU A 686 -16.70 -2.69 8.41
CA LEU A 686 -17.75 -2.29 9.38
C LEU A 686 -18.44 -3.49 10.12
N THR A 687 -18.06 -4.70 9.75
CA THR A 687 -18.46 -5.93 10.42
C THR A 687 -17.43 -6.37 11.46
N ASN A 688 -16.15 -6.07 11.25
CA ASN A 688 -15.05 -6.56 12.10
C ASN A 688 -14.04 -5.44 12.35
N GLN A 689 -13.91 -5.00 13.60
CA GLN A 689 -13.18 -3.76 13.88
C GLN A 689 -11.65 -3.93 13.79
N ARG A 690 -11.19 -5.18 13.77
CA ARG A 690 -9.77 -5.46 13.62
C ARG A 690 -9.41 -5.32 12.15
N ILE A 691 -10.33 -5.72 11.27
CA ILE A 691 -10.17 -5.46 9.84
C ILE A 691 -10.30 -3.97 9.56
N GLY A 692 -11.35 -3.38 10.12
CA GLY A 692 -11.57 -1.95 10.03
C GLY A 692 -10.29 -1.21 10.30
N HIS A 693 -9.63 -1.56 11.40
CA HIS A 693 -8.46 -0.81 11.82
C HIS A 693 -7.42 -0.71 10.71
N PHE A 694 -7.08 -1.84 10.11
CA PHE A 694 -6.02 -1.85 9.10
C PHE A 694 -6.50 -1.34 7.77
N PHE A 695 -7.77 -1.51 7.52
CA PHE A 695 -8.39 -0.93 6.37
C PHE A 695 -8.36 0.59 6.43
N PHE A 696 -8.45 1.18 7.61
CA PHE A 696 -8.29 2.65 7.74
C PHE A 696 -6.86 3.03 7.42
N TRP A 697 -5.95 2.43 8.17
CA TRP A 697 -4.54 2.77 8.08
C TRP A 697 -3.90 2.54 6.71
N HIS A 698 -4.39 1.55 5.96
CA HIS A 698 -3.82 1.30 4.63
C HIS A 698 -4.29 2.31 3.61
N LEU A 699 -5.54 2.70 3.73
CA LEU A 699 -6.09 3.80 2.96
C LEU A 699 -5.43 5.12 3.38
N LYS A 700 -5.48 5.39 4.67
CA LYS A 700 -4.91 6.59 5.26
C LYS A 700 -3.44 6.79 4.89
N SER A 701 -2.68 5.69 4.86
CA SER A 701 -1.29 5.68 4.35
C SER A 701 -1.18 6.37 3.01
N GLU A 702 -1.95 5.89 2.03
CA GLU A 702 -1.79 6.33 0.66
C GLU A 702 -2.48 7.66 0.34
N MET A 703 -3.05 8.35 1.33
CA MET A 703 -3.77 9.62 1.06
C MET A 703 -2.92 10.75 0.49
N HIS A 704 -1.63 10.75 0.77
CA HIS A 704 -0.65 11.59 0.03
C HIS A 704 -0.65 11.42 -1.51
N ASN A 705 -0.96 10.21 -2.00
CA ASN A 705 -0.80 9.85 -3.41
C ASN A 705 -2.02 10.25 -4.27
N LYS A 706 -1.82 11.20 -5.19
CA LYS A 706 -2.91 11.78 -6.00
C LYS A 706 -3.56 10.79 -6.97
N THR A 707 -2.89 9.66 -7.23
CA THR A 707 -3.54 8.59 -7.96
C THR A 707 -4.74 8.03 -7.20
N VAL A 708 -4.76 8.17 -5.88
CA VAL A 708 -5.86 7.62 -5.09
C VAL A 708 -6.52 8.53 -4.05
N SER A 709 -6.02 9.75 -3.88
CA SER A 709 -6.55 10.63 -2.85
C SER A 709 -8.07 10.74 -2.90
N GLN A 710 -8.63 10.84 -4.10
CA GLN A 710 -10.07 10.99 -4.23
C GLN A 710 -10.71 9.73 -3.72
N ARG A 711 -10.39 8.63 -4.40
CA ARG A 711 -11.07 7.35 -4.18
C ARG A 711 -11.07 6.95 -2.70
N PHE A 712 -9.86 6.93 -2.16
CA PHE A 712 -9.62 6.54 -0.79
C PHE A 712 -10.17 7.56 0.19
N GLY A 713 -10.04 8.84 -0.12
CA GLY A 713 -10.72 9.85 0.69
C GLY A 713 -12.21 9.58 0.89
N LEU A 714 -12.89 9.21 -0.19
CA LEU A 714 -14.34 9.00 -0.14
C LEU A 714 -14.66 7.74 0.66
N LEU A 715 -13.93 6.68 0.32
CA LEU A 715 -14.06 5.40 0.99
C LEU A 715 -13.85 5.52 2.49
N LEU A 716 -12.84 6.29 2.87
CA LEU A 716 -12.50 6.55 4.25
C LEU A 716 -13.56 7.37 4.97
N GLU A 717 -14.18 8.31 4.27
CA GLU A 717 -15.31 9.06 4.81
C GLU A 717 -16.48 8.14 5.22
N SER A 718 -16.81 7.19 4.33
CA SER A 718 -17.84 6.18 4.58
C SER A 718 -17.51 5.36 5.81
N TYR A 719 -16.34 4.73 5.82
CA TYR A 719 -15.88 3.95 6.96
C TYR A 719 -16.00 4.79 8.22
N CYS A 720 -15.39 5.97 8.17
CA CYS A 720 -15.35 6.85 9.33
C CYS A 720 -16.72 7.33 9.84
N ARG A 721 -17.69 7.47 8.94
CA ARG A 721 -19.05 7.84 9.34
C ARG A 721 -19.87 6.68 9.95
N ALA A 722 -19.49 5.45 9.61
CA ALA A 722 -20.25 4.26 9.97
C ALA A 722 -19.63 3.40 11.06
N CYS A 723 -18.37 3.67 11.43
CA CYS A 723 -17.58 2.72 12.26
C CYS A 723 -17.78 2.76 13.78
N GLY A 724 -18.68 3.63 14.25
CA GLY A 724 -19.03 3.63 15.66
C GLY A 724 -18.04 4.44 16.43
N MET A 725 -17.78 4.05 17.68
CA MET A 725 -16.86 4.82 18.53
C MET A 725 -15.41 4.69 18.11
N TYR A 726 -15.08 3.70 17.27
CA TYR A 726 -13.72 3.55 16.77
C TYR A 726 -13.19 4.77 16.03
N LEU A 727 -14.06 5.66 15.59
CA LEU A 727 -13.58 6.92 15.06
C LEU A 727 -12.82 7.69 16.13
N LYS A 728 -13.36 7.71 17.34
CA LYS A 728 -12.71 8.46 18.42
C LYS A 728 -11.36 7.88 18.82
N HIS A 729 -11.28 6.56 18.81
CA HIS A 729 -10.01 5.87 18.99
C HIS A 729 -8.99 6.12 17.86
N LEU A 730 -9.46 6.11 16.61
CA LEU A 730 -8.60 6.47 15.49
C LEU A 730 -8.10 7.92 15.63
N ASN A 731 -9.00 8.85 15.90
CA ASN A 731 -8.58 10.23 16.09
C ASN A 731 -7.53 10.43 17.17
N ARG A 732 -7.51 9.56 18.17
CA ARG A 732 -6.43 9.64 19.13
C ARG A 732 -5.13 9.09 18.55
N GLN A 733 -5.20 8.00 17.80
CA GLN A 733 -4.02 7.44 17.20
C GLN A 733 -3.47 8.47 16.24
N VAL A 734 -4.34 8.98 15.39
CA VAL A 734 -3.96 9.99 14.38
C VAL A 734 -3.21 11.16 15.01
N GLU A 735 -3.85 11.84 15.95
CA GLU A 735 -3.27 12.97 16.67
C GLU A 735 -1.84 12.69 17.21
N ALA A 736 -1.67 11.50 17.79
CA ALA A 736 -0.37 11.03 18.31
C ALA A 736 0.66 10.89 17.23
N MET A 737 0.28 10.33 16.08
CA MET A 737 1.22 10.25 14.96
C MET A 737 1.62 11.64 14.45
N GLU A 738 0.69 12.60 14.42
CA GLU A 738 1.01 13.88 13.83
C GLU A 738 1.86 14.67 14.78
N LYS A 739 1.77 14.39 16.08
CA LYS A 739 2.77 14.93 17.07
C LYS A 739 4.19 14.50 16.72
N LEU A 740 4.34 13.17 16.54
CA LEU A 740 5.61 12.53 16.18
C LEU A 740 6.13 12.90 14.81
N ILE A 741 5.23 13.25 13.91
CA ILE A 741 5.62 13.69 12.59
C ILE A 741 6.22 15.06 12.74
N ASN A 742 5.55 15.97 13.44
CA ASN A 742 6.14 17.28 13.67
C ASN A 742 7.43 17.17 14.43
N LEU A 743 7.46 16.34 15.47
CA LEU A 743 8.63 16.23 16.32
C LEU A 743 9.87 15.82 15.56
N THR A 744 9.81 14.70 14.85
CA THR A 744 10.91 14.26 14.01
C THR A 744 11.20 15.26 12.88
N ASP A 745 10.16 15.89 12.35
CA ASP A 745 10.38 16.85 11.27
C ASP A 745 11.30 17.99 11.73
N ILE A 746 11.25 18.43 12.99
CA ILE A 746 12.15 19.51 13.46
C ILE A 746 13.57 18.96 13.66
N LEU A 747 13.67 17.82 14.35
CA LEU A 747 14.94 17.13 14.55
C LEU A 747 15.71 16.91 13.24
N LYS A 748 15.03 16.87 12.11
CA LYS A 748 15.68 16.65 10.84
C LYS A 748 15.93 17.90 9.98
N GLN A 749 15.56 19.08 10.48
CA GLN A 749 15.75 20.34 9.74
C GLN A 749 16.59 21.27 10.57
N GLU A 750 16.05 21.71 11.69
CA GLU A 750 16.68 22.74 12.46
C GLU A 750 17.65 22.20 13.50
N LYS A 751 17.49 20.92 13.86
CA LYS A 751 18.40 20.28 14.85
C LYS A 751 19.41 19.29 14.26
N LYS A 752 19.48 19.16 12.93
CA LYS A 752 20.68 18.57 12.31
C LYS A 752 21.89 19.47 12.68
N ASP A 753 23.09 18.88 12.76
CA ASP A 753 24.31 19.59 13.21
C ASP A 753 24.23 20.03 14.68
N GLU A 754 23.63 19.19 15.51
CA GLU A 754 23.69 19.29 16.98
C GLU A 754 24.12 17.95 17.49
N THR A 755 24.65 17.90 18.71
CA THR A 755 24.98 16.60 19.31
C THR A 755 23.71 15.88 19.72
N GLN A 756 23.72 14.55 19.63
CA GLN A 756 22.65 13.74 20.18
C GLN A 756 22.25 14.39 21.48
N LYS A 757 23.21 14.64 22.38
CA LYS A 757 22.96 15.26 23.68
C LYS A 757 21.96 16.40 23.58
N VAL A 758 22.24 17.33 22.66
CA VAL A 758 21.44 18.56 22.45
C VAL A 758 20.04 18.24 21.92
N GLN A 759 19.99 17.37 20.89
CA GLN A 759 18.75 16.87 20.28
C GLN A 759 17.88 16.16 21.35
N MET A 760 18.46 15.15 22.01
CA MET A 760 17.79 14.40 23.08
C MET A 760 17.27 15.25 24.19
N LYS A 761 17.98 16.34 24.51
CA LYS A 761 17.48 17.33 25.46
C LYS A 761 16.22 17.97 24.88
N PHE A 762 16.33 18.41 23.63
CA PHE A 762 15.18 18.98 22.92
C PHE A 762 13.98 18.03 22.86
N LEU A 763 14.24 16.75 22.63
CA LEU A 763 13.21 15.71 22.56
C LEU A 763 12.43 15.58 23.85
N VAL A 764 13.15 15.49 24.97
CA VAL A 764 12.53 15.26 26.27
C VAL A 764 11.91 16.52 26.80
N GLU A 765 12.47 17.67 26.46
CA GLU A 765 11.81 18.93 26.77
C GLU A 765 10.41 18.93 26.18
N GLN A 766 10.33 18.59 24.89
CA GLN A 766 9.09 18.66 24.12
C GLN A 766 8.07 17.65 24.56
N MET A 767 8.50 16.43 24.77
CA MET A 767 7.60 15.39 25.23
C MET A 767 6.95 15.72 26.57
N ARG A 768 7.61 16.50 27.42
CA ARG A 768 7.00 16.90 28.68
C ARG A 768 5.94 18.02 28.60
N ARG A 769 5.85 18.74 27.50
CA ARG A 769 4.79 19.75 27.37
C ARG A 769 3.44 19.06 27.40
N PRO A 770 2.42 19.68 28.03
CA PRO A 770 1.16 18.98 28.30
C PRO A 770 0.38 18.56 27.05
N ASP A 771 0.51 19.33 25.97
CA ASP A 771 -0.05 18.93 24.67
C ASP A 771 0.50 17.59 24.17
N PHE A 772 1.80 17.35 24.39
CA PHE A 772 2.42 16.06 24.03
C PHE A 772 2.05 14.98 25.00
N MET A 773 1.93 15.38 26.27
CA MET A 773 1.52 14.47 27.32
C MET A 773 0.09 14.01 27.10
N ASP A 774 -0.81 14.93 26.77
CA ASP A 774 -2.20 14.56 26.41
C ASP A 774 -2.27 13.57 25.24
N ALA A 775 -1.47 13.89 24.21
CA ALA A 775 -1.63 13.35 22.87
C ALA A 775 -0.92 12.05 22.66
N LEU A 776 0.15 11.81 23.42
CA LEU A 776 0.99 10.64 23.23
C LEU A 776 0.86 9.60 24.32
N GLN A 777 -0.13 9.72 25.20
CA GLN A 777 -0.19 8.80 26.34
C GLN A 777 -1.34 7.78 26.32
N GLY A 778 -2.59 8.21 26.25
CA GLY A 778 -3.69 7.25 26.36
C GLY A 778 -4.20 6.92 24.99
N PHE A 779 -3.73 5.82 24.38
CA PHE A 779 -4.20 5.42 23.03
C PHE A 779 -3.75 4.02 22.60
N LEU A 780 -4.30 3.51 21.49
CA LEU A 780 -4.00 2.13 21.04
C LEU A 780 -2.82 2.06 20.07
N SER A 781 -2.03 0.98 20.13
CA SER A 781 -0.90 0.83 19.19
C SER A 781 -1.46 0.59 17.84
N PRO A 782 -1.15 1.44 16.85
CA PRO A 782 -1.67 1.15 15.52
C PRO A 782 -1.09 -0.13 14.92
N LEU A 783 0.12 -0.52 15.33
CA LEU A 783 0.68 -1.85 14.95
C LEU A 783 -0.19 -3.01 15.37
N ASN A 784 -0.87 -2.85 16.50
CA ASN A 784 -1.88 -3.80 16.95
C ASN A 784 -2.79 -3.16 18.00
N PRO A 785 -4.02 -2.80 17.61
CA PRO A 785 -4.89 -2.03 18.51
C PRO A 785 -5.34 -2.74 19.81
N ALA A 786 -5.11 -4.05 19.89
CA ALA A 786 -5.27 -4.82 21.13
C ALA A 786 -4.38 -4.33 22.23
N HIS A 787 -3.17 -3.93 21.88
CA HIS A 787 -2.25 -3.43 22.88
C HIS A 787 -2.66 -2.01 23.10
N GLN A 788 -2.67 -1.59 24.36
CA GLN A 788 -2.84 -0.20 24.69
C GLN A 788 -1.54 0.40 25.11
N LEU A 789 -1.42 1.67 24.78
CA LEU A 789 -0.30 2.47 25.16
C LEU A 789 -0.89 3.43 26.20
N GLY A 790 -0.26 3.50 27.35
CA GLY A 790 -0.59 4.51 28.36
C GLY A 790 0.71 5.04 28.86
N ASN A 791 0.76 6.30 29.26
CA ASN A 791 1.91 6.82 30.01
C ASN A 791 3.28 6.48 29.41
N LEU A 792 3.93 7.48 28.81
CA LEU A 792 5.30 7.36 28.36
C LEU A 792 6.25 7.29 29.52
N ARG A 793 7.12 6.29 29.50
CA ARG A 793 8.30 6.32 30.32
C ARG A 793 9.33 7.03 29.45
N LEU A 794 9.58 8.31 29.76
CA LEU A 794 10.51 9.18 28.99
C LEU A 794 12.00 8.89 29.22
N GLU A 795 12.28 8.05 30.21
CA GLU A 795 13.65 7.68 30.54
C GLU A 795 14.08 6.61 29.55
N GLU A 796 13.16 5.71 29.22
CA GLU A 796 13.42 4.70 28.20
C GLU A 796 13.12 5.22 26.76
N CYS A 797 12.55 6.41 26.64
CA CYS A 797 12.36 7.06 25.33
C CYS A 797 13.62 7.79 24.90
N ARG A 798 14.03 7.52 23.66
CA ARG A 798 15.28 8.05 23.13
C ARG A 798 15.34 8.08 21.60
N ILE A 799 16.15 8.99 21.07
CA ILE A 799 16.47 9.04 19.63
C ILE A 799 17.60 8.07 19.28
N MET A 800 17.37 7.17 18.32
CA MET A 800 18.42 6.29 17.89
C MET A 800 19.54 7.03 17.11
N SER A 801 20.63 6.31 16.91
CA SER A 801 21.80 6.82 16.21
C SER A 801 21.53 7.15 14.75
N SER A 802 20.68 6.37 14.07
CA SER A 802 20.45 6.54 12.62
C SER A 802 20.27 8.01 12.22
N ALA A 803 20.72 8.35 11.02
CA ALA A 803 20.64 9.74 10.54
C ALA A 803 19.23 10.20 10.26
N LYS A 804 18.34 9.23 10.03
CA LYS A 804 16.89 9.44 9.83
C LYS A 804 16.19 9.95 11.10
N ARG A 805 16.87 9.83 12.25
CA ARG A 805 16.35 10.27 13.53
C ARG A 805 15.06 9.54 13.88
N PRO A 806 15.11 8.19 13.95
CA PRO A 806 13.98 7.44 14.44
C PRO A 806 13.87 7.52 15.95
N LEU A 807 12.64 7.51 16.44
CA LEU A 807 12.35 7.61 17.84
C LEU A 807 12.05 6.25 18.35
N TRP A 808 12.78 5.89 19.40
CA TRP A 808 12.45 4.76 20.24
C TRP A 808 11.52 5.28 21.32
N LEU A 809 10.28 4.80 21.31
CA LEU A 809 9.27 5.21 22.27
C LEU A 809 8.84 4.00 23.07
N ASN A 810 8.48 4.23 24.33
CA ASN A 810 8.20 3.21 25.33
C ASN A 810 6.97 3.63 26.11
N TRP A 811 6.06 2.68 26.29
CA TRP A 811 4.79 2.93 26.94
C TRP A 811 4.55 1.91 28.08
N GLU A 812 3.83 2.34 29.09
CA GLU A 812 3.38 1.43 30.14
C GLU A 812 2.16 0.68 29.61
N ASN A 813 2.13 -0.64 29.84
CA ASN A 813 0.96 -1.44 29.45
C ASN A 813 -0.05 -1.27 30.56
N PRO A 814 -1.14 -0.55 30.30
CA PRO A 814 -2.00 -0.24 31.42
C PRO A 814 -3.02 -1.36 31.72
N ASP A 815 -2.76 -2.58 31.24
CA ASP A 815 -3.62 -3.72 31.54
C ASP A 815 -3.66 -4.01 33.04
N ILE A 816 -4.76 -4.59 33.51
CA ILE A 816 -4.86 -5.01 34.92
C ILE A 816 -3.81 -6.11 35.19
N MET A 817 -3.53 -6.94 34.19
CA MET A 817 -2.52 -7.98 34.29
C MET A 817 -1.33 -7.70 33.36
N GLU A 819 1.92 -7.13 33.91
CA GLU A 819 3.03 -8.03 34.25
C GLU A 819 2.96 -9.44 33.61
N LEU A 820 1.77 -10.02 33.47
CA LEU A 820 1.64 -11.35 32.86
C LEU A 820 2.03 -11.45 31.35
N LEU A 821 2.08 -10.30 30.65
CA LEU A 821 2.39 -10.26 29.22
C LEU A 821 3.61 -9.38 28.96
N PHE A 822 3.49 -8.07 29.11
CA PHE A 822 4.65 -7.21 29.13
C PHE A 822 4.26 -5.97 29.88
N GLN A 823 5.06 -5.61 30.88
CA GLN A 823 4.82 -4.37 31.63
C GLN A 823 5.08 -3.15 30.75
N ASN A 824 5.93 -3.34 29.73
CA ASN A 824 6.33 -2.27 28.84
C ASN A 824 6.22 -2.65 27.36
N ASN A 825 5.65 -1.72 26.59
CA ASN A 825 5.37 -1.85 25.16
C ASN A 825 6.19 -0.78 24.50
N GLU A 826 7.00 -1.14 23.52
CA GLU A 826 7.88 -0.17 22.87
C GLU A 826 7.94 -0.43 21.38
N ILE A 827 7.80 0.64 20.58
CA ILE A 827 7.75 0.55 19.13
C ILE A 827 8.54 1.71 18.51
N ILE A 828 9.12 1.50 17.33
CA ILE A 828 9.95 2.53 16.73
C ILE A 828 9.17 3.26 15.67
N PHE A 829 9.30 4.58 15.69
CA PHE A 829 8.65 5.46 14.74
C PHE A 829 9.73 6.07 13.85
N LYS A 830 9.67 5.87 12.53
CA LYS A 830 10.73 6.35 11.60
C LYS A 830 10.24 7.41 10.62
N ASN A 831 10.79 8.63 10.66
CA ASN A 831 10.27 9.67 9.78
C ASN A 831 10.79 9.66 8.35
N GLY A 832 11.97 9.13 8.12
CA GLY A 832 12.57 9.30 6.79
C GLY A 832 12.38 8.30 5.66
N ASP A 833 11.85 7.14 5.96
CA ASP A 833 12.16 5.96 5.16
C ASP A 833 10.87 5.33 4.72
N ASP A 834 10.85 4.79 3.50
CA ASP A 834 9.63 4.18 2.99
C ASP A 834 9.46 2.72 3.46
N LEU A 835 8.48 2.51 4.35
CA LEU A 835 8.27 1.20 5.00
C LEU A 835 7.64 0.11 4.10
N ARG A 836 6.81 0.51 3.15
CA ARG A 836 6.00 -0.44 2.39
C ARG A 836 6.71 -1.51 1.55
N GLN A 837 8.00 -1.37 1.30
CA GLN A 837 8.78 -2.50 0.77
C GLN A 837 8.85 -3.55 1.88
N ASP A 838 9.51 -3.19 2.98
CA ASP A 838 9.59 -4.01 4.20
C ASP A 838 8.23 -4.69 4.51
N MET A 839 7.22 -3.87 4.63
CA MET A 839 5.87 -4.30 5.02
C MET A 839 5.38 -5.49 4.16
N LEU A 840 5.67 -5.44 2.85
CA LEU A 840 5.28 -6.48 1.93
C LEU A 840 6.16 -7.71 2.10
N THR A 841 7.48 -7.53 2.12
CA THR A 841 8.37 -8.69 2.34
C THR A 841 7.99 -9.42 3.67
N LEU A 842 7.80 -8.63 4.74
CA LEU A 842 7.32 -9.14 6.04
C LEU A 842 6.06 -9.93 5.93
N GLN A 843 5.06 -9.36 5.26
CA GLN A 843 3.88 -10.14 4.94
C GLN A 843 4.21 -11.39 4.12
N ILE A 844 5.07 -11.27 3.13
CA ILE A 844 5.38 -12.40 2.26
C ILE A 844 6.04 -13.54 3.04
N ILE A 845 6.90 -13.19 3.99
CA ILE A 845 7.48 -14.15 4.96
C ILE A 845 6.38 -14.85 5.80
N ARG A 846 5.63 -14.06 6.55
CA ARG A 846 4.45 -14.52 7.33
C ARG A 846 3.62 -15.59 6.57
N ILE A 847 3.51 -15.42 5.26
CA ILE A 847 2.76 -16.34 4.42
C ILE A 847 3.55 -17.61 4.13
N MET A 848 4.85 -17.49 3.89
CA MET A 848 5.72 -18.68 3.74
C MET A 848 5.73 -19.48 5.02
N GLU A 849 5.77 -18.77 6.15
CA GLU A 849 5.80 -19.44 7.44
C GLU A 849 4.56 -20.32 7.53
N ASN A 850 3.38 -19.71 7.35
CA ASN A 850 2.13 -20.45 7.49
C ASN A 850 2.08 -21.59 6.53
N ILE A 851 2.52 -21.37 5.29
CA ILE A 851 2.60 -22.45 4.29
C ILE A 851 3.38 -23.62 4.86
N TRP A 852 4.63 -23.36 5.25
CA TRP A 852 5.51 -24.39 5.79
C TRP A 852 4.94 -25.17 6.99
N GLN A 853 4.32 -24.45 7.90
CA GLN A 853 3.92 -25.02 9.18
C GLN A 853 2.62 -25.80 9.02
N ASN A 854 1.67 -25.21 8.31
CA ASN A 854 0.37 -25.85 8.06
C ASN A 854 0.50 -27.06 7.11
N GLN A 855 1.71 -27.27 6.58
CA GLN A 855 2.09 -28.47 5.84
C GLN A 855 3.20 -29.22 6.62
N GLY A 856 2.99 -29.32 7.94
CA GLY A 856 3.89 -30.01 8.87
C GLY A 856 5.39 -29.92 8.64
N LEU A 857 5.97 -28.73 8.74
CA LEU A 857 7.43 -28.60 8.88
C LEU A 857 7.82 -27.24 9.47
N ASP A 858 8.57 -27.28 10.56
CA ASP A 858 8.72 -26.17 11.51
C ASP A 858 9.98 -25.40 11.17
N LEU A 859 9.79 -24.21 10.64
CA LEU A 859 10.87 -23.24 10.49
C LEU A 859 10.30 -21.97 11.08
N ARG A 860 11.00 -21.37 12.03
CA ARG A 860 10.40 -20.26 12.75
C ARG A 860 10.94 -18.91 12.27
N MET A 861 10.13 -18.31 11.39
CA MET A 861 10.34 -16.97 10.92
C MET A 861 9.74 -16.03 11.96
N LEU A 862 10.29 -14.84 12.05
CA LEU A 862 9.82 -13.82 12.98
C LEU A 862 9.52 -12.60 12.12
N PRO A 863 8.32 -12.59 11.52
CA PRO A 863 7.96 -11.44 10.74
C PRO A 863 7.45 -10.43 11.73
N TYR A 864 8.34 -9.54 12.15
CA TYR A 864 7.98 -8.46 13.05
C TYR A 864 6.92 -7.51 12.45
N GLY A 865 6.28 -6.76 13.32
CA GLY A 865 5.33 -5.73 12.90
C GLY A 865 5.95 -4.53 12.20
N CYS A 866 5.37 -4.16 11.06
CA CYS A 866 5.69 -2.91 10.37
C CYS A 866 4.40 -2.29 9.84
N LEU A 867 4.27 -0.98 9.94
CA LEU A 867 3.08 -0.30 9.40
C LEU A 867 3.40 1.08 8.89
N SER A 868 3.22 1.30 7.58
CA SER A 868 3.38 2.61 6.96
C SER A 868 2.12 3.38 7.21
N ILE A 869 2.26 4.62 7.67
CA ILE A 869 1.13 5.45 8.09
C ILE A 869 1.07 6.74 7.31
N GLY A 870 1.70 6.75 6.14
CA GLY A 870 1.93 8.00 5.43
C GLY A 870 3.14 7.95 4.54
N ASP A 871 3.54 9.13 4.05
CA ASP A 871 4.60 9.20 3.05
C ASP A 871 5.96 9.10 3.71
N CYS A 872 6.57 7.93 3.55
CA CYS A 872 7.82 7.60 4.20
C CYS A 872 7.75 7.85 5.70
N VAL A 873 6.63 7.46 6.31
CA VAL A 873 6.42 7.50 7.75
C VAL A 873 5.85 6.16 8.20
N GLY A 874 6.31 5.66 9.35
CA GLY A 874 5.93 4.32 9.77
C GLY A 874 6.24 3.92 11.20
N LEU A 875 5.96 2.65 11.47
CA LEU A 875 6.01 2.07 12.79
C LEU A 875 6.58 0.68 12.68
N ILE A 876 7.56 0.37 13.53
CA ILE A 876 8.16 -0.98 13.58
C ILE A 876 8.16 -1.57 14.99
N GLU A 877 7.60 -2.78 15.10
CA GLU A 877 7.53 -3.55 16.35
C GLU A 877 8.93 -3.80 16.78
N VAL A 878 9.21 -3.54 18.05
CA VAL A 878 10.47 -3.99 18.67
C VAL A 878 10.38 -5.43 19.19
N VAL A 879 11.41 -6.18 18.86
CA VAL A 879 11.61 -7.51 19.38
C VAL A 879 12.59 -7.31 20.51
N ARG A 880 12.09 -7.44 21.74
CA ARG A 880 12.92 -7.33 22.94
C ARG A 880 13.89 -8.51 22.90
N ASN A 881 15.08 -8.31 23.44
CA ASN A 881 16.07 -9.38 23.58
C ASN A 881 16.54 -9.92 22.23
N SER A 882 17.00 -9.00 21.40
CA SER A 882 17.65 -9.40 20.16
C SER A 882 18.72 -8.39 19.80
N HIS A 883 19.71 -8.86 19.06
CA HIS A 883 20.92 -8.11 18.85
C HIS A 883 21.42 -8.40 17.46
N THR A 884 21.94 -7.35 16.82
CA THR A 884 22.57 -7.51 15.52
C THR A 884 23.83 -8.32 15.75
N ILE A 885 24.04 -9.33 14.92
CA ILE A 885 25.28 -10.11 15.00
C ILE A 885 26.46 -9.19 15.38
N MET A 886 26.54 -8.00 14.77
CA MET A 886 27.62 -7.02 15.07
C MET A 886 27.74 -6.61 16.55
N GLN A 887 26.64 -6.58 17.28
CA GLN A 887 26.69 -6.40 18.73
C GLN A 887 27.27 -7.62 19.43
N ILE A 888 26.83 -8.82 19.04
CA ILE A 888 27.44 -10.05 19.55
C ILE A 888 28.97 -9.99 19.45
N GLN A 889 29.46 -9.51 18.32
CA GLN A 889 30.88 -9.43 18.08
C GLN A 889 31.52 -8.24 18.77
N CYS A 890 30.90 -7.06 18.73
CA CYS A 890 31.37 -5.91 19.53
C CYS A 890 31.37 -6.17 21.04
N LYS A 891 30.36 -6.89 21.54
CA LYS A 891 30.30 -7.30 22.94
C LYS A 891 31.32 -8.39 23.23
N GLY A 892 31.31 -9.45 22.42
CA GLY A 892 32.34 -10.51 22.46
C GLY A 892 33.72 -9.97 22.09
N GLY A 893 34.16 -9.02 22.91
CA GLY A 893 35.24 -8.14 22.57
C GLY A 893 36.52 -8.83 22.92
N LEU A 894 37.05 -9.55 21.93
CA LEU A 894 38.43 -10.00 22.01
C LEU A 894 39.22 -8.72 22.31
N LYS A 895 39.77 -8.68 23.51
CA LYS A 895 40.37 -7.44 24.05
C LYS A 895 41.60 -7.01 23.24
N GLY A 896 41.65 -5.74 22.83
CA GLY A 896 42.85 -5.15 22.20
C GLY A 896 42.78 -4.85 20.72
N ALA A 897 41.64 -5.17 20.08
CA ALA A 897 41.43 -4.95 18.64
C ALA A 897 42.32 -5.84 17.74
N LEU A 898 42.57 -7.09 18.16
CA LEU A 898 43.33 -8.05 17.34
C LEU A 898 42.42 -8.53 16.19
N GLN A 899 41.23 -9.04 16.57
CA GLN A 899 40.30 -9.77 15.67
C GLN A 899 38.98 -10.10 16.40
N PHE A 900 37.91 -10.41 15.65
CA PHE A 900 36.72 -11.04 16.23
C PHE A 900 36.77 -12.51 15.90
N ASN A 901 36.39 -13.33 16.88
CA ASN A 901 36.43 -14.76 16.72
C ASN A 901 35.10 -15.30 16.18
N SER A 902 35.14 -16.16 15.16
CA SER A 902 33.94 -16.82 14.57
C SER A 902 33.06 -17.66 15.54
N HIS A 903 33.66 -18.15 16.62
CA HIS A 903 32.91 -18.82 17.65
C HIS A 903 32.13 -17.81 18.49
N THR A 904 32.52 -16.52 18.54
CA THR A 904 31.87 -15.57 19.47
C THR A 904 30.35 -15.68 19.45
N LEU A 905 29.74 -15.88 18.28
CA LEU A 905 28.30 -16.11 18.21
C LEU A 905 27.95 -17.35 18.99
N HIS A 906 28.54 -18.48 18.59
CA HIS A 906 28.39 -19.74 19.33
C HIS A 906 28.60 -19.60 20.83
N GLN A 907 29.65 -18.87 21.21
CA GLN A 907 29.98 -18.63 22.62
C GLN A 907 28.91 -17.79 23.27
N TRP A 908 28.49 -16.74 22.58
CA TRP A 908 27.42 -15.87 23.09
C TRP A 908 26.10 -16.62 23.27
N LEU A 909 25.84 -17.56 22.37
CA LEU A 909 24.60 -18.32 22.39
C LEU A 909 24.62 -19.34 23.51
N LYS A 910 25.74 -20.08 23.64
CA LYS A 910 26.06 -20.92 24.80
C LYS A 910 25.89 -20.20 26.13
N ASP A 911 26.49 -19.01 26.22
CA ASP A 911 26.39 -18.14 27.40
C ASP A 911 24.93 -17.98 27.87
N LYS A 912 23.98 -17.94 26.92
CA LYS A 912 22.54 -17.85 27.23
C LYS A 912 21.91 -19.19 27.54
N ASN A 913 22.03 -20.12 26.60
CA ASN A 913 21.36 -21.41 26.69
C ASN A 913 22.31 -22.50 27.21
N LYS A 914 22.05 -22.97 28.44
CA LYS A 914 22.93 -23.91 29.16
C LYS A 914 22.13 -25.05 29.76
N GLY A 915 22.52 -26.30 29.49
CA GLY A 915 21.73 -27.48 29.93
C GLY A 915 21.19 -28.18 28.71
N GLU A 916 20.06 -28.89 28.84
CA GLU A 916 19.36 -29.41 27.64
C GLU A 916 18.73 -28.27 26.81
N ILE A 917 18.63 -27.10 27.44
CA ILE A 917 18.19 -25.85 26.81
C ILE A 917 19.06 -25.56 25.59
N TYR A 918 20.38 -25.50 25.76
CA TYR A 918 21.33 -25.34 24.65
C TYR A 918 20.98 -26.18 23.43
N ASP A 919 20.71 -27.47 23.62
CA ASP A 919 20.39 -28.36 22.49
C ASP A 919 19.19 -27.80 21.68
N ALA A 920 18.17 -27.36 22.40
CA ALA A 920 16.94 -26.88 21.78
C ALA A 920 17.10 -25.53 21.10
N ALA A 921 17.96 -24.66 21.66
CA ALA A 921 18.27 -23.36 21.06
C ALA A 921 18.98 -23.50 19.71
N ILE A 922 19.82 -24.52 19.57
CA ILE A 922 20.47 -24.79 18.28
C ILE A 922 19.47 -25.35 17.29
N ASP A 923 18.51 -26.13 17.76
CA ASP A 923 17.38 -26.53 16.92
C ASP A 923 16.67 -25.29 16.37
N LEU A 924 16.42 -24.31 17.23
CA LEU A 924 15.71 -23.08 16.87
C LEU A 924 16.47 -22.23 15.86
N PHE A 925 17.73 -21.96 16.19
CA PHE A 925 18.67 -21.30 15.28
C PHE A 925 18.70 -22.03 13.94
N THR A 926 18.91 -23.34 13.96
CA THR A 926 18.97 -24.15 12.76
C THR A 926 17.63 -24.17 12.02
N ARG A 927 16.53 -24.18 12.77
CA ARG A 927 15.20 -24.16 12.13
C ARG A 927 14.89 -22.78 11.51
N SER A 928 15.22 -21.70 12.21
CA SER A 928 15.01 -20.36 11.66
C SER A 928 15.95 -20.12 10.48
N CYS A 929 17.25 -20.35 10.70
CA CYS A 929 18.28 -20.10 9.69
C CYS A 929 17.98 -20.71 8.32
N ALA A 930 17.40 -21.90 8.32
CA ALA A 930 17.01 -22.57 7.07
C ALA A 930 15.93 -21.76 6.37
N GLY A 931 14.81 -21.56 7.06
CA GLY A 931 13.70 -20.82 6.49
C GLY A 931 14.14 -19.49 5.91
N TYR A 932 14.77 -18.67 6.76
CA TYR A 932 15.25 -17.36 6.35
C TYR A 932 16.19 -17.45 5.14
N CYS A 933 16.95 -18.54 5.00
CA CYS A 933 17.84 -18.71 3.82
C CYS A 933 17.06 -18.84 2.51
N VAL A 934 16.00 -19.66 2.55
CA VAL A 934 15.11 -19.93 1.40
C VAL A 934 14.25 -18.72 1.05
N ALA A 935 13.62 -18.12 2.06
CA ALA A 935 12.78 -16.94 1.82
C ALA A 935 13.62 -15.83 1.20
N THR A 936 14.72 -15.51 1.85
CA THR A 936 15.70 -14.57 1.35
C THR A 936 16.11 -14.85 -0.10
N PHE A 937 16.64 -16.04 -0.37
CA PHE A 937 17.01 -16.42 -1.74
C PHE A 937 15.93 -16.19 -2.79
N ILE A 938 14.76 -16.78 -2.55
CA ILE A 938 13.61 -16.70 -3.46
C ILE A 938 13.22 -15.26 -3.74
N LEU A 939 13.00 -14.48 -2.68
CA LEU A 939 12.67 -13.05 -2.82
C LEU A 939 13.81 -12.20 -3.40
N GLY A 940 15.04 -12.58 -3.11
CA GLY A 940 16.18 -11.83 -3.61
C GLY A 940 16.32 -10.48 -2.91
N ILE A 941 15.93 -10.43 -1.64
CA ILE A 941 16.07 -9.22 -0.79
C ILE A 941 17.53 -8.71 -0.73
N GLY A 942 17.76 -7.56 -0.11
CA GLY A 942 19.10 -6.95 -0.10
C GLY A 942 20.17 -7.88 0.44
N ASP A 943 21.43 -7.64 0.08
CA ASP A 943 22.53 -8.49 0.59
C ASP A 943 22.50 -8.46 2.15
N ARG A 944 22.61 -9.65 2.77
CA ARG A 944 22.59 -9.80 4.25
C ARG A 944 23.98 -9.65 4.84
N HIS A 945 24.07 -9.02 6.01
CA HIS A 945 25.34 -8.76 6.68
C HIS A 945 25.15 -8.41 8.16
N ASN A 946 26.24 -8.42 8.91
CA ASN A 946 26.26 -8.27 10.39
C ASN A 946 25.21 -7.37 11.04
N SER A 947 25.08 -6.15 10.52
CA SER A 947 24.16 -5.18 11.11
C SER A 947 22.68 -5.34 10.69
N ASN A 948 22.36 -6.24 9.76
CA ASN A 948 20.94 -6.52 9.40
C ASN A 948 20.47 -7.95 9.63
N ILE A 949 21.28 -8.73 10.34
CA ILE A 949 20.87 -10.06 10.81
C ILE A 949 20.75 -9.88 12.31
N MET A 950 19.77 -10.56 12.92
CA MET A 950 19.54 -10.49 14.37
C MET A 950 19.34 -11.86 15.00
N VAL A 951 19.88 -12.00 16.23
CA VAL A 951 19.73 -13.22 17.01
C VAL A 951 19.23 -12.91 18.42
N LYS A 952 18.34 -13.79 18.90
CA LYS A 952 17.66 -13.66 20.18
C LYS A 952 18.26 -14.60 21.21
N ASP A 953 18.09 -14.23 22.47
CA ASP A 953 18.66 -15.00 23.60
C ASP A 953 18.32 -16.49 23.54
N ASP A 954 17.09 -16.81 23.16
CA ASP A 954 16.65 -18.21 23.06
C ASP A 954 17.16 -18.93 21.80
N GLY A 955 17.85 -18.19 20.92
CA GLY A 955 18.57 -18.77 19.79
C GLY A 955 17.91 -18.65 18.41
N GLN A 956 16.81 -17.89 18.32
CA GLN A 956 16.16 -17.62 17.03
C GLN A 956 16.88 -16.52 16.30
N LEU A 957 17.02 -16.72 14.99
CA LEU A 957 17.63 -15.75 14.10
C LEU A 957 16.53 -15.22 13.20
N PHE A 958 16.70 -13.96 12.79
CA PHE A 958 15.77 -13.29 11.91
C PHE A 958 16.41 -12.05 11.30
N HIS A 959 16.07 -11.76 10.05
CA HIS A 959 16.57 -10.56 9.33
C HIS A 959 15.72 -9.29 9.54
N ILE A 960 16.36 -8.14 9.46
CA ILE A 960 15.69 -6.82 9.45
C ILE A 960 16.14 -5.96 8.23
N ASP A 961 15.63 -4.72 8.12
CA ASP A 961 16.00 -3.76 7.06
C ASP A 961 16.28 -4.45 5.73
N PHE A 962 15.23 -4.97 5.13
CA PHE A 962 15.34 -5.84 4.00
C PHE A 962 15.88 -5.15 2.75
N GLY A 963 15.44 -3.91 2.54
CA GLY A 963 15.80 -3.15 1.34
C GLY A 963 15.00 -3.59 0.12
N HIS A 964 15.65 -3.60 -1.04
CA HIS A 964 14.97 -3.76 -2.31
C HIS A 964 14.68 -5.23 -2.61
N PHE A 965 13.42 -5.60 -2.68
CA PHE A 965 13.04 -7.03 -2.62
C PHE A 965 13.36 -7.80 -3.88
N LEU A 966 12.73 -7.53 -5.02
CA LEU A 966 12.88 -8.44 -6.18
C LEU A 966 14.18 -8.24 -7.01
N ASP A 967 15.27 -7.91 -6.32
CA ASP A 967 16.60 -7.70 -6.90
C ASP A 967 16.65 -6.43 -7.75
N HIS A 968 16.54 -5.29 -7.08
CA HIS A 968 16.35 -4.00 -7.75
C HIS A 968 17.64 -3.32 -8.22
N LYS A 969 18.79 -3.72 -7.68
CA LYS A 969 20.09 -3.24 -8.20
C LYS A 969 20.66 -4.06 -9.40
N LYS A 970 19.97 -5.11 -9.87
CA LYS A 970 20.41 -5.90 -11.06
C LYS A 970 20.32 -5.15 -12.40
N LYS A 971 19.46 -4.12 -12.43
CA LYS A 971 19.36 -3.18 -13.56
C LYS A 971 20.70 -2.47 -13.85
N LYS A 972 21.48 -2.22 -12.79
CA LYS A 972 22.85 -1.72 -12.91
C LYS A 972 23.84 -2.85 -13.19
N ARG A 977 21.88 -13.01 -12.82
CA ARG A 977 22.65 -12.91 -11.58
C ARG A 977 22.18 -13.87 -10.48
N GLU A 978 20.86 -14.13 -10.41
CA GLU A 978 20.23 -15.05 -9.44
C GLU A 978 20.98 -15.10 -8.11
N ARG A 979 20.95 -13.97 -7.42
CA ARG A 979 21.79 -13.74 -6.25
C ARG A 979 21.37 -14.56 -5.00
N VAL A 980 22.36 -14.93 -4.17
CA VAL A 980 22.15 -15.49 -2.83
C VAL A 980 22.51 -14.40 -1.82
N PRO A 981 21.47 -13.76 -1.21
CA PRO A 981 21.74 -12.68 -0.26
C PRO A 981 22.20 -13.16 1.12
N PHE A 982 21.66 -14.29 1.60
CA PHE A 982 22.10 -14.86 2.88
C PHE A 982 23.13 -15.93 2.62
N VAL A 983 24.39 -15.56 2.81
CA VAL A 983 25.51 -16.44 2.60
C VAL A 983 26.00 -16.79 3.99
N LEU A 984 25.90 -18.08 4.33
CA LEU A 984 26.20 -18.55 5.68
C LEU A 984 27.70 -18.66 5.88
N THR A 985 28.26 -17.64 6.52
CA THR A 985 29.67 -17.63 6.90
C THR A 985 29.97 -18.70 7.96
N GLN A 986 31.23 -18.77 8.38
CA GLN A 986 31.66 -19.71 9.40
C GLN A 986 30.78 -19.55 10.64
N ASP A 987 30.75 -18.32 11.16
CA ASP A 987 29.97 -17.95 12.34
C ASP A 987 28.72 -18.81 12.52
N PHE A 988 27.91 -18.84 11.47
CA PHE A 988 26.62 -19.52 11.46
C PHE A 988 26.82 -21.03 11.41
N LEU A 989 27.70 -21.46 10.52
CA LEU A 989 27.97 -22.88 10.32
C LEU A 989 28.51 -23.56 11.58
N ILE A 990 29.42 -22.88 12.27
CA ILE A 990 29.93 -23.34 13.57
C ILE A 990 28.73 -23.66 14.43
N VAL A 991 27.81 -22.72 14.54
CA VAL A 991 26.66 -22.80 15.45
C VAL A 991 25.64 -23.87 15.02
N ILE A 992 25.52 -24.12 13.72
CA ILE A 992 24.59 -25.16 13.23
C ILE A 992 25.03 -26.56 13.70
N SER A 993 26.30 -26.89 13.48
CA SER A 993 26.95 -28.00 14.20
C SER A 993 27.40 -27.44 15.55
N LYS A 994 27.57 -28.27 16.57
CA LYS A 994 27.82 -27.71 17.91
C LYS A 994 29.31 -27.59 18.18
N GLY A 995 29.90 -26.59 17.55
CA GLY A 995 31.33 -26.31 17.69
C GLY A 995 32.27 -27.18 16.85
N ALA A 996 31.75 -28.20 16.17
CA ALA A 996 32.60 -29.12 15.40
C ALA A 996 33.41 -28.38 14.35
N GLN A 997 34.62 -28.85 14.06
CA GLN A 997 35.45 -28.28 13.01
C GLN A 997 35.20 -28.98 11.69
N GLU A 998 35.40 -28.22 10.62
CA GLU A 998 34.96 -28.59 9.28
C GLU A 998 33.48 -29.02 9.32
N CYS A 999 32.66 -27.99 9.54
CA CYS A 999 31.22 -28.11 9.73
C CYS A 999 30.54 -28.66 8.50
N THR A 1000 31.07 -28.30 7.32
CA THR A 1000 30.64 -28.86 6.02
C THR A 1000 30.12 -30.30 6.11
N LYS A 1001 30.72 -31.12 7.00
CA LYS A 1001 30.56 -32.58 6.97
C LYS A 1001 29.98 -33.23 8.24
N THR A 1002 29.05 -32.55 8.92
CA THR A 1002 28.33 -33.13 10.08
C THR A 1002 26.93 -33.59 9.64
N ARG A 1003 26.22 -34.36 10.48
CA ARG A 1003 24.78 -34.65 10.23
C ARG A 1003 23.94 -33.45 10.65
N GLU A 1004 24.44 -32.69 11.63
CA GLU A 1004 23.85 -31.41 12.07
C GLU A 1004 23.52 -30.56 10.84
N PHE A 1005 24.48 -30.54 9.91
CA PHE A 1005 24.37 -29.83 8.62
C PHE A 1005 23.52 -30.57 7.60
N GLU A 1006 23.68 -31.89 7.50
CA GLU A 1006 22.83 -32.69 6.60
C GLU A 1006 21.36 -32.36 6.87
N ARG A 1007 20.99 -32.40 8.16
CA ARG A 1007 19.66 -32.02 8.61
C ARG A 1007 19.23 -30.67 8.05
N PHE A 1008 20.07 -29.66 8.31
CA PHE A 1008 19.85 -28.27 7.90
C PHE A 1008 19.61 -28.13 6.40
N GLN A 1009 20.42 -28.84 5.62
CA GLN A 1009 20.28 -28.81 4.19
C GLN A 1009 18.94 -29.38 3.78
N GLU A 1010 18.56 -30.51 4.34
CA GLU A 1010 17.26 -31.13 4.01
C GLU A 1010 16.06 -30.26 4.41
N MET A 1011 16.20 -29.46 5.47
CA MET A 1011 15.18 -28.45 5.80
C MET A 1011 15.11 -27.41 4.69
N CYS A 1012 16.26 -26.90 4.26
CA CYS A 1012 16.31 -25.96 3.13
C CYS A 1012 15.63 -26.51 1.88
N TYR A 1013 15.89 -27.78 1.54
CA TYR A 1013 15.33 -28.38 0.31
C TYR A 1013 13.84 -28.61 0.42
N LYS A 1014 13.39 -29.04 1.60
CA LYS A 1014 11.96 -29.27 1.84
C LYS A 1014 11.17 -27.96 1.84
N ALA A 1015 11.77 -26.91 2.40
CA ALA A 1015 11.20 -25.56 2.39
C ALA A 1015 11.15 -24.97 0.97
N TYR A 1016 12.31 -24.92 0.28
CA TYR A 1016 12.38 -24.45 -1.11
C TYR A 1016 11.24 -25.01 -1.97
N LEU A 1017 11.07 -26.32 -1.90
CA LEU A 1017 10.04 -26.99 -2.67
C LEU A 1017 8.65 -26.65 -2.22
N ALA A 1018 8.44 -26.52 -0.92
CA ALA A 1018 7.12 -26.14 -0.39
C ALA A 1018 6.57 -24.87 -1.04
N ILE A 1019 7.44 -23.87 -1.20
CA ILE A 1019 7.08 -22.59 -1.81
C ILE A 1019 6.85 -22.74 -3.32
N ARG A 1020 7.62 -23.63 -3.95
CA ARG A 1020 7.47 -23.96 -5.35
C ARG A 1020 6.10 -24.60 -5.73
N GLN A 1021 5.48 -25.31 -4.81
CA GLN A 1021 4.11 -25.78 -5.04
C GLN A 1021 3.04 -24.69 -4.82
N HIS A 1022 3.40 -23.60 -4.14
CA HIS A 1022 2.50 -22.45 -3.95
C HIS A 1022 2.92 -21.21 -4.73
N ALA A 1023 3.76 -21.38 -5.74
CA ALA A 1023 4.38 -20.22 -6.39
C ALA A 1023 3.40 -19.33 -7.11
N ASN A 1024 2.25 -19.87 -7.51
CA ASN A 1024 1.23 -19.05 -8.13
C ASN A 1024 0.87 -17.94 -7.19
N LEU A 1025 0.52 -18.31 -5.96
CA LEU A 1025 0.15 -17.35 -4.94
C LEU A 1025 1.11 -16.19 -4.83
N PHE A 1026 2.39 -16.49 -4.82
CA PHE A 1026 3.39 -15.44 -4.63
C PHE A 1026 3.50 -14.52 -5.83
N ILE A 1027 3.49 -15.10 -7.02
CA ILE A 1027 3.36 -14.34 -8.24
C ILE A 1027 2.16 -13.41 -8.07
N ASN A 1028 0.99 -13.99 -7.78
CA ASN A 1028 -0.28 -13.25 -7.62
C ASN A 1028 -0.22 -12.13 -6.60
N LEU A 1029 0.35 -12.40 -5.43
CA LEU A 1029 0.50 -11.37 -4.39
C LEU A 1029 1.35 -10.25 -4.91
N PHE A 1030 2.45 -10.57 -5.60
CA PHE A 1030 3.29 -9.54 -6.19
C PHE A 1030 2.58 -8.79 -7.31
N SER A 1031 1.85 -9.52 -8.15
CA SER A 1031 1.06 -8.92 -9.22
C SER A 1031 0.04 -7.87 -8.72
N MET A 1032 -0.66 -8.21 -7.64
CA MET A 1032 -1.65 -7.32 -7.07
C MET A 1032 -1.04 -6.00 -6.56
N MET A 1033 0.26 -6.00 -6.27
CA MET A 1033 0.98 -4.86 -5.67
C MET A 1033 1.60 -3.87 -6.65
N LEU A 1034 1.38 -4.08 -7.95
CA LEU A 1034 1.84 -3.14 -8.98
C LEU A 1034 1.13 -1.77 -8.88
N GLY A 1035 -0.10 -1.79 -8.35
CA GLY A 1035 -0.85 -0.57 -8.04
C GLY A 1035 0.03 0.46 -7.35
N SER A 1036 0.59 0.09 -6.20
CA SER A 1036 1.44 0.99 -5.40
C SER A 1036 2.59 1.46 -6.22
N GLY A 1037 2.98 2.71 -6.01
CA GLY A 1037 4.13 3.29 -6.72
C GLY A 1037 5.48 2.81 -6.19
N MET A 1038 5.64 1.49 -6.06
CA MET A 1038 6.88 0.95 -5.54
C MET A 1038 7.84 0.81 -6.71
N PRO A 1039 9.03 1.42 -6.60
CA PRO A 1039 9.97 1.29 -7.68
C PRO A 1039 10.37 -0.18 -8.00
N GLU A 1040 10.35 -1.05 -7.01
CA GLU A 1040 10.72 -2.46 -7.21
C GLU A 1040 9.61 -3.29 -7.87
N LEU A 1041 8.40 -2.73 -7.97
CA LEU A 1041 7.26 -3.34 -8.65
C LEU A 1041 6.67 -2.35 -9.62
N GLN A 1042 7.34 -2.18 -10.76
CA GLN A 1042 6.83 -1.33 -11.82
C GLN A 1042 6.02 -2.08 -12.85
N SER A 1043 6.47 -3.27 -13.23
CA SER A 1043 5.74 -4.14 -14.17
C SER A 1043 6.16 -5.60 -14.06
N PHE A 1044 5.37 -6.47 -14.67
CA PHE A 1044 5.45 -7.93 -14.46
C PHE A 1044 6.83 -8.60 -14.58
N ASP A 1045 7.72 -8.07 -15.42
CA ASP A 1045 9.06 -8.67 -15.51
C ASP A 1045 9.90 -8.39 -14.26
N ASP A 1046 9.53 -7.37 -13.48
CA ASP A 1046 10.09 -7.20 -12.13
C ASP A 1046 9.77 -8.46 -11.29
N ILE A 1047 8.51 -8.88 -11.36
CA ILE A 1047 8.01 -10.08 -10.68
C ILE A 1047 8.60 -11.32 -11.29
N ALA A 1048 8.90 -11.28 -12.58
CA ALA A 1048 9.44 -12.45 -13.25
C ALA A 1048 10.70 -13.06 -12.61
N TYR A 1049 11.49 -12.23 -11.91
CA TYR A 1049 12.63 -12.73 -11.11
C TYR A 1049 12.25 -13.95 -10.25
N ILE A 1050 11.11 -13.84 -9.58
CA ILE A 1050 10.63 -14.91 -8.70
C ILE A 1050 10.29 -16.23 -9.45
N ARG A 1051 10.30 -16.21 -10.78
CA ARG A 1051 10.22 -17.43 -11.58
C ARG A 1051 11.57 -18.10 -11.55
N LYS A 1052 12.60 -17.39 -12.03
CA LYS A 1052 13.94 -17.96 -12.15
C LYS A 1052 14.33 -18.63 -10.87
N THR A 1053 14.25 -17.84 -9.80
CA THR A 1053 14.70 -18.21 -8.47
C THR A 1053 13.91 -19.43 -7.93
N LEU A 1054 12.65 -19.56 -8.31
CA LEU A 1054 11.90 -20.78 -8.02
C LEU A 1054 12.11 -21.85 -9.11
N ALA A 1055 12.50 -21.42 -10.32
CA ALA A 1055 12.64 -22.28 -11.49
C ALA A 1055 11.35 -23.04 -11.77
N LEU A 1056 10.38 -22.32 -12.32
CA LEU A 1056 9.05 -22.85 -12.60
C LEU A 1056 8.96 -23.36 -14.05
N ASP A 1057 9.90 -22.92 -14.89
CA ASP A 1057 10.05 -23.45 -16.26
C ASP A 1057 10.58 -24.90 -16.21
N LYS A 1058 11.34 -25.22 -15.17
CA LYS A 1058 11.98 -26.55 -15.01
C LYS A 1058 11.04 -27.60 -14.35
N THR A 1059 11.57 -28.81 -14.11
CA THR A 1059 10.89 -29.86 -13.32
C THR A 1059 11.52 -29.90 -11.95
N GLU A 1060 10.72 -30.25 -10.95
CA GLU A 1060 11.09 -30.01 -9.56
C GLU A 1060 12.46 -30.56 -9.18
N GLN A 1061 12.81 -31.73 -9.74
CA GLN A 1061 14.12 -32.34 -9.47
C GLN A 1061 15.28 -31.53 -10.10
N GLU A 1062 15.03 -30.93 -11.26
CA GLU A 1062 15.99 -29.99 -11.85
C GLU A 1062 16.05 -28.73 -11.01
N ALA A 1063 14.87 -28.26 -10.58
CA ALA A 1063 14.76 -27.07 -9.75
C ALA A 1063 15.47 -27.27 -8.43
N LEU A 1064 15.24 -28.43 -7.81
CA LEU A 1064 16.02 -28.82 -6.62
C LEU A 1064 17.51 -28.64 -6.85
N GLU A 1065 17.99 -29.27 -7.92
CA GLU A 1065 19.41 -29.25 -8.24
C GLU A 1065 19.88 -27.85 -8.58
N TYR A 1066 19.01 -27.05 -9.21
CA TYR A 1066 19.28 -25.62 -9.47
C TYR A 1066 19.53 -24.85 -8.18
N PHE A 1067 18.70 -25.12 -7.17
CA PHE A 1067 18.84 -24.46 -5.87
C PHE A 1067 20.15 -24.89 -5.21
N MET A 1068 20.35 -26.20 -5.07
CA MET A 1068 21.60 -26.78 -4.57
C MET A 1068 22.78 -26.15 -5.31
N LYS A 1069 22.71 -26.14 -6.65
CA LYS A 1069 23.71 -25.45 -7.49
C LYS A 1069 23.91 -24.01 -7.05
N GLN A 1070 22.82 -23.25 -6.99
CA GLN A 1070 22.93 -21.84 -6.67
C GLN A 1070 23.54 -21.67 -5.28
N MET A 1071 23.08 -22.48 -4.33
CA MET A 1071 23.59 -22.46 -2.96
C MET A 1071 25.05 -22.91 -2.83
N ASN A 1072 25.47 -23.83 -3.68
CA ASN A 1072 26.84 -24.36 -3.63
C ASN A 1072 27.90 -23.34 -4.07
N ASP A 1073 27.68 -22.70 -5.21
CA ASP A 1073 28.59 -21.65 -5.74
C ASP A 1073 28.81 -20.45 -4.79
N ALA A 1074 27.76 -20.07 -4.08
CA ALA A 1074 27.83 -18.96 -3.13
C ALA A 1074 28.62 -19.34 -1.87
N HIS A 1075 28.61 -20.64 -1.55
CA HIS A 1075 29.22 -21.19 -0.32
C HIS A 1075 30.62 -21.84 -0.54
N HIS A 1076 30.89 -22.32 -1.77
CA HIS A 1076 32.20 -22.93 -2.17
C HIS A 1076 32.48 -24.34 -1.57
N GLY A 1077 31.44 -25.19 -1.56
CA GLY A 1077 31.50 -26.53 -0.95
C GLY A 1077 30.24 -26.83 -0.16
N GLY A 1078 29.91 -28.13 -0.02
CA GLY A 1078 28.59 -28.58 0.46
C GLY A 1078 27.59 -28.68 -0.71
N TRP A 1079 26.41 -29.24 -0.45
CA TRP A 1079 25.21 -29.15 -1.34
C TRP A 1079 25.22 -30.06 -2.60
N THR A 1080 25.36 -31.38 -2.40
CA THR A 1080 25.31 -32.37 -3.50
C THR A 1080 25.02 -33.77 -2.92
N THR A 1081 24.63 -34.72 -3.79
CA THR A 1081 24.40 -36.12 -3.40
C THR A 1081 23.21 -36.20 -2.41
N LYS A 1082 22.03 -35.85 -2.91
CA LYS A 1082 20.78 -35.76 -2.14
C LYS A 1082 20.37 -37.13 -1.57
N LEU B 7 20.80 -23.19 -39.25
CA LEU B 7 19.61 -23.37 -38.36
C LEU B 7 19.89 -23.02 -36.88
N GLN B 8 21.13 -23.28 -36.44
CA GLN B 8 21.55 -23.02 -35.06
C GLN B 8 21.81 -21.53 -34.84
N ASP B 9 22.68 -20.96 -35.67
CA ASP B 9 23.04 -19.54 -35.60
C ASP B 9 21.80 -18.73 -36.02
N ALA B 10 21.46 -18.76 -37.32
CA ALA B 10 20.21 -18.19 -37.86
C ALA B 10 19.84 -16.74 -37.48
N GLU B 11 20.81 -15.97 -36.98
CA GLU B 11 20.58 -14.60 -36.43
C GLU B 11 19.50 -14.50 -35.33
N TRP B 12 18.23 -14.62 -35.70
CA TRP B 12 17.09 -14.47 -34.75
C TRP B 12 16.90 -15.60 -33.72
N TYR B 13 17.56 -16.74 -33.89
CA TYR B 13 17.21 -17.96 -33.14
C TYR B 13 17.52 -17.92 -31.64
N SER B 18 14.71 -18.33 -22.06
CA SER B 18 13.38 -18.43 -21.46
C SER B 18 12.62 -17.09 -21.49
N ARG B 19 11.33 -17.13 -21.16
CA ARG B 19 10.40 -15.98 -21.24
C ARG B 19 10.91 -14.63 -20.71
N GLU B 20 11.81 -14.66 -19.72
CA GLU B 20 12.18 -13.43 -19.00
C GLU B 20 13.03 -12.50 -19.87
N GLU B 21 14.14 -13.02 -20.40
CA GLU B 21 15.08 -12.23 -21.19
C GLU B 21 14.57 -11.87 -22.60
N VAL B 22 13.68 -12.70 -23.15
CA VAL B 22 13.05 -12.45 -24.45
C VAL B 22 12.11 -11.23 -24.38
N ASN B 23 11.42 -11.04 -23.24
CA ASN B 23 10.65 -9.81 -22.97
C ASN B 23 11.55 -8.58 -22.97
N GLU B 24 12.72 -8.70 -22.33
CA GLU B 24 13.72 -7.61 -22.24
C GLU B 24 14.50 -7.39 -23.55
N LYS B 25 14.37 -8.30 -24.51
CA LYS B 25 14.88 -8.13 -25.87
C LYS B 25 13.81 -7.68 -26.89
N LEU B 26 12.54 -7.93 -26.59
CA LEU B 26 11.41 -7.36 -27.34
C LEU B 26 10.95 -5.99 -26.79
N ARG B 27 11.35 -5.68 -25.54
CA ARG B 27 10.99 -4.42 -24.87
C ARG B 27 11.14 -3.17 -25.75
N ASP B 28 10.12 -2.31 -25.71
CA ASP B 28 9.95 -1.12 -26.60
C ASP B 28 9.75 -1.47 -28.08
N ASP B 31 6.75 -2.88 -33.23
CA ASP B 31 5.49 -3.40 -33.75
C ASP B 31 5.73 -4.15 -35.07
N GLY B 32 6.07 -5.44 -34.96
CA GLY B 32 6.51 -6.26 -36.10
C GLY B 32 7.77 -7.08 -35.79
N THR B 33 8.55 -6.62 -34.81
CA THR B 33 9.79 -7.29 -34.37
C THR B 33 9.55 -8.73 -33.87
N PHE B 34 10.50 -9.63 -34.13
CA PHE B 34 10.36 -11.05 -33.73
C PHE B 34 11.70 -11.77 -33.47
N LEU B 35 11.62 -12.98 -32.92
CA LEU B 35 12.81 -13.84 -32.70
C LEU B 35 12.57 -15.36 -32.60
N THR B 41 10.28 -25.64 -21.49
CA THR B 41 10.02 -27.08 -21.41
C THR B 41 9.93 -27.70 -22.81
N LYS B 42 10.56 -28.86 -22.97
CA LYS B 42 10.47 -29.64 -24.21
C LYS B 42 9.11 -30.32 -24.35
N MET B 43 8.62 -30.90 -23.25
CA MET B 43 7.36 -31.67 -23.26
C MET B 43 6.08 -30.91 -23.65
N HIS B 44 6.08 -29.57 -23.56
CA HIS B 44 4.94 -28.75 -24.02
C HIS B 44 4.94 -28.59 -25.56
N GLY B 45 6.10 -28.20 -26.10
CA GLY B 45 6.30 -28.04 -27.55
C GLY B 45 7.77 -27.79 -27.89
N ASP B 46 8.08 -27.56 -29.17
CA ASP B 46 9.47 -27.37 -29.64
C ASP B 46 9.96 -25.90 -29.60
N TYR B 47 9.82 -25.13 -30.68
CA TYR B 47 10.31 -23.72 -30.73
C TYR B 47 9.14 -22.75 -30.61
N THR B 48 9.43 -21.53 -30.14
CA THR B 48 8.42 -20.46 -29.96
C THR B 48 8.82 -19.18 -30.73
N LEU B 49 7.92 -18.69 -31.58
CA LEU B 49 8.09 -17.42 -32.29
C LEU B 49 7.46 -16.32 -31.46
N THR B 50 8.27 -15.39 -30.95
CA THR B 50 7.78 -14.30 -30.09
C THR B 50 7.74 -12.96 -30.86
N LEU B 51 6.66 -12.77 -31.61
CA LEU B 51 6.40 -11.56 -32.39
C LEU B 51 5.76 -10.51 -31.47
N ARG B 52 6.22 -9.25 -31.59
CA ARG B 52 5.68 -8.13 -30.81
C ARG B 52 4.78 -7.23 -31.67
N LYS B 53 3.65 -6.78 -31.12
CA LYS B 53 2.71 -5.90 -31.85
C LYS B 53 2.36 -4.63 -31.05
N LYS B 58 3.07 -11.68 -28.81
CA LYS B 58 2.38 -12.75 -29.53
C LYS B 58 3.25 -14.01 -29.68
N LEU B 59 3.16 -14.90 -28.69
CA LEU B 59 3.86 -16.19 -28.71
C LEU B 59 3.14 -17.18 -29.66
N ILE B 60 3.87 -17.79 -30.60
CA ILE B 60 3.30 -18.70 -31.62
C ILE B 60 4.08 -20.03 -31.69
N LYS B 61 3.45 -21.15 -31.32
CA LYS B 61 4.03 -22.51 -31.43
C LYS B 61 4.38 -22.87 -32.89
N LYS B 68 8.93 -31.99 -40.71
CA LYS B 68 8.00 -30.87 -40.65
C LYS B 68 8.04 -30.20 -39.27
N TYR B 69 7.49 -28.98 -39.20
CA TYR B 69 7.59 -28.14 -37.99
C TYR B 69 6.37 -27.23 -37.74
N SER B 72 0.85 -26.17 -37.21
CA SER B 72 -0.47 -26.63 -36.81
C SER B 72 -1.05 -27.57 -37.88
N ASP B 73 -2.02 -27.11 -38.68
CA ASP B 73 -2.53 -27.89 -39.82
C ASP B 73 -1.54 -27.85 -40.99
N PRO B 74 -1.23 -26.63 -41.53
CA PRO B 74 -0.31 -26.60 -42.68
C PRO B 74 1.14 -26.82 -42.23
N LEU B 75 1.60 -28.07 -42.31
CA LEU B 75 2.89 -28.49 -41.74
C LEU B 75 4.08 -28.50 -42.73
N THR B 76 3.79 -28.56 -44.03
CA THR B 76 4.83 -28.76 -45.07
C THR B 76 5.97 -27.71 -45.07
N SER B 78 9.24 -27.82 -43.65
CA SER B 78 10.30 -28.81 -43.46
C SER B 78 11.31 -28.46 -42.35
N SER B 79 11.59 -27.17 -42.14
CA SER B 79 12.56 -26.70 -41.14
C SER B 79 12.11 -25.43 -40.41
N VAL B 80 12.89 -25.03 -39.40
CA VAL B 80 12.63 -23.80 -38.63
C VAL B 80 13.02 -22.53 -39.41
N VAL B 81 14.11 -22.59 -40.19
CA VAL B 81 14.50 -21.47 -41.10
C VAL B 81 13.50 -21.32 -42.26
N GLU B 82 12.92 -22.45 -42.71
CA GLU B 82 11.89 -22.48 -43.76
C GLU B 82 10.67 -21.66 -43.37
N LEU B 83 10.16 -21.93 -42.16
CA LEU B 83 8.89 -21.35 -41.71
C LEU B 83 8.93 -19.84 -41.48
N ILE B 84 10.09 -19.29 -41.13
CA ILE B 84 10.24 -17.86 -40.81
C ILE B 84 10.43 -16.97 -42.06
N ASN B 85 11.20 -17.47 -43.05
CA ASN B 85 11.44 -16.74 -44.30
C ASN B 85 10.17 -16.50 -45.17
N HIS B 86 9.20 -17.42 -45.10
CA HIS B 86 7.91 -17.30 -45.82
C HIS B 86 7.02 -16.18 -45.29
N TYR B 87 6.90 -16.10 -43.96
CA TYR B 87 6.00 -15.15 -43.29
C TYR B 87 6.60 -13.76 -43.08
N ARG B 88 7.92 -13.64 -43.19
CA ARG B 88 8.59 -12.33 -43.23
C ARG B 88 8.03 -11.52 -44.43
N ASN B 89 7.86 -12.21 -45.57
CA ASN B 89 7.14 -11.66 -46.73
C ASN B 89 5.63 -11.71 -46.50
N SER B 91 2.70 -11.86 -43.84
CA SER B 91 1.76 -11.45 -42.80
C SER B 91 1.04 -12.68 -42.24
N LEU B 92 0.59 -12.60 -40.99
CA LEU B 92 -0.03 -13.74 -40.27
C LEU B 92 -1.57 -13.68 -40.19
N ALA B 93 -2.21 -13.01 -41.15
CA ALA B 93 -3.67 -12.89 -41.17
C ALA B 93 -4.36 -14.14 -41.77
N GLN B 94 -3.82 -14.64 -42.89
CA GLN B 94 -4.37 -15.86 -43.56
C GLN B 94 -4.08 -17.21 -42.85
N TYR B 95 -3.19 -17.20 -41.84
CA TYR B 95 -2.92 -18.37 -40.99
C TYR B 95 -3.93 -18.46 -39.84
N ASN B 96 -4.25 -17.30 -39.24
CA ASN B 96 -5.33 -17.20 -38.25
C ASN B 96 -5.80 -15.72 -38.16
N PRO B 97 -7.14 -15.47 -38.04
CA PRO B 97 -7.62 -14.07 -38.07
C PRO B 97 -7.14 -13.20 -36.90
N VAL B 101 0.09 -7.82 -39.90
CA VAL B 101 1.39 -7.47 -39.32
C VAL B 101 2.52 -8.33 -39.93
N TYR B 105 10.98 -7.09 -39.09
CA TYR B 105 12.03 -6.67 -38.17
C TYR B 105 12.66 -7.87 -37.46
N PRO B 106 13.53 -8.62 -38.16
CA PRO B 106 14.17 -9.79 -37.56
C PRO B 106 15.40 -9.39 -36.72
N VAL B 107 15.19 -8.51 -35.75
CA VAL B 107 16.31 -7.82 -35.07
C VAL B 107 17.00 -8.79 -34.10
N SER B 108 18.31 -9.00 -34.30
CA SER B 108 19.12 -9.89 -33.45
C SER B 108 20.63 -9.67 -33.68
N ASP B 119 37.13 -5.84 -32.32
CA ASP B 119 37.10 -7.23 -31.89
C ASP B 119 38.12 -7.47 -30.79
N ASN B 120 38.08 -6.60 -29.78
CA ASN B 120 39.09 -6.61 -28.73
C ASN B 120 38.79 -7.51 -27.54
N ILE B 121 37.51 -7.73 -27.26
CA ILE B 121 37.06 -8.52 -26.09
C ILE B 121 37.38 -7.79 -24.76
N GLU B 122 38.66 -7.54 -24.49
CA GLU B 122 39.07 -6.80 -23.28
C GLU B 122 38.74 -5.30 -23.31
N ALA B 123 38.84 -4.68 -24.49
CA ALA B 123 38.61 -3.23 -24.67
C ALA B 123 37.17 -2.87 -25.08
N VAL B 124 36.48 -3.81 -25.72
CA VAL B 124 35.01 -3.74 -25.85
C VAL B 124 34.37 -4.08 -24.48
N GLY B 125 35.12 -4.76 -23.60
CA GLY B 125 34.77 -4.98 -22.18
C GLY B 125 35.04 -3.83 -21.19
N LYS B 126 36.00 -2.96 -21.49
CA LYS B 126 36.18 -1.70 -20.73
C LYS B 126 35.04 -0.73 -21.05
N LYS B 127 34.71 -0.62 -22.34
CA LYS B 127 33.57 0.16 -22.82
C LYS B 127 32.27 -0.13 -22.08
N LEU B 128 32.05 -1.41 -21.76
CA LEU B 128 30.95 -1.83 -20.91
C LEU B 128 31.03 -1.18 -19.51
N HIS B 129 32.23 -1.14 -18.91
CA HIS B 129 32.43 -0.38 -17.66
C HIS B 129 32.23 1.13 -17.86
N GLU B 130 32.73 1.66 -18.98
CA GLU B 130 32.62 3.10 -19.30
C GLU B 130 31.17 3.56 -19.48
N TYR B 131 30.43 2.86 -20.34
CA TYR B 131 29.03 3.18 -20.61
C TYR B 131 28.14 2.89 -19.42
N ASN B 132 28.49 1.87 -18.64
CA ASN B 132 27.79 1.54 -17.39
C ASN B 132 28.01 2.57 -16.25
N THR B 133 29.19 3.21 -16.20
CA THR B 133 29.42 4.36 -15.29
C THR B 133 28.68 5.62 -15.78
N GLN B 134 28.61 5.80 -17.11
CA GLN B 134 27.85 6.89 -17.73
C GLN B 134 26.35 6.72 -17.51
N PHE B 135 25.86 5.52 -17.82
CA PHE B 135 24.46 5.17 -17.61
C PHE B 135 24.02 5.32 -16.13
N GLN B 136 24.83 4.84 -15.20
CA GLN B 136 24.54 4.96 -13.76
C GLN B 136 24.74 6.39 -13.22
N GLU B 137 25.71 7.13 -13.79
CA GLU B 137 25.82 8.59 -13.57
C GLU B 137 24.52 9.29 -13.93
N LYS B 138 23.99 8.91 -15.10
CA LYS B 138 22.80 9.53 -15.70
C LYS B 138 21.53 9.23 -14.89
N SER B 139 21.45 8.01 -14.33
CA SER B 139 20.32 7.58 -13.48
C SER B 139 20.13 8.48 -12.26
N ARG B 140 21.20 8.68 -11.49
CA ARG B 140 21.19 9.60 -10.32
C ARG B 140 20.61 10.97 -10.69
N GLU B 141 21.07 11.50 -11.82
CA GLU B 141 20.63 12.81 -12.31
C GLU B 141 19.12 12.80 -12.60
N TYR B 142 18.65 11.75 -13.29
CA TYR B 142 17.22 11.55 -13.51
C TYR B 142 16.44 11.28 -12.20
N ASP B 143 17.07 10.61 -11.23
CA ASP B 143 16.44 10.30 -9.94
C ASP B 143 16.35 11.50 -8.98
N ARG B 144 17.44 12.27 -8.89
CA ARG B 144 17.49 13.55 -8.13
C ARG B 144 16.35 14.48 -8.53
N LEU B 145 16.22 14.66 -9.84
CA LEU B 145 15.29 15.60 -10.44
C LEU B 145 13.82 15.15 -10.37
N TYR B 146 13.57 13.85 -10.36
CA TYR B 146 12.22 13.31 -10.13
C TYR B 146 11.75 13.56 -8.68
N GLU B 147 12.70 13.63 -7.72
CA GLU B 147 12.42 14.08 -6.34
C GLU B 147 12.15 15.59 -6.29
N GLU B 148 13.06 16.40 -6.83
CA GLU B 148 12.89 17.87 -6.87
C GLU B 148 11.57 18.26 -7.54
N TYR B 149 11.28 17.67 -8.70
CA TYR B 149 9.99 17.79 -9.38
C TYR B 149 8.82 17.58 -8.41
N THR B 150 8.83 16.44 -7.72
CA THR B 150 7.71 16.03 -6.84
C THR B 150 7.64 16.90 -5.57
N ARG B 151 8.79 17.25 -5.00
CA ARG B 151 8.85 18.21 -3.90
C ARG B 151 8.31 19.55 -4.36
N THR B 152 8.79 20.03 -5.52
CA THR B 152 8.32 21.28 -6.08
C THR B 152 6.84 21.23 -6.49
N SER B 153 6.34 20.05 -6.87
CA SER B 153 4.90 19.86 -7.06
C SER B 153 4.13 20.06 -5.75
N GLN B 154 4.70 19.56 -4.65
CA GLN B 154 4.13 19.76 -3.31
C GLN B 154 4.34 21.17 -2.79
N GLU B 155 5.59 21.62 -2.77
CA GLU B 155 5.93 22.97 -2.30
C GLU B 155 5.01 24.01 -2.96
N ILE B 156 4.88 23.93 -4.28
CA ILE B 156 3.91 24.73 -5.03
C ILE B 156 2.50 24.56 -4.48
N GLN B 157 1.96 23.34 -4.57
CA GLN B 157 0.56 23.12 -4.18
C GLN B 157 0.30 23.51 -2.71
N MET B 158 1.31 23.34 -1.87
CA MET B 158 1.30 23.88 -0.50
C MET B 158 1.15 25.39 -0.49
N LYS B 159 1.93 26.06 -1.33
CA LYS B 159 1.79 27.51 -1.51
C LYS B 159 0.36 27.88 -1.95
N ARG B 160 -0.17 27.18 -2.96
CA ARG B 160 -1.49 27.52 -3.51
C ARG B 160 -2.58 27.54 -2.44
N THR B 161 -2.55 26.51 -1.60
CA THR B 161 -3.47 26.37 -0.46
C THR B 161 -3.33 27.54 0.48
N ALA B 162 -2.08 27.84 0.81
CA ALA B 162 -1.75 28.93 1.73
C ALA B 162 -2.28 30.26 1.22
N ILE B 163 -2.30 30.43 -0.11
CA ILE B 163 -2.90 31.62 -0.71
C ILE B 163 -4.42 31.61 -0.58
N GLU B 164 -5.04 30.45 -0.83
CA GLU B 164 -6.47 30.28 -0.53
C GLU B 164 -6.73 30.63 0.96
N ALA B 165 -5.80 30.20 1.82
CA ALA B 165 -5.88 30.45 3.26
C ALA B 165 -5.80 31.94 3.56
N PHE B 166 -4.74 32.58 3.07
CA PHE B 166 -4.56 34.02 3.21
C PHE B 166 -5.81 34.77 2.79
N ASN B 167 -6.23 34.51 1.56
CA ASN B 167 -7.41 35.17 1.01
C ASN B 167 -8.60 34.98 1.92
N GLU B 168 -8.75 33.77 2.47
CA GLU B 168 -9.83 33.49 3.41
C GLU B 168 -9.67 34.27 4.72
N THR B 169 -8.44 34.29 5.22
CA THR B 169 -8.05 35.08 6.40
C THR B 169 -8.48 36.51 6.16
N ILE B 170 -8.01 37.08 5.05
CA ILE B 170 -8.27 38.48 4.67
C ILE B 170 -9.75 38.81 4.59
N LYS B 171 -10.52 37.94 3.95
CA LYS B 171 -11.97 38.09 3.95
C LYS B 171 -12.44 38.34 5.37
N ILE B 172 -11.96 37.52 6.31
CA ILE B 172 -12.46 37.57 7.69
C ILE B 172 -12.02 38.86 8.41
N PHE B 173 -10.87 39.38 8.01
CA PHE B 173 -10.42 40.70 8.46
C PHE B 173 -11.16 41.84 7.76
N GLU B 174 -11.39 41.71 6.46
CA GLU B 174 -12.18 42.71 5.70
C GLU B 174 -13.65 42.73 6.19
N GLU B 175 -14.21 41.55 6.45
CA GLU B 175 -15.51 41.40 7.11
C GLU B 175 -15.53 42.03 8.51
N GLN B 176 -14.37 42.08 9.18
CA GLN B 176 -14.22 42.67 10.54
C GLN B 176 -14.15 44.20 10.60
N CYS B 177 -13.43 44.84 9.67
CA CYS B 177 -13.47 46.31 9.63
C CYS B 177 -14.86 46.78 9.20
N GLN B 178 -15.50 46.01 8.31
CA GLN B 178 -16.91 46.21 8.00
C GLN B 178 -17.74 46.07 9.29
N THR B 179 -17.50 45.00 10.04
CA THR B 179 -18.23 44.74 11.29
C THR B 179 -18.17 45.91 12.25
N GLN B 180 -17.02 46.56 12.38
CA GLN B 180 -16.87 47.62 13.37
C GLN B 180 -17.44 48.95 12.92
N GLU B 181 -17.35 49.27 11.63
CA GLU B 181 -17.99 50.46 11.09
C GLU B 181 -19.50 50.52 11.33
N ARG B 182 -20.19 49.38 11.26
CA ARG B 182 -21.59 49.34 11.67
C ARG B 182 -21.71 49.88 13.10
N TYR B 183 -21.10 49.19 14.05
CA TYR B 183 -21.36 49.45 15.48
C TYR B 183 -20.62 50.68 16.03
N SER B 184 -19.39 50.91 15.56
CA SER B 184 -18.57 52.05 15.97
C SER B 184 -19.21 53.39 15.60
N LYS B 185 -19.77 53.47 14.40
CA LYS B 185 -20.46 54.69 13.96
C LYS B 185 -21.88 54.82 14.52
N GLU B 186 -22.50 53.72 14.97
CA GLU B 186 -23.70 53.83 15.83
C GLU B 186 -23.29 54.35 17.23
N TYR B 187 -22.08 53.99 17.67
CA TYR B 187 -21.55 54.39 18.99
C TYR B 187 -20.66 55.66 18.99
N ILE B 188 -20.80 56.47 17.93
CA ILE B 188 -20.31 57.87 17.94
C ILE B 188 -21.52 58.80 18.11
N GLU B 189 -22.56 58.62 17.29
CA GLU B 189 -23.71 59.50 17.27
C GLU B 189 -24.61 59.29 18.48
N LYS B 190 -24.80 58.03 18.88
CA LYS B 190 -25.58 57.70 20.08
C LYS B 190 -25.08 58.45 21.33
N PHE B 191 -23.77 58.67 21.44
CA PHE B 191 -23.17 59.31 22.62
C PHE B 191 -23.45 60.80 22.72
N LYS B 192 -23.41 61.50 21.57
CA LYS B 192 -23.46 62.97 21.50
C LYS B 192 -22.08 63.57 21.87
N ARG B 193 -21.88 63.93 23.15
CA ARG B 193 -20.65 64.57 23.64
C ARG B 193 -19.83 63.73 24.63
N GLU B 194 -20.43 62.69 25.22
CA GLU B 194 -19.83 61.94 26.34
C GLU B 194 -18.62 61.08 25.95
N GLY B 195 -17.47 61.42 26.54
CA GLY B 195 -16.19 60.81 26.19
C GLY B 195 -15.70 61.10 24.78
N ASN B 196 -16.34 62.04 24.08
CA ASN B 196 -16.27 62.14 22.60
C ASN B 196 -14.95 61.73 21.93
N GLU B 197 -13.81 62.22 22.42
CA GLU B 197 -12.50 61.87 21.85
C GLU B 197 -11.78 60.84 22.71
N LYS B 198 -11.97 60.90 24.04
CA LYS B 198 -11.52 59.82 24.94
C LYS B 198 -12.20 58.46 24.70
N GLU B 199 -13.28 58.44 23.91
CA GLU B 199 -13.84 57.22 23.38
C GLU B 199 -13.31 57.07 21.96
N ILE B 200 -13.66 58.00 21.07
CA ILE B 200 -13.48 57.80 19.61
C ILE B 200 -12.02 57.70 19.16
N GLN B 201 -11.09 58.31 19.90
CA GLN B 201 -9.66 58.07 19.65
C GLN B 201 -9.40 56.56 19.75
N ARG B 202 -9.71 55.99 20.90
CA ARG B 202 -9.43 54.57 21.18
C ARG B 202 -10.30 53.57 20.36
N ILE B 203 -11.43 54.04 19.84
CA ILE B 203 -12.20 53.33 18.80
C ILE B 203 -11.50 53.45 17.44
N MET B 204 -11.02 54.64 17.12
CA MET B 204 -10.27 54.84 15.88
C MET B 204 -8.87 54.20 15.94
N HIS B 205 -8.31 54.04 17.14
CA HIS B 205 -6.98 53.42 17.31
C HIS B 205 -7.01 51.94 16.96
N ASN B 206 -7.95 51.24 17.61
CA ASN B 206 -8.31 49.89 17.25
C ASN B 206 -8.48 49.75 15.72
N TYR B 207 -9.37 50.57 15.15
CA TYR B 207 -9.64 50.58 13.69
C TYR B 207 -8.39 50.86 12.85
N ASP B 208 -7.50 51.71 13.36
CA ASP B 208 -6.21 51.94 12.70
C ASP B 208 -5.44 50.63 12.68
N LYS B 209 -5.26 50.02 13.85
CA LYS B 209 -4.53 48.74 13.91
C LYS B 209 -5.16 47.63 13.03
N LEU B 210 -6.48 47.54 13.04
CA LEU B 210 -7.20 46.57 12.20
C LEU B 210 -6.74 46.63 10.74
N LYS B 211 -7.02 47.74 10.05
CA LYS B 211 -6.73 47.83 8.62
C LYS B 211 -5.24 47.79 8.26
N SER B 212 -4.36 48.28 9.15
CA SER B 212 -2.91 48.20 8.91
C SER B 212 -2.38 46.78 9.14
N ARG B 213 -3.03 46.01 10.02
CA ARG B 213 -2.78 44.56 10.14
C ARG B 213 -3.25 43.84 8.85
N ILE B 214 -4.39 44.27 8.29
CA ILE B 214 -4.83 43.81 6.96
C ILE B 214 -3.76 44.11 5.93
N SER B 215 -3.23 45.32 5.97
CA SER B 215 -2.15 45.77 5.08
C SER B 215 -0.99 44.78 5.05
N GLU B 216 -0.56 44.34 6.24
CA GLU B 216 0.56 43.38 6.40
C GLU B 216 0.26 42.01 5.81
N ILE B 217 -0.99 41.54 5.98
CA ILE B 217 -1.43 40.25 5.45
C ILE B 217 -1.39 40.28 3.92
N ILE B 218 -1.98 41.32 3.34
CA ILE B 218 -2.10 41.40 1.90
C ILE B 218 -0.70 41.37 1.30
N ASP B 219 0.20 42.17 1.88
CA ASP B 219 1.62 42.16 1.48
C ASP B 219 2.31 40.81 1.69
N SER B 220 1.97 40.14 2.79
CA SER B 220 2.43 38.76 3.03
C SER B 220 1.96 37.77 1.95
N ARG B 221 0.70 37.92 1.48
CA ARG B 221 0.17 37.10 0.39
C ARG B 221 0.87 37.38 -0.93
N ARG B 222 0.94 38.65 -1.31
CA ARG B 222 1.67 39.05 -2.52
C ARG B 222 3.07 38.42 -2.56
N ARG B 223 3.76 38.48 -1.42
CA ARG B 223 5.12 37.96 -1.30
C ARG B 223 5.21 36.44 -1.45
N LEU B 224 4.11 35.75 -1.14
CA LEU B 224 3.97 34.34 -1.43
C LEU B 224 3.81 34.13 -2.93
N GLU B 225 2.87 34.88 -3.52
CA GLU B 225 2.55 34.78 -4.94
C GLU B 225 3.74 35.02 -5.86
N GLU B 226 4.59 35.98 -5.50
CA GLU B 226 5.83 36.18 -6.27
C GLU B 226 6.67 34.91 -6.29
N ASP B 227 6.84 34.29 -5.12
CA ASP B 227 7.66 33.08 -4.97
C ASP B 227 7.01 31.85 -5.58
N LEU B 228 5.68 31.88 -5.67
CA LEU B 228 4.92 30.84 -6.35
C LEU B 228 5.31 30.73 -7.81
N LYS B 229 5.43 31.88 -8.46
CA LYS B 229 5.83 31.92 -9.85
C LYS B 229 7.28 31.51 -10.02
N LYS B 230 8.16 31.97 -9.13
CA LYS B 230 9.58 31.55 -9.12
C LYS B 230 9.73 30.03 -8.95
N GLN B 231 8.93 29.45 -8.07
CA GLN B 231 8.85 27.99 -7.91
C GLN B 231 8.29 27.32 -9.14
N ALA B 232 7.20 27.90 -9.67
CA ALA B 232 6.52 27.38 -10.87
C ALA B 232 7.44 27.47 -12.11
N ALA B 233 8.30 28.48 -12.15
CA ALA B 233 9.35 28.57 -13.17
C ALA B 233 10.36 27.41 -13.04
N GLU B 234 11.01 27.30 -11.88
CA GLU B 234 11.94 26.19 -11.56
C GLU B 234 11.34 24.82 -11.83
N TYR B 235 10.03 24.67 -11.59
CA TYR B 235 9.23 23.46 -11.88
C TYR B 235 9.21 23.11 -13.36
N ARG B 236 8.99 24.13 -14.20
CA ARG B 236 9.10 23.99 -15.67
C ARG B 236 10.52 23.64 -16.10
N GLU B 237 11.51 24.22 -15.42
CA GLU B 237 12.91 23.87 -15.65
C GLU B 237 13.31 22.42 -15.29
N ILE B 238 12.76 21.87 -14.21
CA ILE B 238 13.02 20.48 -13.80
C ILE B 238 12.49 19.50 -14.85
N ASP B 239 11.25 19.73 -15.28
CA ASP B 239 10.61 18.91 -16.32
C ASP B 239 11.45 18.96 -17.60
N LYS B 240 11.70 20.19 -18.06
CA LYS B 240 12.49 20.49 -19.26
C LYS B 240 13.77 19.68 -19.39
N ARG B 241 14.58 19.66 -18.33
CA ARG B 241 15.85 18.90 -18.32
C ARG B 241 15.65 17.40 -18.18
N MET B 242 14.61 16.98 -17.46
CA MET B 242 14.22 15.56 -17.43
C MET B 242 13.95 15.01 -18.85
N ASN B 243 13.31 15.84 -19.68
CA ASN B 243 12.94 15.46 -21.05
C ASN B 243 14.12 15.40 -22.02
N SER B 244 15.23 16.02 -21.66
CA SER B 244 16.44 16.01 -22.47
C SER B 244 17.41 14.91 -22.03
N ILE B 245 17.50 14.66 -20.74
CA ILE B 245 18.22 13.50 -20.21
C ILE B 245 17.60 12.16 -20.67
N LYS B 246 16.27 12.07 -20.63
CA LYS B 246 15.52 10.83 -20.93
C LYS B 246 15.85 10.10 -22.26
N PRO B 247 15.82 10.80 -23.42
CA PRO B 247 16.15 10.14 -24.70
C PRO B 247 17.58 9.58 -24.75
N ASP B 248 18.51 10.33 -24.18
CA ASP B 248 19.91 9.95 -24.12
C ASP B 248 20.20 8.92 -23.03
N LEU B 249 19.34 8.84 -22.00
CA LEU B 249 19.36 7.73 -21.05
C LEU B 249 19.09 6.38 -21.76
N ILE B 250 18.04 6.32 -22.59
CA ILE B 250 17.63 5.07 -23.24
C ILE B 250 18.68 4.59 -24.25
N GLN B 251 19.25 5.51 -25.02
CA GLN B 251 20.28 5.16 -26.00
C GLN B 251 21.54 4.62 -25.35
N LEU B 252 22.00 5.31 -24.30
CA LEU B 252 23.11 4.86 -23.46
C LEU B 252 22.86 3.47 -22.91
N ARG B 253 21.63 3.24 -22.46
CA ARG B 253 21.21 1.94 -21.99
C ARG B 253 21.27 0.92 -23.13
N LYS B 254 20.74 1.30 -24.29
CA LYS B 254 20.64 0.38 -25.43
C LYS B 254 22.00 -0.05 -25.99
N THR B 255 22.92 0.90 -26.15
CA THR B 255 24.28 0.57 -26.60
C THR B 255 24.97 -0.37 -25.59
N ARG B 256 24.83 -0.04 -24.30
CA ARG B 256 25.38 -0.87 -23.20
C ARG B 256 24.85 -2.30 -23.20
N ASP B 257 23.61 -2.51 -23.63
CA ASP B 257 23.08 -3.87 -23.81
C ASP B 257 23.74 -4.56 -25.00
N GLN B 258 23.77 -3.91 -26.16
CA GLN B 258 24.36 -4.50 -27.38
C GLN B 258 25.87 -4.74 -27.24
N TYR B 259 26.56 -3.88 -26.50
CA TYR B 259 27.96 -4.14 -26.13
C TYR B 259 28.11 -5.40 -25.26
N LEU B 260 27.16 -5.60 -24.35
CA LEU B 260 27.10 -6.82 -23.53
C LEU B 260 26.55 -8.04 -24.29
N MET B 261 25.68 -7.82 -25.28
CA MET B 261 25.23 -8.88 -26.20
C MET B 261 26.42 -9.45 -26.96
N TRP B 262 27.15 -8.57 -27.65
CA TRP B 262 28.27 -8.95 -28.52
C TRP B 262 29.40 -9.73 -27.81
N LEU B 263 29.62 -9.45 -26.53
CA LEU B 263 30.65 -10.15 -25.72
C LEU B 263 30.26 -11.60 -25.40
N THR B 264 29.05 -11.76 -24.85
CA THR B 264 28.52 -13.08 -24.50
C THR B 264 28.35 -14.02 -25.72
N GLN B 265 28.47 -13.50 -26.96
CA GLN B 265 28.64 -14.34 -28.17
C GLN B 265 30.05 -14.95 -28.17
N LYS B 271 30.25 -14.25 -15.43
CA LYS B 271 30.94 -14.13 -14.15
C LYS B 271 32.04 -13.05 -14.17
N LYS B 272 32.80 -13.00 -15.27
CA LYS B 272 33.86 -11.96 -15.47
C LYS B 272 33.31 -10.53 -15.56
N LEU B 273 32.08 -10.41 -16.05
CA LEU B 273 31.43 -9.12 -16.31
C LEU B 273 31.25 -8.22 -15.06
N ASN B 274 31.03 -8.84 -13.89
CA ASN B 274 30.58 -8.11 -12.68
C ASN B 274 31.47 -6.97 -12.15
N GLU B 275 32.78 -7.02 -12.41
CA GLU B 275 33.68 -5.93 -11.97
C GLU B 275 33.49 -4.66 -12.83
N TRP B 276 33.28 -4.86 -14.13
CA TRP B 276 32.91 -3.78 -15.06
C TRP B 276 31.53 -3.19 -14.73
N LEU B 277 30.57 -4.07 -14.46
CA LEU B 277 29.22 -3.70 -14.03
C LEU B 277 29.16 -3.49 -12.52
#